data_5LC6
# 
_entry.id   5LC6 
# 
_audit_conform.dict_name       mmcif_pdbx.dic 
_audit_conform.dict_version    5.383 
_audit_conform.dict_location   http://mmcif.pdb.org/dictionaries/ascii/mmcif_pdbx.dic 
# 
loop_
_database_2.database_id 
_database_2.database_code 
_database_2.pdbx_database_accession 
_database_2.pdbx_DOI 
PDB   5LC6         pdb_00005lc6 10.2210/pdb5lc6/pdb 
WWPDB D_1200000498 ?            ?                   
# 
loop_
_pdbx_audit_revision_history.ordinal 
_pdbx_audit_revision_history.data_content_type 
_pdbx_audit_revision_history.major_revision 
_pdbx_audit_revision_history.minor_revision 
_pdbx_audit_revision_history.revision_date 
1 'Structure model' 1 0 2016-10-05 
2 'Structure model' 1 1 2019-10-16 
3 'Structure model' 1 2 2024-01-10 
# 
_pdbx_audit_revision_details.ordinal             1 
_pdbx_audit_revision_details.revision_ordinal    1 
_pdbx_audit_revision_details.data_content_type   'Structure model' 
_pdbx_audit_revision_details.provider            repository 
_pdbx_audit_revision_details.type                'Initial release' 
_pdbx_audit_revision_details.description         ? 
_pdbx_audit_revision_details.details             ? 
# 
loop_
_pdbx_audit_revision_group.ordinal 
_pdbx_audit_revision_group.revision_ordinal 
_pdbx_audit_revision_group.data_content_type 
_pdbx_audit_revision_group.group 
1 2 'Structure model' 'Data collection'        
2 3 'Structure model' 'Data collection'        
3 3 'Structure model' 'Database references'    
4 3 'Structure model' 'Refinement description' 
# 
loop_
_pdbx_audit_revision_category.ordinal 
_pdbx_audit_revision_category.revision_ordinal 
_pdbx_audit_revision_category.data_content_type 
_pdbx_audit_revision_category.category 
1 2 'Structure model' reflns_shell                  
2 3 'Structure model' chem_comp_atom                
3 3 'Structure model' chem_comp_bond                
4 3 'Structure model' database_2                    
5 3 'Structure model' pdbx_initial_refinement_model 
6 3 'Structure model' struct_ncs_dom_lim            
# 
loop_
_pdbx_audit_revision_item.ordinal 
_pdbx_audit_revision_item.revision_ordinal 
_pdbx_audit_revision_item.data_content_type 
_pdbx_audit_revision_item.item 
1  3 'Structure model' '_database_2.pdbx_DOI'                  
2  3 'Structure model' '_database_2.pdbx_database_accession'   
3  3 'Structure model' '_struct_ncs_dom_lim.beg_auth_comp_id'  
4  3 'Structure model' '_struct_ncs_dom_lim.beg_label_asym_id' 
5  3 'Structure model' '_struct_ncs_dom_lim.beg_label_comp_id' 
6  3 'Structure model' '_struct_ncs_dom_lim.beg_label_seq_id'  
7  3 'Structure model' '_struct_ncs_dom_lim.end_auth_comp_id'  
8  3 'Structure model' '_struct_ncs_dom_lim.end_label_asym_id' 
9  3 'Structure model' '_struct_ncs_dom_lim.end_label_comp_id' 
10 3 'Structure model' '_struct_ncs_dom_lim.end_label_seq_id'  
# 
_pdbx_database_status.status_code                     REL 
_pdbx_database_status.status_code_sf                  REL 
_pdbx_database_status.status_code_mr                  ? 
_pdbx_database_status.entry_id                        5LC6 
_pdbx_database_status.recvd_initial_deposition_date   2016-06-19 
_pdbx_database_status.SG_entry                        N 
_pdbx_database_status.deposit_site                    PDBE 
_pdbx_database_status.process_site                    PDBE 
_pdbx_database_status.status_code_cs                  ? 
_pdbx_database_status.methods_development_category    ? 
_pdbx_database_status.pdb_format_compatible           Y 
_pdbx_database_status.status_code_nmr_data            ? 
# 
loop_
_audit_author.name 
_audit_author.pdbx_ordinal 
'Pica, A.'    1 
'Merlino, A.' 2 
# 
_citation.abstract                  ? 
_citation.abstract_id_CAS           ? 
_citation.book_id_ISBN              ? 
_citation.book_publisher            ? 
_citation.book_publisher_city       ? 
_citation.book_title                ? 
_citation.coordinate_linkage        ? 
_citation.country                   UK 
_citation.database_id_Medline       ? 
_citation.details                   ? 
_citation.id                        primary 
_citation.journal_abbrev            'Sci Rep' 
_citation.journal_id_ASTM           ? 
_citation.journal_id_CSD            ? 
_citation.journal_id_ISSN           2045-2322 
_citation.journal_full              ? 
_citation.journal_issue             ? 
_citation.journal_volume            6 
_citation.language                  ? 
_citation.page_first                34045 
_citation.page_last                 34045 
_citation.title                     
'Sweeter and stronger: enhancing sweetness and stability of the single chain monellin MNEI through molecular design.' 
_citation.year                      2016 
_citation.database_id_CSD           ? 
_citation.pdbx_database_id_DOI      10.1038/srep34045 
_citation.pdbx_database_id_PubMed   27658853 
_citation.unpublished_flag          ? 
# 
loop_
_citation_author.citation_id 
_citation_author.name 
_citation_author.ordinal 
_citation_author.identifier_ORCID 
primary 'Leone, S.'     1 ? 
primary 'Pica, A.'      2 ? 
primary 'Merlino, A.'   3 ? 
primary 'Sannino, F.'   4 ? 
primary 'Temussi, P.A.' 5 ? 
primary 'Picone, D.'    6 ? 
# 
loop_
_entity.id 
_entity.type 
_entity.src_method 
_entity.pdbx_description 
_entity.formula_weight 
_entity.pdbx_number_of_molecules 
_entity.pdbx_ec 
_entity.pdbx_mutation 
_entity.pdbx_fragment 
_entity.details 
1 polymer     man 'Monellin chain B,Monellin chain A' 11266.857 2   ? ? ? ? 
2 non-polymer syn 'SULFATE ION'                       96.063    4   ? ? ? ? 
3 water       nat water                               18.015    119 ? ? ? ? 
# 
_entity_name_com.entity_id   1 
_entity_name_com.name        'Monellin chain II,Monellin chain I' 
# 
_entity_poly.entity_id                      1 
_entity_poly.type                           'polypeptide(L)' 
_entity_poly.nstd_linkage                   no 
_entity_poly.nstd_monomer                   no 
_entity_poly.pdbx_seq_one_letter_code       
;GEWEIIDIGPFTQNLGKFAVDEENKIGKYGRLTFNKVIRPSMKKTIYENEGFREIKGYEYQLYVRASDKLFRADISEDYK
TRGRKLLRFNGPVPPP
;
_entity_poly.pdbx_seq_one_letter_code_can   
;GEWEIIDIGPFTQNLGKFAVDEENKIGKYGRLTFNKVIRPSMKKTIYENEGFREIKGYEYQLYVRASDKLFRADISEDYK
TRGRKLLRFNGPVPPP
;
_entity_poly.pdbx_strand_id                 A,B 
_entity_poly.pdbx_target_identifier         ? 
# 
loop_
_pdbx_entity_nonpoly.entity_id 
_pdbx_entity_nonpoly.name 
_pdbx_entity_nonpoly.comp_id 
2 'SULFATE ION' SO4 
3 water         HOH 
# 
loop_
_entity_poly_seq.entity_id 
_entity_poly_seq.num 
_entity_poly_seq.mon_id 
_entity_poly_seq.hetero 
1 1  GLY n 
1 2  GLU n 
1 3  TRP n 
1 4  GLU n 
1 5  ILE n 
1 6  ILE n 
1 7  ASP n 
1 8  ILE n 
1 9  GLY n 
1 10 PRO n 
1 11 PHE n 
1 12 THR n 
1 13 GLN n 
1 14 ASN n 
1 15 LEU n 
1 16 GLY n 
1 17 LYS n 
1 18 PHE n 
1 19 ALA n 
1 20 VAL n 
1 21 ASP n 
1 22 GLU n 
1 23 GLU n 
1 24 ASN n 
1 25 LYS n 
1 26 ILE n 
1 27 GLY n 
1 28 LYS n 
1 29 TYR n 
1 30 GLY n 
1 31 ARG n 
1 32 LEU n 
1 33 THR n 
1 34 PHE n 
1 35 ASN n 
1 36 LYS n 
1 37 VAL n 
1 38 ILE n 
1 39 ARG n 
1 40 PRO n 
1 41 SER n 
1 42 MET n 
1 43 LYS n 
1 44 LYS n 
1 45 THR n 
1 46 ILE n 
1 47 TYR n 
1 48 GLU n 
1 49 ASN n 
1 50 GLU n 
1 51 GLY n 
1 52 PHE n 
1 53 ARG n 
1 54 GLU n 
1 55 ILE n 
1 56 LYS n 
1 57 GLY n 
1 58 TYR n 
1 59 GLU n 
1 60 TYR n 
1 61 GLN n 
1 62 LEU n 
1 63 TYR n 
1 64 VAL n 
1 65 ARG n 
1 66 ALA n 
1 67 SER n 
1 68 ASP n 
1 69 LYS n 
1 70 LEU n 
1 71 PHE n 
1 72 ARG n 
1 73 ALA n 
1 74 ASP n 
1 75 ILE n 
1 76 SER n 
1 77 GLU n 
1 78 ASP n 
1 79 TYR n 
1 80 LYS n 
1 81 THR n 
1 82 ARG n 
1 83 GLY n 
1 84 ARG n 
1 85 LYS n 
1 86 LEU n 
1 87 LEU n 
1 88 ARG n 
1 89 PHE n 
1 90 ASN n 
1 91 GLY n 
1 92 PRO n 
1 93 VAL n 
1 94 PRO n 
1 95 PRO n 
1 96 PRO n 
# 
loop_
_entity_src_gen.entity_id 
_entity_src_gen.pdbx_src_id 
_entity_src_gen.pdbx_alt_source_flag 
_entity_src_gen.pdbx_seq_type 
_entity_src_gen.pdbx_beg_seq_num 
_entity_src_gen.pdbx_end_seq_num 
_entity_src_gen.gene_src_common_name 
_entity_src_gen.gene_src_genus 
_entity_src_gen.pdbx_gene_src_gene 
_entity_src_gen.gene_src_species 
_entity_src_gen.gene_src_strain 
_entity_src_gen.gene_src_tissue 
_entity_src_gen.gene_src_tissue_fraction 
_entity_src_gen.gene_src_details 
_entity_src_gen.pdbx_gene_src_fragment 
_entity_src_gen.pdbx_gene_src_scientific_name 
_entity_src_gen.pdbx_gene_src_ncbi_taxonomy_id 
_entity_src_gen.pdbx_gene_src_variant 
_entity_src_gen.pdbx_gene_src_cell_line 
_entity_src_gen.pdbx_gene_src_atcc 
_entity_src_gen.pdbx_gene_src_organ 
_entity_src_gen.pdbx_gene_src_organelle 
_entity_src_gen.pdbx_gene_src_cell 
_entity_src_gen.pdbx_gene_src_cellular_location 
_entity_src_gen.host_org_common_name 
_entity_src_gen.pdbx_host_org_scientific_name 
_entity_src_gen.pdbx_host_org_ncbi_taxonomy_id 
_entity_src_gen.host_org_genus 
_entity_src_gen.pdbx_host_org_gene 
_entity_src_gen.pdbx_host_org_organ 
_entity_src_gen.host_org_species 
_entity_src_gen.pdbx_host_org_tissue 
_entity_src_gen.pdbx_host_org_tissue_fraction 
_entity_src_gen.pdbx_host_org_strain 
_entity_src_gen.pdbx_host_org_variant 
_entity_src_gen.pdbx_host_org_cell_line 
_entity_src_gen.pdbx_host_org_atcc 
_entity_src_gen.pdbx_host_org_culture_collection 
_entity_src_gen.pdbx_host_org_cell 
_entity_src_gen.pdbx_host_org_organelle 
_entity_src_gen.pdbx_host_org_cellular_location 
_entity_src_gen.pdbx_host_org_vector_type 
_entity_src_gen.pdbx_host_org_vector 
_entity_src_gen.host_org_details 
_entity_src_gen.expression_system_id 
_entity_src_gen.plasmid_name 
_entity_src_gen.plasmid_details 
_entity_src_gen.pdbx_description 
1 1 sample 'Biological sequence' 1  49 'Serendipity berry' ? ? ? ? ? ? ? ? 'Dioscoreophyllum cumminsii' 3457 ? ? ? ? ? ? ? ? 
;Escherichia coli 'BL21-Gold(DE3)pLysS AG'
;
866768 ? ? ? ? ? ? ? ? ? ? ? ? ? ? ? ? ? ? ? ? ? 
1 2 sample 'Biological sequence' 49 96 'Serendipity berry' ? ? ? ? ? ? ? ? 'Dioscoreophyllum cumminsii' 3457 ? ? ? ? ? ? ? ? 
;Escherichia coli 'BL21-Gold(DE3)pLysS AG'
;
866768 ? ? ? ? ? ? ? ? ? ? ? ? ? ? ? ? ? ? ? ? ? 
# 
loop_
_chem_comp.id 
_chem_comp.type 
_chem_comp.mon_nstd_flag 
_chem_comp.name 
_chem_comp.pdbx_synonyms 
_chem_comp.formula 
_chem_comp.formula_weight 
ALA 'L-peptide linking' y ALANINE         ? 'C3 H7 N O2'     89.093  
ARG 'L-peptide linking' y ARGININE        ? 'C6 H15 N4 O2 1' 175.209 
ASN 'L-peptide linking' y ASPARAGINE      ? 'C4 H8 N2 O3'    132.118 
ASP 'L-peptide linking' y 'ASPARTIC ACID' ? 'C4 H7 N O4'     133.103 
CYS 'L-peptide linking' y CYSTEINE        ? 'C3 H7 N O2 S'   121.158 
GLN 'L-peptide linking' y GLUTAMINE       ? 'C5 H10 N2 O3'   146.144 
GLU 'L-peptide linking' y 'GLUTAMIC ACID' ? 'C5 H9 N O4'     147.129 
GLY 'peptide linking'   y GLYCINE         ? 'C2 H5 N O2'     75.067  
HOH non-polymer         . WATER           ? 'H2 O'           18.015  
ILE 'L-peptide linking' y ISOLEUCINE      ? 'C6 H13 N O2'    131.173 
LEU 'L-peptide linking' y LEUCINE         ? 'C6 H13 N O2'    131.173 
LYS 'L-peptide linking' y LYSINE          ? 'C6 H15 N2 O2 1' 147.195 
MET 'L-peptide linking' y METHIONINE      ? 'C5 H11 N O2 S'  149.211 
PHE 'L-peptide linking' y PHENYLALANINE   ? 'C9 H11 N O2'    165.189 
PRO 'L-peptide linking' y PROLINE         ? 'C5 H9 N O2'     115.130 
SER 'L-peptide linking' y SERINE          ? 'C3 H7 N O3'     105.093 
SO4 non-polymer         . 'SULFATE ION'   ? 'O4 S -2'        96.063  
THR 'L-peptide linking' y THREONINE       ? 'C4 H9 N O3'     119.119 
TRP 'L-peptide linking' y TRYPTOPHAN      ? 'C11 H12 N2 O2'  204.225 
TYR 'L-peptide linking' y TYROSINE        ? 'C9 H11 N O3'    181.189 
VAL 'L-peptide linking' y VALINE          ? 'C5 H11 N O2'    117.146 
# 
loop_
_pdbx_poly_seq_scheme.asym_id 
_pdbx_poly_seq_scheme.entity_id 
_pdbx_poly_seq_scheme.seq_id 
_pdbx_poly_seq_scheme.mon_id 
_pdbx_poly_seq_scheme.ndb_seq_num 
_pdbx_poly_seq_scheme.pdb_seq_num 
_pdbx_poly_seq_scheme.auth_seq_num 
_pdbx_poly_seq_scheme.pdb_mon_id 
_pdbx_poly_seq_scheme.auth_mon_id 
_pdbx_poly_seq_scheme.pdb_strand_id 
_pdbx_poly_seq_scheme.pdb_ins_code 
_pdbx_poly_seq_scheme.hetero 
A 1 1  GLY 1  1  1  GLY GLY A . n 
A 1 2  GLU 2  2  2  GLU GLU A . n 
A 1 3  TRP 3  3  3  TRP TRP A . n 
A 1 4  GLU 4  4  4  GLU GLU A . n 
A 1 5  ILE 5  5  5  ILE ILE A . n 
A 1 6  ILE 6  6  6  ILE ILE A . n 
A 1 7  ASP 7  7  7  ASP ASP A . n 
A 1 8  ILE 8  8  8  ILE ILE A . n 
A 1 9  GLY 9  9  9  GLY GLY A . n 
A 1 10 PRO 10 10 10 PRO PRO A . n 
A 1 11 PHE 11 11 11 PHE PHE A . n 
A 1 12 THR 12 12 12 THR THR A . n 
A 1 13 GLN 13 13 13 GLN GLN A . n 
A 1 14 ASN 14 14 14 ASN ASN A . n 
A 1 15 LEU 15 15 15 LEU LEU A . n 
A 1 16 GLY 16 16 16 GLY GLY A . n 
A 1 17 LYS 17 17 17 LYS LYS A . n 
A 1 18 PHE 18 18 18 PHE PHE A . n 
A 1 19 ALA 19 19 19 ALA ALA A . n 
A 1 20 VAL 20 20 20 VAL VAL A . n 
A 1 21 ASP 21 21 21 ASP ASP A . n 
A 1 22 GLU 22 22 22 GLU GLU A . n 
A 1 23 GLU 23 23 23 GLU GLU A . n 
A 1 24 ASN 24 24 24 ASN ASN A . n 
A 1 25 LYS 25 25 25 LYS LYS A . n 
A 1 26 ILE 26 26 26 ILE ILE A . n 
A 1 27 GLY 27 27 27 GLY GLY A . n 
A 1 28 LYS 28 28 28 LYS LYS A . n 
A 1 29 TYR 29 29 29 TYR TYR A . n 
A 1 30 GLY 30 30 30 GLY GLY A . n 
A 1 31 ARG 31 31 31 ARG ARG A . n 
A 1 32 LEU 32 32 32 LEU LEU A . n 
A 1 33 THR 33 33 33 THR THR A . n 
A 1 34 PHE 34 34 34 PHE PHE A . n 
A 1 35 ASN 35 35 35 ASN ASN A . n 
A 1 36 LYS 36 36 36 LYS LYS A . n 
A 1 37 VAL 37 37 37 VAL VAL A . n 
A 1 38 ILE 38 38 38 ILE ILE A . n 
A 1 39 ARG 39 39 39 ARG ARG A . n 
A 1 40 PRO 40 40 40 PRO PRO A . n 
A 1 41 SER 41 41 41 SER SER A . n 
A 1 42 MET 42 42 42 MET MET A . n 
A 1 43 LYS 43 43 43 LYS LYS A . n 
A 1 44 LYS 44 44 44 LYS LYS A . n 
A 1 45 THR 45 45 45 THR THR A . n 
A 1 46 ILE 46 46 46 ILE ILE A . n 
A 1 47 TYR 47 47 47 TYR TYR A . n 
A 1 48 GLU 48 48 48 GLU GLU A . n 
A 1 49 ASN 49 49 49 ASN ASN A . n 
A 1 50 GLU 50 50 ?  ?   ?   A . n 
A 1 51 GLY 51 51 ?  ?   ?   A . n 
A 1 52 PHE 52 52 ?  ?   ?   A . n 
A 1 53 ARG 53 53 ?  ?   ?   A . n 
A 1 54 GLU 54 54 54 GLU GLU A . n 
A 1 55 ILE 55 55 55 ILE ILE A . n 
A 1 56 LYS 56 56 56 LYS LYS A . n 
A 1 57 GLY 57 57 57 GLY GLY A . n 
A 1 58 TYR 58 58 58 TYR TYR A . n 
A 1 59 GLU 59 59 59 GLU GLU A . n 
A 1 60 TYR 60 60 60 TYR TYR A . n 
A 1 61 GLN 61 61 61 GLN GLN A . n 
A 1 62 LEU 62 62 62 LEU LEU A . n 
A 1 63 TYR 63 63 63 TYR TYR A . n 
A 1 64 VAL 64 64 64 VAL VAL A . n 
A 1 65 ARG 65 65 65 ARG ARG A . n 
A 1 66 ALA 66 66 66 ALA ALA A . n 
A 1 67 SER 67 67 67 SER SER A . n 
A 1 68 ASP 68 68 68 ASP ASP A . n 
A 1 69 LYS 69 69 69 LYS LYS A . n 
A 1 70 LEU 70 70 70 LEU LEU A . n 
A 1 71 PHE 71 71 71 PHE PHE A . n 
A 1 72 ARG 72 72 72 ARG ARG A . n 
A 1 73 ALA 73 73 73 ALA ALA A . n 
A 1 74 ASP 74 74 74 ASP ASP A . n 
A 1 75 ILE 75 75 75 ILE ILE A . n 
A 1 76 SER 76 76 76 SER SER A . n 
A 1 77 GLU 77 77 77 GLU GLU A . n 
A 1 78 ASP 78 78 78 ASP ASP A . n 
A 1 79 TYR 79 79 79 TYR TYR A . n 
A 1 80 LYS 80 80 80 LYS LYS A . n 
A 1 81 THR 81 81 81 THR THR A . n 
A 1 82 ARG 82 82 82 ARG ARG A . n 
A 1 83 GLY 83 83 83 GLY GLY A . n 
A 1 84 ARG 84 84 84 ARG ARG A . n 
A 1 85 LYS 85 85 85 LYS LYS A . n 
A 1 86 LEU 86 86 86 LEU LEU A . n 
A 1 87 LEU 87 87 87 LEU LEU A . n 
A 1 88 ARG 88 88 88 ARG ARG A . n 
A 1 89 PHE 89 89 89 PHE PHE A . n 
A 1 90 ASN 90 90 90 ASN ASN A . n 
A 1 91 GLY 91 91 91 GLY GLY A . n 
A 1 92 PRO 92 92 92 PRO PRO A . n 
A 1 93 VAL 93 93 93 VAL VAL A . n 
A 1 94 PRO 94 94 94 PRO PRO A . n 
A 1 95 PRO 95 95 95 PRO PRO A . n 
A 1 96 PRO 96 96 96 PRO PRO A . n 
B 1 1  GLY 1  1  1  GLY GLY B . n 
B 1 2  GLU 2  2  2  GLU GLU B . n 
B 1 3  TRP 3  3  3  TRP TRP B . n 
B 1 4  GLU 4  4  4  GLU GLU B . n 
B 1 5  ILE 5  5  5  ILE ILE B . n 
B 1 6  ILE 6  6  6  ILE ILE B . n 
B 1 7  ASP 7  7  7  ASP ASP B . n 
B 1 8  ILE 8  8  8  ILE ILE B . n 
B 1 9  GLY 9  9  9  GLY GLY B . n 
B 1 10 PRO 10 10 10 PRO PRO B . n 
B 1 11 PHE 11 11 11 PHE PHE B . n 
B 1 12 THR 12 12 12 THR THR B . n 
B 1 13 GLN 13 13 13 GLN GLN B . n 
B 1 14 ASN 14 14 14 ASN ASN B . n 
B 1 15 LEU 15 15 15 LEU LEU B . n 
B 1 16 GLY 16 16 16 GLY GLY B . n 
B 1 17 LYS 17 17 17 LYS LYS B . n 
B 1 18 PHE 18 18 18 PHE PHE B . n 
B 1 19 ALA 19 19 19 ALA ALA B . n 
B 1 20 VAL 20 20 20 VAL VAL B . n 
B 1 21 ASP 21 21 21 ASP ASP B . n 
B 1 22 GLU 22 22 22 GLU GLU B . n 
B 1 23 GLU 23 23 23 GLU GLU B . n 
B 1 24 ASN 24 24 24 ASN ASN B . n 
B 1 25 LYS 25 25 25 LYS LYS B . n 
B 1 26 ILE 26 26 26 ILE ILE B . n 
B 1 27 GLY 27 27 27 GLY GLY B . n 
B 1 28 LYS 28 28 28 LYS LYS B . n 
B 1 29 TYR 29 29 29 TYR TYR B . n 
B 1 30 GLY 30 30 30 GLY GLY B . n 
B 1 31 ARG 31 31 31 ARG ARG B . n 
B 1 32 LEU 32 32 32 LEU LEU B . n 
B 1 33 THR 33 33 33 THR THR B . n 
B 1 34 PHE 34 34 34 PHE PHE B . n 
B 1 35 ASN 35 35 35 ASN ASN B . n 
B 1 36 LYS 36 36 36 LYS LYS B . n 
B 1 37 VAL 37 37 37 VAL VAL B . n 
B 1 38 ILE 38 38 38 ILE ILE B . n 
B 1 39 ARG 39 39 39 ARG ARG B . n 
B 1 40 PRO 40 40 40 PRO PRO B . n 
B 1 41 SER 41 41 41 SER SER B . n 
B 1 42 MET 42 42 42 MET MET B . n 
B 1 43 LYS 43 43 43 LYS LYS B . n 
B 1 44 LYS 44 44 44 LYS LYS B . n 
B 1 45 THR 45 45 45 THR THR B . n 
B 1 46 ILE 46 46 46 ILE ILE B . n 
B 1 47 TYR 47 47 47 TYR TYR B . n 
B 1 48 GLU 48 48 ?  ?   ?   B . n 
B 1 49 ASN 49 49 ?  ?   ?   B . n 
B 1 50 GLU 50 50 ?  ?   ?   B . n 
B 1 51 GLY 51 51 ?  ?   ?   B . n 
B 1 52 PHE 52 52 ?  ?   ?   B . n 
B 1 53 ARG 53 53 ?  ?   ?   B . n 
B 1 54 GLU 54 54 54 GLU GLU B . n 
B 1 55 ILE 55 55 55 ILE ILE B . n 
B 1 56 LYS 56 56 56 LYS LYS B . n 
B 1 57 GLY 57 57 57 GLY GLY B . n 
B 1 58 TYR 58 58 58 TYR TYR B . n 
B 1 59 GLU 59 59 59 GLU GLU B . n 
B 1 60 TYR 60 60 60 TYR TYR B . n 
B 1 61 GLN 61 61 61 GLN GLN B . n 
B 1 62 LEU 62 62 62 LEU LEU B . n 
B 1 63 TYR 63 63 63 TYR TYR B . n 
B 1 64 VAL 64 64 64 VAL VAL B . n 
B 1 65 ARG 65 65 65 ARG ARG B . n 
B 1 66 ALA 66 66 66 ALA ALA B . n 
B 1 67 SER 67 67 67 SER SER B . n 
B 1 68 ASP 68 68 68 ASP ASP B . n 
B 1 69 LYS 69 69 69 LYS LYS B . n 
B 1 70 LEU 70 70 70 LEU LEU B . n 
B 1 71 PHE 71 71 71 PHE PHE B . n 
B 1 72 ARG 72 72 72 ARG ARG B . n 
B 1 73 ALA 73 73 73 ALA ALA B . n 
B 1 74 ASP 74 74 74 ASP ASP B . n 
B 1 75 ILE 75 75 75 ILE ILE B . n 
B 1 76 SER 76 76 76 SER SER B . n 
B 1 77 GLU 77 77 77 GLU GLU B . n 
B 1 78 ASP 78 78 78 ASP ASP B . n 
B 1 79 TYR 79 79 79 TYR TYR B . n 
B 1 80 LYS 80 80 80 LYS LYS B . n 
B 1 81 THR 81 81 81 THR THR B . n 
B 1 82 ARG 82 82 82 ARG ARG B . n 
B 1 83 GLY 83 83 83 GLY GLY B . n 
B 1 84 ARG 84 84 84 ARG ARG B . n 
B 1 85 LYS 85 85 85 LYS LYS B . n 
B 1 86 LEU 86 86 86 LEU LEU B . n 
B 1 87 LEU 87 87 87 LEU LEU B . n 
B 1 88 ARG 88 88 88 ARG ARG B . n 
B 1 89 PHE 89 89 89 PHE PHE B . n 
B 1 90 ASN 90 90 90 ASN ASN B . n 
B 1 91 GLY 91 91 91 GLY GLY B . n 
B 1 92 PRO 92 92 92 PRO PRO B . n 
B 1 93 VAL 93 93 93 VAL VAL B . n 
B 1 94 PRO 94 94 94 PRO PRO B . n 
B 1 95 PRO 95 95 95 PRO PRO B . n 
B 1 96 PRO 96 96 96 PRO PRO B . n 
# 
loop_
_pdbx_nonpoly_scheme.asym_id 
_pdbx_nonpoly_scheme.entity_id 
_pdbx_nonpoly_scheme.mon_id 
_pdbx_nonpoly_scheme.ndb_seq_num 
_pdbx_nonpoly_scheme.pdb_seq_num 
_pdbx_nonpoly_scheme.auth_seq_num 
_pdbx_nonpoly_scheme.pdb_mon_id 
_pdbx_nonpoly_scheme.auth_mon_id 
_pdbx_nonpoly_scheme.pdb_strand_id 
_pdbx_nonpoly_scheme.pdb_ins_code 
C 2 SO4 1  101 1   SO4 SO4 A . 
D 2 SO4 1  102 2   SO4 SO4 A . 
E 2 SO4 1  103 3   SO4 SO4 A . 
F 2 SO4 1  104 4   SO4 SO4 A . 
G 3 HOH 1  201 126 HOH HOH A . 
G 3 HOH 2  202 146 HOH HOH A . 
G 3 HOH 3  203 88  HOH HOH A . 
G 3 HOH 4  204 93  HOH HOH A . 
G 3 HOH 5  205 66  HOH HOH A . 
G 3 HOH 6  206 37  HOH HOH A . 
G 3 HOH 7  207 123 HOH HOH A . 
G 3 HOH 8  208 81  HOH HOH A . 
G 3 HOH 9  209 79  HOH HOH A . 
G 3 HOH 10 210 12  HOH HOH A . 
G 3 HOH 11 211 135 HOH HOH A . 
G 3 HOH 12 212 1   HOH HOH A . 
G 3 HOH 13 213 7   HOH HOH A . 
G 3 HOH 14 214 46  HOH HOH A . 
G 3 HOH 15 215 2   HOH HOH A . 
G 3 HOH 16 216 62  HOH HOH A . 
G 3 HOH 17 217 107 HOH HOH A . 
G 3 HOH 18 218 133 HOH HOH A . 
G 3 HOH 19 219 119 HOH HOH A . 
G 3 HOH 20 220 11  HOH HOH A . 
G 3 HOH 21 221 89  HOH HOH A . 
G 3 HOH 22 222 128 HOH HOH A . 
G 3 HOH 23 223 132 HOH HOH A . 
G 3 HOH 24 224 13  HOH HOH A . 
G 3 HOH 25 225 15  HOH HOH A . 
G 3 HOH 26 226 80  HOH HOH A . 
G 3 HOH 27 227 6   HOH HOH A . 
G 3 HOH 28 228 4   HOH HOH A . 
G 3 HOH 29 229 55  HOH HOH A . 
G 3 HOH 30 230 58  HOH HOH A . 
G 3 HOH 31 231 63  HOH HOH A . 
G 3 HOH 32 232 125 HOH HOH A . 
G 3 HOH 33 233 16  HOH HOH A . 
G 3 HOH 34 234 77  HOH HOH A . 
G 3 HOH 35 235 9   HOH HOH A . 
G 3 HOH 36 236 112 HOH HOH A . 
G 3 HOH 37 237 70  HOH HOH A . 
G 3 HOH 38 238 103 HOH HOH A . 
G 3 HOH 39 239 68  HOH HOH A . 
G 3 HOH 40 240 65  HOH HOH A . 
G 3 HOH 41 241 22  HOH HOH A . 
G 3 HOH 42 242 59  HOH HOH A . 
G 3 HOH 43 243 64  HOH HOH A . 
G 3 HOH 44 244 83  HOH HOH A . 
G 3 HOH 45 245 104 HOH HOH A . 
G 3 HOH 46 246 20  HOH HOH A . 
G 3 HOH 47 247 75  HOH HOH A . 
G 3 HOH 48 248 92  HOH HOH A . 
G 3 HOH 49 249 54  HOH HOH A . 
G 3 HOH 50 250 10  HOH HOH A . 
G 3 HOH 51 251 47  HOH HOH A . 
G 3 HOH 52 252 96  HOH HOH A . 
G 3 HOH 53 253 19  HOH HOH A . 
G 3 HOH 54 254 110 HOH HOH A . 
G 3 HOH 55 255 122 HOH HOH A . 
G 3 HOH 56 256 60  HOH HOH A . 
G 3 HOH 57 257 116 HOH HOH A . 
G 3 HOH 58 258 97  HOH HOH A . 
G 3 HOH 59 259 74  HOH HOH A . 
G 3 HOH 60 260 141 HOH HOH A . 
G 3 HOH 61 261 124 HOH HOH A . 
G 3 HOH 62 262 67  HOH HOH A . 
G 3 HOH 63 263 39  HOH HOH A . 
G 3 HOH 64 264 152 HOH HOH A . 
G 3 HOH 65 265 145 HOH HOH A . 
G 3 HOH 66 266 150 HOH HOH A . 
G 3 HOH 67 267 147 HOH HOH A . 
G 3 HOH 68 268 14  HOH HOH A . 
G 3 HOH 69 269 121 HOH HOH A . 
G 3 HOH 70 270 120 HOH HOH A . 
G 3 HOH 71 271 18  HOH HOH A . 
G 3 HOH 72 272 48  HOH HOH A . 
H 3 HOH 1  101 143 HOH HOH B . 
H 3 HOH 2  102 17  HOH HOH B . 
H 3 HOH 3  103 73  HOH HOH B . 
H 3 HOH 4  104 40  HOH HOH B . 
H 3 HOH 5  105 56  HOH HOH B . 
H 3 HOH 6  106 44  HOH HOH B . 
H 3 HOH 7  107 25  HOH HOH B . 
H 3 HOH 8  108 32  HOH HOH B . 
H 3 HOH 9  109 28  HOH HOH B . 
H 3 HOH 10 110 69  HOH HOH B . 
H 3 HOH 11 111 87  HOH HOH B . 
H 3 HOH 12 112 127 HOH HOH B . 
H 3 HOH 13 113 8   HOH HOH B . 
H 3 HOH 14 114 84  HOH HOH B . 
H 3 HOH 15 115 23  HOH HOH B . 
H 3 HOH 16 116 76  HOH HOH B . 
H 3 HOH 17 117 26  HOH HOH B . 
H 3 HOH 18 118 108 HOH HOH B . 
H 3 HOH 19 119 86  HOH HOH B . 
H 3 HOH 20 120 72  HOH HOH B . 
H 3 HOH 21 121 29  HOH HOH B . 
H 3 HOH 22 122 27  HOH HOH B . 
H 3 HOH 23 123 78  HOH HOH B . 
H 3 HOH 24 124 138 HOH HOH B . 
H 3 HOH 25 125 30  HOH HOH B . 
H 3 HOH 26 126 131 HOH HOH B . 
H 3 HOH 27 127 24  HOH HOH B . 
H 3 HOH 28 128 100 HOH HOH B . 
H 3 HOH 29 129 31  HOH HOH B . 
H 3 HOH 30 130 102 HOH HOH B . 
H 3 HOH 31 131 71  HOH HOH B . 
H 3 HOH 32 132 149 HOH HOH B . 
H 3 HOH 33 133 106 HOH HOH B . 
H 3 HOH 34 134 3   HOH HOH B . 
H 3 HOH 35 135 115 HOH HOH B . 
H 3 HOH 36 136 151 HOH HOH B . 
H 3 HOH 37 137 136 HOH HOH B . 
H 3 HOH 38 138 99  HOH HOH B . 
H 3 HOH 39 139 140 HOH HOH B . 
H 3 HOH 40 140 45  HOH HOH B . 
H 3 HOH 41 141 82  HOH HOH B . 
H 3 HOH 42 142 148 HOH HOH B . 
H 3 HOH 43 143 33  HOH HOH B . 
H 3 HOH 44 144 52  HOH HOH B . 
H 3 HOH 45 145 142 HOH HOH B . 
H 3 HOH 46 146 144 HOH HOH B . 
H 3 HOH 47 147 139 HOH HOH B . 
# 
loop_
_software.citation_id 
_software.classification 
_software.compiler_name 
_software.compiler_version 
_software.contact_author 
_software.contact_author_email 
_software.date 
_software.description 
_software.dependencies 
_software.hardware 
_software.language 
_software.location 
_software.mods 
_software.name 
_software.os 
_software.os_version 
_software.type 
_software.version 
_software.pdbx_ordinal 
? refinement       ? ? ? ? ? ? ? ? ? ? ? REFMAC ? ? ? 5.8.0135 1 
? 'data reduction' ? ? ? ? ? ? ? ? ? ? ? XDS    ? ? ? .        2 
? 'data scaling'   ? ? ? ? ? ? ? ? ? ? ? SCALA  ? ? ? .        3 
? phasing          ? ? ? ? ? ? ? ? ? ? ? PHASER ? ? ? .        4 
# 
_cell.angle_alpha                  90.00 
_cell.angle_alpha_esd              ? 
_cell.angle_beta                   106.17 
_cell.angle_beta_esd               ? 
_cell.angle_gamma                  90.00 
_cell.angle_gamma_esd              ? 
_cell.entry_id                     5LC6 
_cell.details                      ? 
_cell.formula_units_Z              ? 
_cell.length_a                     129.300 
_cell.length_a_esd                 ? 
_cell.length_b                     30.990 
_cell.length_b_esd                 ? 
_cell.length_c                     45.500 
_cell.length_c_esd                 ? 
_cell.volume                       ? 
_cell.volume_esd                   ? 
_cell.Z_PDB                        8 
_cell.reciprocal_angle_alpha       ? 
_cell.reciprocal_angle_beta        ? 
_cell.reciprocal_angle_gamma       ? 
_cell.reciprocal_angle_alpha_esd   ? 
_cell.reciprocal_angle_beta_esd    ? 
_cell.reciprocal_angle_gamma_esd   ? 
_cell.reciprocal_length_a          ? 
_cell.reciprocal_length_b          ? 
_cell.reciprocal_length_c          ? 
_cell.reciprocal_length_a_esd      ? 
_cell.reciprocal_length_b_esd      ? 
_cell.reciprocal_length_c_esd      ? 
_cell.pdbx_unique_axis             ? 
# 
_symmetry.entry_id                         5LC6 
_symmetry.cell_setting                     ? 
_symmetry.Int_Tables_number                5 
_symmetry.space_group_name_Hall            ? 
_symmetry.space_group_name_H-M             'C 1 2 1' 
_symmetry.pdbx_full_space_group_name_H-M   ? 
# 
_exptl.absorpt_coefficient_mu     ? 
_exptl.absorpt_correction_T_max   ? 
_exptl.absorpt_correction_T_min   ? 
_exptl.absorpt_correction_type    ? 
_exptl.absorpt_process_details    ? 
_exptl.entry_id                   5LC6 
_exptl.crystals_number            1 
_exptl.details                    ? 
_exptl.method                     'X-RAY DIFFRACTION' 
_exptl.method_details             ? 
# 
_exptl_crystal.colour                      ? 
_exptl_crystal.density_diffrn              ? 
_exptl_crystal.density_Matthews            1.94 
_exptl_crystal.density_method              ? 
_exptl_crystal.density_percent_sol         36.69 
_exptl_crystal.description                 ? 
_exptl_crystal.F_000                       ? 
_exptl_crystal.id                          1 
_exptl_crystal.preparation                 ? 
_exptl_crystal.size_max                    ? 
_exptl_crystal.size_mid                    ? 
_exptl_crystal.size_min                    ? 
_exptl_crystal.size_rad                    ? 
_exptl_crystal.colour_lustre               ? 
_exptl_crystal.colour_modifier             ? 
_exptl_crystal.colour_primary              ? 
_exptl_crystal.density_meas                ? 
_exptl_crystal.density_meas_esd            ? 
_exptl_crystal.density_meas_gt             ? 
_exptl_crystal.density_meas_lt             ? 
_exptl_crystal.density_meas_temp           ? 
_exptl_crystal.density_meas_temp_esd       ? 
_exptl_crystal.density_meas_temp_gt        ? 
_exptl_crystal.density_meas_temp_lt        ? 
_exptl_crystal.pdbx_crystal_image_url      ? 
_exptl_crystal.pdbx_crystal_image_format   ? 
_exptl_crystal.pdbx_mosaicity              ? 
_exptl_crystal.pdbx_mosaicity_esd          ? 
# 
_exptl_crystal_grow.apparatus       ? 
_exptl_crystal_grow.atmosphere      ? 
_exptl_crystal_grow.crystal_id      1 
_exptl_crystal_grow.details         ? 
_exptl_crystal_grow.method          'VAPOR DIFFUSION, HANGING DROP' 
_exptl_crystal_grow.method_ref      ? 
_exptl_crystal_grow.pH              ? 
_exptl_crystal_grow.pressure        ? 
_exptl_crystal_grow.pressure_esd    ? 
_exptl_crystal_grow.seeding         ? 
_exptl_crystal_grow.seeding_ref     ? 
_exptl_crystal_grow.temp            293 
_exptl_crystal_grow.temp_details    4.6 
_exptl_crystal_grow.temp_esd        ? 
_exptl_crystal_grow.time            ? 
_exptl_crystal_grow.pdbx_details    '30% PEG4K, 0.1 M sodium acetate at pH 4.6 and 0.2 M ammonium sulfate' 
_exptl_crystal_grow.pdbx_pH_range   ? 
# 
_diffrn.ambient_environment    ? 
_diffrn.ambient_temp           100 
_diffrn.ambient_temp_details   ? 
_diffrn.ambient_temp_esd       ? 
_diffrn.crystal_id             1 
_diffrn.crystal_support        ? 
_diffrn.crystal_treatment      ? 
_diffrn.details                ? 
_diffrn.id                     1 
_diffrn.ambient_pressure       ? 
_diffrn.ambient_pressure_esd   ? 
_diffrn.ambient_pressure_gt    ? 
_diffrn.ambient_pressure_lt    ? 
_diffrn.ambient_temp_gt        ? 
_diffrn.ambient_temp_lt        ? 
# 
_diffrn_detector.details                      ? 
_diffrn_detector.detector                     PIXEL 
_diffrn_detector.diffrn_id                    1 
_diffrn_detector.type                         'DECTRIS PILATUS 2M' 
_diffrn_detector.area_resol_mean              ? 
_diffrn_detector.dtime                        ? 
_diffrn_detector.pdbx_frames_total            ? 
_diffrn_detector.pdbx_collection_time_total   ? 
_diffrn_detector.pdbx_collection_date         2015-07-22 
# 
_diffrn_radiation.collimation                      ? 
_diffrn_radiation.diffrn_id                        1 
_diffrn_radiation.filter_edge                      ? 
_diffrn_radiation.inhomogeneity                    ? 
_diffrn_radiation.monochromator                    ? 
_diffrn_radiation.polarisn_norm                    ? 
_diffrn_radiation.polarisn_ratio                   ? 
_diffrn_radiation.probe                            ? 
_diffrn_radiation.type                             ? 
_diffrn_radiation.xray_symbol                      ? 
_diffrn_radiation.wavelength_id                    1 
_diffrn_radiation.pdbx_monochromatic_or_laue_m_l   M 
_diffrn_radiation.pdbx_wavelength_list             ? 
_diffrn_radiation.pdbx_wavelength                  ? 
_diffrn_radiation.pdbx_diffrn_protocol             'SINGLE WAVELENGTH' 
_diffrn_radiation.pdbx_analyzer                    ? 
_diffrn_radiation.pdbx_scattering_type             x-ray 
# 
_diffrn_radiation_wavelength.id           1 
_diffrn_radiation_wavelength.wavelength   1.065 
_diffrn_radiation_wavelength.wt           1.0 
# 
_diffrn_source.current                     ? 
_diffrn_source.details                     ? 
_diffrn_source.diffrn_id                   1 
_diffrn_source.power                       ? 
_diffrn_source.size                        ? 
_diffrn_source.source                      SYNCHROTRON 
_diffrn_source.target                      ? 
_diffrn_source.type                        'ELETTRA BEAMLINE 5.2R' 
_diffrn_source.voltage                     ? 
_diffrn_source.take-off_angle              ? 
_diffrn_source.pdbx_wavelength_list        1.065 
_diffrn_source.pdbx_wavelength             ? 
_diffrn_source.pdbx_synchrotron_beamline   5.2R 
_diffrn_source.pdbx_synchrotron_site       ELETTRA 
# 
_reflns.B_iso_Wilson_estimate            ? 
_reflns.entry_id                         5LC6 
_reflns.data_reduction_details           ? 
_reflns.data_reduction_method            ? 
_reflns.d_resolution_high                1.70 
_reflns.d_resolution_low                 50.0 
_reflns.details                          ? 
_reflns.limit_h_max                      ? 
_reflns.limit_h_min                      ? 
_reflns.limit_k_max                      ? 
_reflns.limit_k_min                      ? 
_reflns.limit_l_max                      ? 
_reflns.limit_l_min                      ? 
_reflns.number_all                       ? 
_reflns.number_obs                       18905 
_reflns.observed_criterion               ? 
_reflns.observed_criterion_F_max         ? 
_reflns.observed_criterion_F_min         ? 
_reflns.observed_criterion_I_max         ? 
_reflns.observed_criterion_I_min         ? 
_reflns.observed_criterion_sigma_F       ? 
_reflns.observed_criterion_sigma_I       ? 
_reflns.percent_possible_obs             96.9 
_reflns.R_free_details                   ? 
_reflns.Rmerge_F_all                     ? 
_reflns.Rmerge_F_obs                     ? 
_reflns.Friedel_coverage                 ? 
_reflns.number_gt                        ? 
_reflns.threshold_expression             ? 
_reflns.pdbx_redundancy                  3.8 
_reflns.pdbx_Rmerge_I_obs                ? 
_reflns.pdbx_Rmerge_I_all                ? 
_reflns.pdbx_Rsym_value                  ? 
_reflns.pdbx_netI_over_av_sigmaI         ? 
_reflns.pdbx_netI_over_sigmaI            12.7 
_reflns.pdbx_res_netI_over_av_sigmaI_2   ? 
_reflns.pdbx_res_netI_over_sigmaI_2      ? 
_reflns.pdbx_chi_squared                 ? 
_reflns.pdbx_scaling_rejects             ? 
_reflns.pdbx_d_res_high_opt              ? 
_reflns.pdbx_d_res_low_opt               ? 
_reflns.pdbx_d_res_opt_method            ? 
_reflns.phase_calculation_details        ? 
_reflns.pdbx_Rrim_I_all                  ? 
_reflns.pdbx_Rpim_I_all                  ? 
_reflns.pdbx_d_opt                       ? 
_reflns.pdbx_number_measured_all         ? 
_reflns.pdbx_diffrn_id                   1 
_reflns.pdbx_ordinal                     1 
_reflns.pdbx_CC_half                     ? 
_reflns.pdbx_R_split                     ? 
# 
_refine.aniso_B[1][1]                            -0.01 
_refine.aniso_B[1][2]                            0.00 
_refine.aniso_B[1][3]                            0.00 
_refine.aniso_B[2][2]                            -0.01 
_refine.aniso_B[2][3]                            0.00 
_refine.aniso_B[3][3]                            0.01 
_refine.B_iso_max                                ? 
_refine.B_iso_mean                               23.516 
_refine.B_iso_min                                ? 
_refine.correlation_coeff_Fo_to_Fc               0.953 
_refine.correlation_coeff_Fo_to_Fc_free          0.943 
_refine.details                                  'HYDROGENS HAVE BEEN ADDED IN THE RIDING POSITIONS' 
_refine.diff_density_max                         ? 
_refine.diff_density_max_esd                     ? 
_refine.diff_density_min                         ? 
_refine.diff_density_min_esd                     ? 
_refine.diff_density_rms                         ? 
_refine.diff_density_rms_esd                     ? 
_refine.entry_id                                 5LC6 
_refine.pdbx_refine_id                           'X-RAY DIFFRACTION' 
_refine.ls_abs_structure_details                 ? 
_refine.ls_abs_structure_Flack                   ? 
_refine.ls_abs_structure_Flack_esd               ? 
_refine.ls_abs_structure_Rogers                  ? 
_refine.ls_abs_structure_Rogers_esd              ? 
_refine.ls_d_res_high                            1.70 
_refine.ls_d_res_low                             50.0 
_refine.ls_extinction_coef                       ? 
_refine.ls_extinction_coef_esd                   ? 
_refine.ls_extinction_expression                 ? 
_refine.ls_extinction_method                     ? 
_refine.ls_goodness_of_fit_all                   ? 
_refine.ls_goodness_of_fit_all_esd               ? 
_refine.ls_goodness_of_fit_obs                   ? 
_refine.ls_goodness_of_fit_obs_esd               ? 
_refine.ls_hydrogen_treatment                    ? 
_refine.ls_matrix_type                           ? 
_refine.ls_number_constraints                    ? 
_refine.ls_number_parameters                     ? 
_refine.ls_number_reflns_all                     ? 
_refine.ls_number_reflns_obs                     17877 
_refine.ls_number_reflns_R_free                  1028 
_refine.ls_number_reflns_R_work                  ? 
_refine.ls_number_restraints                     ? 
_refine.ls_percent_reflns_obs                    96.39 
_refine.ls_percent_reflns_R_free                 5.4 
_refine.ls_R_factor_all                          ? 
_refine.ls_R_factor_obs                          0.19055 
_refine.ls_R_factor_R_free                       0.22931 
_refine.ls_R_factor_R_free_error                 ? 
_refine.ls_R_factor_R_free_error_details         ? 
_refine.ls_R_factor_R_work                       0.18822 
_refine.ls_R_Fsqd_factor_obs                     ? 
_refine.ls_R_I_factor_obs                        ? 
_refine.ls_redundancy_reflns_all                 ? 
_refine.ls_redundancy_reflns_obs                 ? 
_refine.ls_restrained_S_all                      ? 
_refine.ls_restrained_S_obs                      ? 
_refine.ls_shift_over_esd_max                    ? 
_refine.ls_shift_over_esd_mean                   ? 
_refine.ls_structure_factor_coef                 ? 
_refine.ls_weighting_details                     ? 
_refine.ls_weighting_scheme                      ? 
_refine.ls_wR_factor_all                         ? 
_refine.ls_wR_factor_obs                         ? 
_refine.ls_wR_factor_R_free                      ? 
_refine.ls_wR_factor_R_work                      ? 
_refine.occupancy_max                            ? 
_refine.occupancy_min                            ? 
_refine.solvent_model_details                    ? 
_refine.solvent_model_param_bsol                 ? 
_refine.solvent_model_param_ksol                 ? 
_refine.ls_R_factor_gt                           ? 
_refine.ls_goodness_of_fit_gt                    ? 
_refine.ls_goodness_of_fit_ref                   ? 
_refine.ls_shift_over_su_max                     ? 
_refine.ls_shift_over_su_max_lt                  ? 
_refine.ls_shift_over_su_mean                    ? 
_refine.ls_shift_over_su_mean_lt                 ? 
_refine.pdbx_ls_sigma_I                          ? 
_refine.pdbx_ls_sigma_F                          ? 
_refine.pdbx_ls_sigma_Fsqd                       ? 
_refine.pdbx_data_cutoff_high_absF               ? 
_refine.pdbx_data_cutoff_high_rms_absF           ? 
_refine.pdbx_data_cutoff_low_absF                ? 
_refine.pdbx_isotropic_thermal_model             ? 
_refine.pdbx_ls_cross_valid_method               THROUGHOUT 
_refine.pdbx_method_to_determine_struct          'MOLECULAR REPLACEMENT' 
_refine.pdbx_starting_model                      2O9U 
_refine.pdbx_stereochemistry_target_values       ? 
_refine.pdbx_R_Free_selection_details            RANDOM 
_refine.pdbx_stereochem_target_val_spec_case     ? 
_refine.pdbx_overall_ESU_R                       0.127 
_refine.pdbx_overall_ESU_R_Free                  0.122 
_refine.pdbx_solvent_vdw_probe_radii             1.20 
_refine.pdbx_solvent_ion_probe_radii             0.80 
_refine.pdbx_solvent_shrinkage_radii             0.80 
_refine.pdbx_real_space_R                        ? 
_refine.pdbx_density_correlation                 ? 
_refine.pdbx_pd_number_of_powder_patterns        ? 
_refine.pdbx_pd_number_of_points                 ? 
_refine.pdbx_pd_meas_number_of_points            ? 
_refine.pdbx_pd_proc_ls_prof_R_factor            ? 
_refine.pdbx_pd_proc_ls_prof_wR_factor           ? 
_refine.pdbx_pd_Marquardt_correlation_coeff      ? 
_refine.pdbx_pd_Fsqrd_R_factor                   ? 
_refine.pdbx_pd_ls_matrix_band_width             ? 
_refine.pdbx_overall_phase_error                 ? 
_refine.pdbx_overall_SU_R_free_Cruickshank_DPI   ? 
_refine.pdbx_overall_SU_R_free_Blow_DPI          ? 
_refine.pdbx_overall_SU_R_Blow_DPI               ? 
_refine.pdbx_TLS_residual_ADP_flag               ? 
_refine.pdbx_diffrn_id                           1 
_refine.overall_SU_B                             2.818 
_refine.overall_SU_ML                            0.091 
_refine.overall_SU_R_Cruickshank_DPI             ? 
_refine.overall_SU_R_free                        ? 
_refine.overall_FOM_free_R_set                   ? 
_refine.overall_FOM_work_R_set                   ? 
_refine.pdbx_average_fsc_overall                 ? 
_refine.pdbx_average_fsc_work                    ? 
_refine.pdbx_average_fsc_free                    ? 
# 
_refine_hist.pdbx_refine_id                   'X-RAY DIFFRACTION' 
_refine_hist.cycle_id                         1 
_refine_hist.pdbx_number_atoms_protein        1507 
_refine_hist.pdbx_number_atoms_nucleic_acid   0 
_refine_hist.pdbx_number_atoms_ligand         20 
_refine_hist.number_atoms_solvent             119 
_refine_hist.number_atoms_total               1646 
_refine_hist.d_res_high                       1.70 
_refine_hist.d_res_low                        50.0 
# 
loop_
_refine_ls_restr.pdbx_refine_id 
_refine_ls_restr.criterion 
_refine_ls_restr.dev_ideal 
_refine_ls_restr.dev_ideal_target 
_refine_ls_restr.number 
_refine_ls_restr.rejects 
_refine_ls_restr.type 
_refine_ls_restr.weight 
_refine_ls_restr.pdbx_restraint_function 
'X-RAY DIFFRACTION' ? 0.019  0.020  1579 ? r_bond_refined_d             ? ? 
'X-RAY DIFFRACTION' ? 0.009  0.020  1520 ? r_bond_other_d               ? ? 
'X-RAY DIFFRACTION' ? 1.921  1.987  2123 ? r_angle_refined_deg          ? ? 
'X-RAY DIFFRACTION' ? 1.589  3.000  3510 ? r_angle_other_deg            ? ? 
'X-RAY DIFFRACTION' ? 6.577  5.000  184  ? r_dihedral_angle_1_deg       ? ? 
'X-RAY DIFFRACTION' ? 30.785 23.165 79   ? r_dihedral_angle_2_deg       ? ? 
'X-RAY DIFFRACTION' ? 13.591 15.000 293  ? r_dihedral_angle_3_deg       ? ? 
'X-RAY DIFFRACTION' ? 18.669 15.000 15   ? r_dihedral_angle_4_deg       ? ? 
'X-RAY DIFFRACTION' ? 0.116  0.200  217  ? r_chiral_restr               ? ? 
'X-RAY DIFFRACTION' ? 0.012  0.021  1718 ? r_gen_planes_refined         ? ? 
'X-RAY DIFFRACTION' ? 0.007  0.020  365  ? r_gen_planes_other           ? ? 
'X-RAY DIFFRACTION' ? ?      ?      ?    ? r_nbd_refined                ? ? 
'X-RAY DIFFRACTION' ? ?      ?      ?    ? r_nbd_other                  ? ? 
'X-RAY DIFFRACTION' ? ?      ?      ?    ? r_nbtor_refined              ? ? 
'X-RAY DIFFRACTION' ? ?      ?      ?    ? r_nbtor_other                ? ? 
'X-RAY DIFFRACTION' ? ?      ?      ?    ? r_xyhbond_nbd_refined        ? ? 
'X-RAY DIFFRACTION' ? ?      ?      ?    ? r_xyhbond_nbd_other          ? ? 
'X-RAY DIFFRACTION' ? ?      ?      ?    ? r_metal_ion_refined          ? ? 
'X-RAY DIFFRACTION' ? ?      ?      ?    ? r_metal_ion_other            ? ? 
'X-RAY DIFFRACTION' ? ?      ?      ?    ? r_symmetry_vdw_refined       ? ? 
'X-RAY DIFFRACTION' ? ?      ?      ?    ? r_symmetry_vdw_other         ? ? 
'X-RAY DIFFRACTION' ? ?      ?      ?    ? r_symmetry_hbond_refined     ? ? 
'X-RAY DIFFRACTION' ? ?      ?      ?    ? r_symmetry_hbond_other       ? ? 
'X-RAY DIFFRACTION' ? ?      ?      ?    ? r_symmetry_metal_ion_refined ? ? 
'X-RAY DIFFRACTION' ? ?      ?      ?    ? r_symmetry_metal_ion_other   ? ? 
'X-RAY DIFFRACTION' ? 2.205  1.922  730  ? r_mcbond_it                  ? ? 
'X-RAY DIFFRACTION' ? 2.206  1.921  729  ? r_mcbond_other               ? ? 
'X-RAY DIFFRACTION' ? 3.086  2.855  907  ? r_mcangle_it                 ? ? 
'X-RAY DIFFRACTION' ? 3.085  2.856  908  ? r_mcangle_other              ? ? 
'X-RAY DIFFRACTION' ? 3.484  2.492  849  ? r_scbond_it                  ? ? 
'X-RAY DIFFRACTION' ? 3.468  2.474  833  ? r_scbond_other               ? ? 
'X-RAY DIFFRACTION' ? ?      ?      ?    ? r_scangle_it                 ? ? 
'X-RAY DIFFRACTION' ? 5.273  3.524  1189 ? r_scangle_other              ? ? 
'X-RAY DIFFRACTION' ? 7.054  19.296 6411 ? r_long_range_B_refined       ? ? 
'X-RAY DIFFRACTION' ? 6.961  19.124 6331 ? r_long_range_B_other         ? ? 
'X-RAY DIFFRACTION' ? ?      ?      ?    ? r_rigid_bond_restr           ? ? 
'X-RAY DIFFRACTION' ? ?      ?      ?    ? r_sphericity_free            ? ? 
'X-RAY DIFFRACTION' ? ?      ?      ?    ? r_sphericity_bonded          ? ? 
# 
loop_
_refine_ls_restr_ncs.pdbx_refine_id 
_refine_ls_restr_ncs.dom_id 
_refine_ls_restr_ncs.pdbx_ens_id 
_refine_ls_restr_ncs.pdbx_ordinal 
_refine_ls_restr_ncs.ncs_model_details 
_refine_ls_restr_ncs.rms_dev_position 
_refine_ls_restr_ncs.weight_position 
_refine_ls_restr_ncs.rms_dev_B_iso 
_refine_ls_restr_ncs.weight_B_iso 
_refine_ls_restr_ncs.pdbx_auth_asym_id 
_refine_ls_restr_ncs.pdbx_number 
_refine_ls_restr_ncs.pdbx_type 
_refine_ls_restr_ncs.pdbx_asym_id 
_refine_ls_restr_ncs.pdbx_rms 
_refine_ls_restr_ncs.pdbx_weight 
'X-RAY DIFFRACTION' 1 1 1 ? 0.14 0.05 ? ? A 10582 'interatomic distance' ? ? ? 
'X-RAY DIFFRACTION' 2 1 2 ? 0.14 0.05 ? ? B 10582 'interatomic distance' ? ? ? 
# 
_refine_ls_shell.pdbx_refine_id                   'X-RAY DIFFRACTION' 
_refine_ls_shell.d_res_high                       1.695 
_refine_ls_shell.d_res_low                        1.739 
_refine_ls_shell.number_reflns_all                ? 
_refine_ls_shell.number_reflns_obs                ? 
_refine_ls_shell.number_reflns_R_free             75 
_refine_ls_shell.number_reflns_R_work             1204 
_refine_ls_shell.percent_reflns_obs               89.57 
_refine_ls_shell.percent_reflns_R_free            ? 
_refine_ls_shell.R_factor_all                     ? 
_refine_ls_shell.R_factor_obs                     ? 
_refine_ls_shell.R_factor_R_free                  0.386 
_refine_ls_shell.R_factor_R_free_error            ? 
_refine_ls_shell.R_factor_R_work                  0.312 
_refine_ls_shell.redundancy_reflns_all            ? 
_refine_ls_shell.redundancy_reflns_obs            ? 
_refine_ls_shell.wR_factor_all                    ? 
_refine_ls_shell.wR_factor_obs                    ? 
_refine_ls_shell.wR_factor_R_free                 ? 
_refine_ls_shell.wR_factor_R_work                 ? 
_refine_ls_shell.pdbx_total_number_of_bins_used   20 
_refine_ls_shell.pdbx_phase_error                 ? 
_refine_ls_shell.pdbx_fsc_work                    ? 
_refine_ls_shell.pdbx_fsc_free                    ? 
# 
loop_
_struct_ncs_dom.id 
_struct_ncs_dom.details 
_struct_ncs_dom.pdbx_ens_id 
1 A 1 
2 B 1 
# 
loop_
_struct_ncs_dom_lim.pdbx_ens_id 
_struct_ncs_dom_lim.dom_id 
_struct_ncs_dom_lim.pdbx_component_id 
_struct_ncs_dom_lim.beg_label_asym_id 
_struct_ncs_dom_lim.beg_label_comp_id 
_struct_ncs_dom_lim.beg_label_seq_id 
_struct_ncs_dom_lim.beg_label_alt_id 
_struct_ncs_dom_lim.end_label_asym_id 
_struct_ncs_dom_lim.end_label_comp_id 
_struct_ncs_dom_lim.end_label_seq_id 
_struct_ncs_dom_lim.end_label_alt_id 
_struct_ncs_dom_lim.beg_auth_asym_id 
_struct_ncs_dom_lim.beg_auth_comp_id 
_struct_ncs_dom_lim.beg_auth_seq_id 
_struct_ncs_dom_lim.end_auth_asym_id 
_struct_ncs_dom_lim.end_auth_comp_id 
_struct_ncs_dom_lim.end_auth_seq_id 
_struct_ncs_dom_lim.pdbx_refine_code 
_struct_ncs_dom_lim.selection_details 
1 1 0 A GLY 1 . A PRO 96 . A GLY 1 A PRO 96 0 ? 
1 2 0 B GLY 1 . B PRO 96 . B GLY 1 B PRO 96 0 ? 
# 
_struct_ncs_ens.id        1 
_struct_ncs_ens.details   ? 
# 
_struct.entry_id                     5LC6 
_struct.title                        'Crystal structure of a single chain monellin mutant: Q28K/C41S/Y65R-MNEI' 
_struct.pdbx_model_details           ? 
_struct.pdbx_formula_weight          ? 
_struct.pdbx_formula_weight_method   ? 
_struct.pdbx_model_type_details      ? 
_struct.pdbx_CASP_flag               N 
# 
_struct_keywords.entry_id        5LC6 
_struct_keywords.text            'PLANT PROTEIN, SWEET PROTEIN' 
_struct_keywords.pdbx_keywords   'PLANT PROTEIN' 
# 
loop_
_struct_asym.id 
_struct_asym.pdbx_blank_PDB_chainid_flag 
_struct_asym.pdbx_modified 
_struct_asym.entity_id 
_struct_asym.details 
A N N 1 ? 
B N N 1 ? 
C N N 2 ? 
D N N 2 ? 
E N N 2 ? 
F N N 2 ? 
G N N 3 ? 
H N N 3 ? 
# 
loop_
_struct_ref.id 
_struct_ref.db_name 
_struct_ref.db_code 
_struct_ref.pdbx_db_accession 
_struct_ref.pdbx_db_isoform 
_struct_ref.entity_id 
_struct_ref.pdbx_seq_one_letter_code 
_struct_ref.pdbx_align_begin 
1 UNP MONB_DIOCU P02882 ? 1 GEWEIIDIGPFTQNLGKFAVDEENKIGQYGRLTFNKVIRPCMKKTIYE 1 
2 UNP MONA_DIOCU P02881 ? 1 FREIKGYEYQLYVYASDKLFRADISEDYKTRGRKLLRFNGPVPPP    1 
# 
loop_
_struct_ref_seq.align_id 
_struct_ref_seq.ref_id 
_struct_ref_seq.pdbx_PDB_id_code 
_struct_ref_seq.pdbx_strand_id 
_struct_ref_seq.seq_align_beg 
_struct_ref_seq.pdbx_seq_align_beg_ins_code 
_struct_ref_seq.seq_align_end 
_struct_ref_seq.pdbx_seq_align_end_ins_code 
_struct_ref_seq.pdbx_db_accession 
_struct_ref_seq.db_align_beg 
_struct_ref_seq.pdbx_db_align_beg_ins_code 
_struct_ref_seq.db_align_end 
_struct_ref_seq.pdbx_db_align_end_ins_code 
_struct_ref_seq.pdbx_auth_seq_align_beg 
_struct_ref_seq.pdbx_auth_seq_align_end 
1 1 5LC6 A 1  ? 48 ? P02882 1 ? 48 ? 1  48 
2 2 5LC6 A 52 ? 96 ? P02881 1 ? 45 ? 52 96 
3 1 5LC6 B 1  ? 48 ? P02882 1 ? 48 ? 1  48 
4 2 5LC6 B 52 ? 96 ? P02881 1 ? 45 ? 52 96 
# 
loop_
_struct_ref_seq_dif.align_id 
_struct_ref_seq_dif.pdbx_pdb_id_code 
_struct_ref_seq_dif.mon_id 
_struct_ref_seq_dif.pdbx_pdb_strand_id 
_struct_ref_seq_dif.seq_num 
_struct_ref_seq_dif.pdbx_pdb_ins_code 
_struct_ref_seq_dif.pdbx_seq_db_name 
_struct_ref_seq_dif.pdbx_seq_db_accession_code 
_struct_ref_seq_dif.db_mon_id 
_struct_ref_seq_dif.pdbx_seq_db_seq_num 
_struct_ref_seq_dif.details 
_struct_ref_seq_dif.pdbx_auth_seq_num 
_struct_ref_seq_dif.pdbx_ordinal 
1 5LC6 LYS A 28 ? UNP P02882 GLN 28 'engineered mutation' 28 1  
1 5LC6 SER A 41 ? UNP P02882 CYS 41 'engineered mutation' 41 2  
1 5LC6 ASN A 49 ? UNP P02882 ?   ?  linker                49 3  
1 5LC6 GLU A 50 ? UNP P02882 ?   ?  linker                50 4  
1 5LC6 GLY A 51 ? UNP P02882 ?   ?  linker                51 5  
2 5LC6 ARG A 65 ? UNP P02881 TYR 14 'engineered mutation' 65 6  
3 5LC6 LYS B 28 ? UNP P02882 GLN 28 'engineered mutation' 28 7  
3 5LC6 SER B 41 ? UNP P02882 CYS 41 'engineered mutation' 41 8  
3 5LC6 ASN B 49 ? UNP P02882 ?   ?  linker                49 9  
3 5LC6 GLU B 50 ? UNP P02882 ?   ?  linker                50 10 
3 5LC6 GLY B 51 ? UNP P02882 ?   ?  linker                51 11 
4 5LC6 ARG B 65 ? UNP P02881 TYR 14 'engineered mutation' 65 12 
# 
loop_
_pdbx_struct_assembly.id 
_pdbx_struct_assembly.details 
_pdbx_struct_assembly.method_details 
_pdbx_struct_assembly.oligomeric_details 
_pdbx_struct_assembly.oligomeric_count 
1 author_and_software_defined_assembly PISA monomeric 1 
2 author_and_software_defined_assembly PISA monomeric 1 
# 
loop_
_pdbx_struct_assembly_gen.assembly_id 
_pdbx_struct_assembly_gen.oper_expression 
_pdbx_struct_assembly_gen.asym_id_list 
1 1 A,C,D,E,F,G 
2 1 B,H         
# 
_pdbx_struct_oper_list.id                   1 
_pdbx_struct_oper_list.type                 'identity operation' 
_pdbx_struct_oper_list.name                 1_555 
_pdbx_struct_oper_list.symmetry_operation   x,y,z 
_pdbx_struct_oper_list.matrix[1][1]         1.0000000000 
_pdbx_struct_oper_list.matrix[1][2]         0.0000000000 
_pdbx_struct_oper_list.matrix[1][3]         0.0000000000 
_pdbx_struct_oper_list.vector[1]            0.0000000000 
_pdbx_struct_oper_list.matrix[2][1]         0.0000000000 
_pdbx_struct_oper_list.matrix[2][2]         1.0000000000 
_pdbx_struct_oper_list.matrix[2][3]         0.0000000000 
_pdbx_struct_oper_list.vector[2]            0.0000000000 
_pdbx_struct_oper_list.matrix[3][1]         0.0000000000 
_pdbx_struct_oper_list.matrix[3][2]         0.0000000000 
_pdbx_struct_oper_list.matrix[3][3]         1.0000000000 
_pdbx_struct_oper_list.vector[3]            0.0000000000 
# 
loop_
_struct_conf.conf_type_id 
_struct_conf.id 
_struct_conf.pdbx_PDB_helix_id 
_struct_conf.beg_label_comp_id 
_struct_conf.beg_label_asym_id 
_struct_conf.beg_label_seq_id 
_struct_conf.pdbx_beg_PDB_ins_code 
_struct_conf.end_label_comp_id 
_struct_conf.end_label_asym_id 
_struct_conf.end_label_seq_id 
_struct_conf.pdbx_end_PDB_ins_code 
_struct_conf.beg_auth_comp_id 
_struct_conf.beg_auth_asym_id 
_struct_conf.beg_auth_seq_id 
_struct_conf.end_auth_comp_id 
_struct_conf.end_auth_asym_id 
_struct_conf.end_auth_seq_id 
_struct_conf.pdbx_PDB_helix_class 
_struct_conf.details 
_struct_conf.pdbx_PDB_helix_length 
HELX_P HELX_P1 AA1 GLY A 9 ? GLY A 27 ? GLY A 9 GLY A 27 1 ? 19 
HELX_P HELX_P2 AA2 GLY B 9 ? GLY B 27 ? GLY B 9 GLY B 27 1 ? 19 
# 
_struct_conf_type.id          HELX_P 
_struct_conf_type.criteria    ? 
_struct_conf_type.reference   ? 
# 
loop_
_struct_mon_prot_cis.pdbx_id 
_struct_mon_prot_cis.label_comp_id 
_struct_mon_prot_cis.label_seq_id 
_struct_mon_prot_cis.label_asym_id 
_struct_mon_prot_cis.label_alt_id 
_struct_mon_prot_cis.pdbx_PDB_ins_code 
_struct_mon_prot_cis.auth_comp_id 
_struct_mon_prot_cis.auth_seq_id 
_struct_mon_prot_cis.auth_asym_id 
_struct_mon_prot_cis.pdbx_label_comp_id_2 
_struct_mon_prot_cis.pdbx_label_seq_id_2 
_struct_mon_prot_cis.pdbx_label_asym_id_2 
_struct_mon_prot_cis.pdbx_PDB_ins_code_2 
_struct_mon_prot_cis.pdbx_auth_comp_id_2 
_struct_mon_prot_cis.pdbx_auth_seq_id_2 
_struct_mon_prot_cis.pdbx_auth_asym_id_2 
_struct_mon_prot_cis.pdbx_PDB_model_num 
_struct_mon_prot_cis.pdbx_omega_angle 
1 ARG 39 A . ? ARG 39 A PRO 40 A ? PRO 40 A 1 -9.14 
2 GLY 91 A . ? GLY 91 A PRO 92 A ? PRO 92 A 1 2.92  
3 ARG 39 B . ? ARG 39 B PRO 40 B ? PRO 40 B 1 -1.99 
4 GLY 91 B . ? GLY 91 B PRO 92 B ? PRO 92 B 1 7.09  
# 
loop_
_struct_sheet.id 
_struct_sheet.type 
_struct_sheet.number_strands 
_struct_sheet.details 
AA1 ? 5 ? 
AA2 ? 5 ? 
# 
loop_
_struct_sheet_order.sheet_id 
_struct_sheet_order.range_id_1 
_struct_sheet_order.range_id_2 
_struct_sheet_order.offset 
_struct_sheet_order.sense 
AA1 1 2 ? anti-parallel 
AA1 2 3 ? anti-parallel 
AA1 3 4 ? anti-parallel 
AA1 4 5 ? anti-parallel 
AA2 1 2 ? anti-parallel 
AA2 2 3 ? anti-parallel 
AA2 3 4 ? anti-parallel 
AA2 4 5 ? anti-parallel 
# 
loop_
_struct_sheet_range.sheet_id 
_struct_sheet_range.id 
_struct_sheet_range.beg_label_comp_id 
_struct_sheet_range.beg_label_asym_id 
_struct_sheet_range.beg_label_seq_id 
_struct_sheet_range.pdbx_beg_PDB_ins_code 
_struct_sheet_range.end_label_comp_id 
_struct_sheet_range.end_label_asym_id 
_struct_sheet_range.end_label_seq_id 
_struct_sheet_range.pdbx_end_PDB_ins_code 
_struct_sheet_range.beg_auth_comp_id 
_struct_sheet_range.beg_auth_asym_id 
_struct_sheet_range.beg_auth_seq_id 
_struct_sheet_range.end_auth_comp_id 
_struct_sheet_range.end_auth_asym_id 
_struct_sheet_range.end_auth_seq_id 
AA1 1 GLU A 2  ? ILE A 6  ? GLU A 2  ILE A 6  
AA1 2 PHE A 34 ? TYR A 47 ? PHE A 34 TYR A 47 
AA1 3 ILE A 55 ? ALA A 66 ? ILE A 55 ALA A 66 
AA1 4 LYS A 69 ? ASP A 78 ? LYS A 69 ASP A 78 
AA1 5 ARG A 84 ? ASN A 90 ? ARG A 84 ASN A 90 
AA2 1 GLU B 2  ? ILE B 6  ? GLU B 2  ILE B 6  
AA2 2 PHE B 34 ? ILE B 46 ? PHE B 34 ILE B 46 
AA2 3 GLY B 57 ? ALA B 66 ? GLY B 57 ALA B 66 
AA2 4 LYS B 69 ? ASP B 78 ? LYS B 69 ASP B 78 
AA2 5 ARG B 84 ? ASN B 90 ? ARG B 84 ASN B 90 
# 
loop_
_pdbx_struct_sheet_hbond.sheet_id 
_pdbx_struct_sheet_hbond.range_id_1 
_pdbx_struct_sheet_hbond.range_id_2 
_pdbx_struct_sheet_hbond.range_1_label_atom_id 
_pdbx_struct_sheet_hbond.range_1_label_comp_id 
_pdbx_struct_sheet_hbond.range_1_label_asym_id 
_pdbx_struct_sheet_hbond.range_1_label_seq_id 
_pdbx_struct_sheet_hbond.range_1_PDB_ins_code 
_pdbx_struct_sheet_hbond.range_1_auth_atom_id 
_pdbx_struct_sheet_hbond.range_1_auth_comp_id 
_pdbx_struct_sheet_hbond.range_1_auth_asym_id 
_pdbx_struct_sheet_hbond.range_1_auth_seq_id 
_pdbx_struct_sheet_hbond.range_2_label_atom_id 
_pdbx_struct_sheet_hbond.range_2_label_comp_id 
_pdbx_struct_sheet_hbond.range_2_label_asym_id 
_pdbx_struct_sheet_hbond.range_2_label_seq_id 
_pdbx_struct_sheet_hbond.range_2_PDB_ins_code 
_pdbx_struct_sheet_hbond.range_2_auth_atom_id 
_pdbx_struct_sheet_hbond.range_2_auth_comp_id 
_pdbx_struct_sheet_hbond.range_2_auth_asym_id 
_pdbx_struct_sheet_hbond.range_2_auth_seq_id 
AA1 1 2 N GLU A 2  ? N GLU A 2  O THR A 45 ? O THR A 45 
AA1 2 3 N LYS A 36 ? N LYS A 36 O ARG A 65 ? O ARG A 65 
AA1 3 4 N LEU A 62 ? N LEU A 62 O ALA A 73 ? O ALA A 73 
AA1 4 5 N SER A 76 ? N SER A 76 O LYS A 85 ? O LYS A 85 
AA2 1 2 N GLU B 2  ? N GLU B 2  O THR B 45 ? O THR B 45 
AA2 2 3 N LYS B 36 ? N LYS B 36 O ARG B 65 ? O ARG B 65 
AA2 3 4 N TYR B 60 ? N TYR B 60 O ILE B 75 ? O ILE B 75 
AA2 4 5 N ARG B 72 ? N ARG B 72 O ASN B 90 ? O ASN B 90 
# 
loop_
_struct_site.id 
_struct_site.pdbx_evidence_code 
_struct_site.pdbx_auth_asym_id 
_struct_site.pdbx_auth_comp_id 
_struct_site.pdbx_auth_seq_id 
_struct_site.pdbx_auth_ins_code 
_struct_site.pdbx_num_residues 
_struct_site.details 
AC1 Software A SO4 101 ? 8 'binding site for residue SO4 A 101' 
AC2 Software A SO4 102 ? 9 'binding site for residue SO4 A 102' 
AC3 Software A SO4 103 ? 4 'binding site for residue SO4 A 103' 
AC4 Software A SO4 104 ? 2 'binding site for residue SO4 A 104' 
# 
loop_
_struct_site_gen.id 
_struct_site_gen.site_id 
_struct_site_gen.pdbx_num_res 
_struct_site_gen.label_comp_id 
_struct_site_gen.label_asym_id 
_struct_site_gen.label_seq_id 
_struct_site_gen.pdbx_auth_ins_code 
_struct_site_gen.auth_comp_id 
_struct_site_gen.auth_asym_id 
_struct_site_gen.auth_seq_id 
_struct_site_gen.label_atom_id 
_struct_site_gen.label_alt_id 
_struct_site_gen.symmetry 
_struct_site_gen.details 
1  AC1 8 TYR A 63 ? TYR A 63  . ? 1_555 ? 
2  AC1 8 ARG A 72 ? ARG A 72  . ? 1_555 ? 
3  AC1 8 ASN A 90 ? ASN A 90  . ? 1_555 ? 
4  AC1 8 VAL A 93 ? VAL A 93  . ? 1_555 ? 
5  AC1 8 TYR B 63 ? TYR B 63  . ? 1_555 ? 
6  AC1 8 ARG B 72 ? ARG B 72  . ? 1_555 ? 
7  AC1 8 ASN B 90 ? ASN B 90  . ? 1_555 ? 
8  AC1 8 VAL B 93 ? VAL B 93  . ? 1_555 ? 
9  AC2 9 GLY A 9  ? GLY A 9   . ? 1_565 ? 
10 AC2 9 PRO A 10 ? PRO A 10  . ? 1_565 ? 
11 AC2 9 PHE A 11 ? PHE A 11  . ? 1_565 ? 
12 AC2 9 ARG A 31 ? ARG A 31  . ? 1_555 ? 
13 AC2 9 HOH G .  ? HOH A 207 . ? 1_555 ? 
14 AC2 9 HOH G .  ? HOH A 230 . ? 1_555 ? 
15 AC2 9 HOH G .  ? HOH A 231 . ? 1_555 ? 
16 AC2 9 HOH G .  ? HOH A 235 . ? 1_555 ? 
17 AC2 9 HOH G .  ? HOH A 252 . ? 1_555 ? 
18 AC3 4 LYS A 36 ? LYS A 36  . ? 1_555 ? 
19 AC3 4 ILE A 38 ? ILE A 38  . ? 1_555 ? 
20 AC3 4 ARG A 65 ? ARG A 65  . ? 1_555 ? 
21 AC3 4 HOH G .  ? HOH A 201 . ? 1_555 ? 
22 AC4 2 GLY A 1  ? GLY A 1   . ? 1_555 ? 
23 AC4 2 LYS A 44 ? LYS A 44  . ? 1_555 ? 
# 
_pdbx_validate_close_contact.id               1 
_pdbx_validate_close_contact.PDB_model_num    1 
_pdbx_validate_close_contact.auth_atom_id_1   O 
_pdbx_validate_close_contact.auth_asym_id_1   A 
_pdbx_validate_close_contact.auth_comp_id_1   HOH 
_pdbx_validate_close_contact.auth_seq_id_1    248 
_pdbx_validate_close_contact.PDB_ins_code_1   ? 
_pdbx_validate_close_contact.label_alt_id_1   ? 
_pdbx_validate_close_contact.auth_atom_id_2   O 
_pdbx_validate_close_contact.auth_asym_id_2   B 
_pdbx_validate_close_contact.auth_comp_id_2   HOH 
_pdbx_validate_close_contact.auth_seq_id_2    145 
_pdbx_validate_close_contact.PDB_ins_code_2   ? 
_pdbx_validate_close_contact.label_alt_id_2   ? 
_pdbx_validate_close_contact.dist             2.05 
# 
_pdbx_validate_symm_contact.id                1 
_pdbx_validate_symm_contact.PDB_model_num     1 
_pdbx_validate_symm_contact.auth_atom_id_1    O 
_pdbx_validate_symm_contact.auth_asym_id_1    A 
_pdbx_validate_symm_contact.auth_comp_id_1    ILE 
_pdbx_validate_symm_contact.auth_seq_id_1     26 
_pdbx_validate_symm_contact.PDB_ins_code_1    ? 
_pdbx_validate_symm_contact.label_alt_id_1    ? 
_pdbx_validate_symm_contact.site_symmetry_1   1_555 
_pdbx_validate_symm_contact.auth_atom_id_2    OH 
_pdbx_validate_symm_contact.auth_asym_id_2    A 
_pdbx_validate_symm_contact.auth_comp_id_2    TYR 
_pdbx_validate_symm_contact.auth_seq_id_2     58 
_pdbx_validate_symm_contact.PDB_ins_code_2    ? 
_pdbx_validate_symm_contact.label_alt_id_2    ? 
_pdbx_validate_symm_contact.site_symmetry_2   1_565 
_pdbx_validate_symm_contact.dist              2.14 
# 
loop_
_pdbx_validate_rmsd_angle.id 
_pdbx_validate_rmsd_angle.PDB_model_num 
_pdbx_validate_rmsd_angle.auth_atom_id_1 
_pdbx_validate_rmsd_angle.auth_asym_id_1 
_pdbx_validate_rmsd_angle.auth_comp_id_1 
_pdbx_validate_rmsd_angle.auth_seq_id_1 
_pdbx_validate_rmsd_angle.PDB_ins_code_1 
_pdbx_validate_rmsd_angle.label_alt_id_1 
_pdbx_validate_rmsd_angle.auth_atom_id_2 
_pdbx_validate_rmsd_angle.auth_asym_id_2 
_pdbx_validate_rmsd_angle.auth_comp_id_2 
_pdbx_validate_rmsd_angle.auth_seq_id_2 
_pdbx_validate_rmsd_angle.PDB_ins_code_2 
_pdbx_validate_rmsd_angle.label_alt_id_2 
_pdbx_validate_rmsd_angle.auth_atom_id_3 
_pdbx_validate_rmsd_angle.auth_asym_id_3 
_pdbx_validate_rmsd_angle.auth_comp_id_3 
_pdbx_validate_rmsd_angle.auth_seq_id_3 
_pdbx_validate_rmsd_angle.PDB_ins_code_3 
_pdbx_validate_rmsd_angle.label_alt_id_3 
_pdbx_validate_rmsd_angle.angle_value 
_pdbx_validate_rmsd_angle.angle_target_value 
_pdbx_validate_rmsd_angle.angle_deviation 
_pdbx_validate_rmsd_angle.angle_standard_deviation 
_pdbx_validate_rmsd_angle.linker_flag 
1 1 CB A ASP 7  ? ? CG A ASP 7  ? ? OD1 A ASP 7  ? ? 124.34 118.30 6.04  0.90 N 
2 1 NE A ARG 65 ? ? CZ A ARG 65 ? ? NH1 A ARG 65 ? ? 125.70 120.30 5.40  0.50 N 
3 1 NE A ARG 65 ? ? CZ A ARG 65 ? ? NH2 A ARG 65 ? ? 116.17 120.30 -4.13 0.50 N 
4 1 CB B ASP 7  ? A CG B ASP 7  ? A OD1 B ASP 7  ? A 124.32 118.30 6.02  0.90 N 
5 1 NE B ARG 65 ? A CZ B ARG 65 ? A NH1 B ARG 65 ? A 123.51 120.30 3.21  0.50 N 
# 
loop_
_pdbx_validate_torsion.id 
_pdbx_validate_torsion.PDB_model_num 
_pdbx_validate_torsion.auth_comp_id 
_pdbx_validate_torsion.auth_asym_id 
_pdbx_validate_torsion.auth_seq_id 
_pdbx_validate_torsion.PDB_ins_code 
_pdbx_validate_torsion.label_alt_id 
_pdbx_validate_torsion.phi 
_pdbx_validate_torsion.psi 
1 1 ASN A 35 ? ? -109.40 -64.16 
2 1 LYS A 36 ? ? -170.73 147.98 
3 1 ASP A 68 ? ? 59.79   16.39  
4 1 LYS B 36 ? ? -173.73 149.51 
# 
loop_
_pdbx_unobs_or_zero_occ_residues.id 
_pdbx_unobs_or_zero_occ_residues.PDB_model_num 
_pdbx_unobs_or_zero_occ_residues.polymer_flag 
_pdbx_unobs_or_zero_occ_residues.occupancy_flag 
_pdbx_unobs_or_zero_occ_residues.auth_asym_id 
_pdbx_unobs_or_zero_occ_residues.auth_comp_id 
_pdbx_unobs_or_zero_occ_residues.auth_seq_id 
_pdbx_unobs_or_zero_occ_residues.PDB_ins_code 
_pdbx_unobs_or_zero_occ_residues.label_asym_id 
_pdbx_unobs_or_zero_occ_residues.label_comp_id 
_pdbx_unobs_or_zero_occ_residues.label_seq_id 
1  1 Y 1 A GLU 50 ? A GLU 50 
2  1 Y 1 A GLY 51 ? A GLY 51 
3  1 Y 1 A PHE 52 ? A PHE 52 
4  1 Y 1 A ARG 53 ? A ARG 53 
5  1 Y 1 B GLU 48 ? B GLU 48 
6  1 Y 1 B ASN 49 ? B ASN 49 
7  1 Y 1 B GLU 50 ? B GLU 50 
8  1 Y 1 B GLY 51 ? B GLY 51 
9  1 Y 1 B PHE 52 ? B PHE 52 
10 1 Y 1 B ARG 53 ? B ARG 53 
# 
loop_
_chem_comp_atom.comp_id 
_chem_comp_atom.atom_id 
_chem_comp_atom.type_symbol 
_chem_comp_atom.pdbx_aromatic_flag 
_chem_comp_atom.pdbx_stereo_config 
_chem_comp_atom.pdbx_ordinal 
ALA N    N N N 1   
ALA CA   C N S 2   
ALA C    C N N 3   
ALA O    O N N 4   
ALA CB   C N N 5   
ALA OXT  O N N 6   
ALA H    H N N 7   
ALA H2   H N N 8   
ALA HA   H N N 9   
ALA HB1  H N N 10  
ALA HB2  H N N 11  
ALA HB3  H N N 12  
ALA HXT  H N N 13  
ARG N    N N N 14  
ARG CA   C N S 15  
ARG C    C N N 16  
ARG O    O N N 17  
ARG CB   C N N 18  
ARG CG   C N N 19  
ARG CD   C N N 20  
ARG NE   N N N 21  
ARG CZ   C N N 22  
ARG NH1  N N N 23  
ARG NH2  N N N 24  
ARG OXT  O N N 25  
ARG H    H N N 26  
ARG H2   H N N 27  
ARG HA   H N N 28  
ARG HB2  H N N 29  
ARG HB3  H N N 30  
ARG HG2  H N N 31  
ARG HG3  H N N 32  
ARG HD2  H N N 33  
ARG HD3  H N N 34  
ARG HE   H N N 35  
ARG HH11 H N N 36  
ARG HH12 H N N 37  
ARG HH21 H N N 38  
ARG HH22 H N N 39  
ARG HXT  H N N 40  
ASN N    N N N 41  
ASN CA   C N S 42  
ASN C    C N N 43  
ASN O    O N N 44  
ASN CB   C N N 45  
ASN CG   C N N 46  
ASN OD1  O N N 47  
ASN ND2  N N N 48  
ASN OXT  O N N 49  
ASN H    H N N 50  
ASN H2   H N N 51  
ASN HA   H N N 52  
ASN HB2  H N N 53  
ASN HB3  H N N 54  
ASN HD21 H N N 55  
ASN HD22 H N N 56  
ASN HXT  H N N 57  
ASP N    N N N 58  
ASP CA   C N S 59  
ASP C    C N N 60  
ASP O    O N N 61  
ASP CB   C N N 62  
ASP CG   C N N 63  
ASP OD1  O N N 64  
ASP OD2  O N N 65  
ASP OXT  O N N 66  
ASP H    H N N 67  
ASP H2   H N N 68  
ASP HA   H N N 69  
ASP HB2  H N N 70  
ASP HB3  H N N 71  
ASP HD2  H N N 72  
ASP HXT  H N N 73  
CYS N    N N N 74  
CYS CA   C N R 75  
CYS C    C N N 76  
CYS O    O N N 77  
CYS CB   C N N 78  
CYS SG   S N N 79  
CYS OXT  O N N 80  
CYS H    H N N 81  
CYS H2   H N N 82  
CYS HA   H N N 83  
CYS HB2  H N N 84  
CYS HB3  H N N 85  
CYS HG   H N N 86  
CYS HXT  H N N 87  
GLN N    N N N 88  
GLN CA   C N S 89  
GLN C    C N N 90  
GLN O    O N N 91  
GLN CB   C N N 92  
GLN CG   C N N 93  
GLN CD   C N N 94  
GLN OE1  O N N 95  
GLN NE2  N N N 96  
GLN OXT  O N N 97  
GLN H    H N N 98  
GLN H2   H N N 99  
GLN HA   H N N 100 
GLN HB2  H N N 101 
GLN HB3  H N N 102 
GLN HG2  H N N 103 
GLN HG3  H N N 104 
GLN HE21 H N N 105 
GLN HE22 H N N 106 
GLN HXT  H N N 107 
GLU N    N N N 108 
GLU CA   C N S 109 
GLU C    C N N 110 
GLU O    O N N 111 
GLU CB   C N N 112 
GLU CG   C N N 113 
GLU CD   C N N 114 
GLU OE1  O N N 115 
GLU OE2  O N N 116 
GLU OXT  O N N 117 
GLU H    H N N 118 
GLU H2   H N N 119 
GLU HA   H N N 120 
GLU HB2  H N N 121 
GLU HB3  H N N 122 
GLU HG2  H N N 123 
GLU HG3  H N N 124 
GLU HE2  H N N 125 
GLU HXT  H N N 126 
GLY N    N N N 127 
GLY CA   C N N 128 
GLY C    C N N 129 
GLY O    O N N 130 
GLY OXT  O N N 131 
GLY H    H N N 132 
GLY H2   H N N 133 
GLY HA2  H N N 134 
GLY HA3  H N N 135 
GLY HXT  H N N 136 
HOH O    O N N 137 
HOH H1   H N N 138 
HOH H2   H N N 139 
ILE N    N N N 140 
ILE CA   C N S 141 
ILE C    C N N 142 
ILE O    O N N 143 
ILE CB   C N S 144 
ILE CG1  C N N 145 
ILE CG2  C N N 146 
ILE CD1  C N N 147 
ILE OXT  O N N 148 
ILE H    H N N 149 
ILE H2   H N N 150 
ILE HA   H N N 151 
ILE HB   H N N 152 
ILE HG12 H N N 153 
ILE HG13 H N N 154 
ILE HG21 H N N 155 
ILE HG22 H N N 156 
ILE HG23 H N N 157 
ILE HD11 H N N 158 
ILE HD12 H N N 159 
ILE HD13 H N N 160 
ILE HXT  H N N 161 
LEU N    N N N 162 
LEU CA   C N S 163 
LEU C    C N N 164 
LEU O    O N N 165 
LEU CB   C N N 166 
LEU CG   C N N 167 
LEU CD1  C N N 168 
LEU CD2  C N N 169 
LEU OXT  O N N 170 
LEU H    H N N 171 
LEU H2   H N N 172 
LEU HA   H N N 173 
LEU HB2  H N N 174 
LEU HB3  H N N 175 
LEU HG   H N N 176 
LEU HD11 H N N 177 
LEU HD12 H N N 178 
LEU HD13 H N N 179 
LEU HD21 H N N 180 
LEU HD22 H N N 181 
LEU HD23 H N N 182 
LEU HXT  H N N 183 
LYS N    N N N 184 
LYS CA   C N S 185 
LYS C    C N N 186 
LYS O    O N N 187 
LYS CB   C N N 188 
LYS CG   C N N 189 
LYS CD   C N N 190 
LYS CE   C N N 191 
LYS NZ   N N N 192 
LYS OXT  O N N 193 
LYS H    H N N 194 
LYS H2   H N N 195 
LYS HA   H N N 196 
LYS HB2  H N N 197 
LYS HB3  H N N 198 
LYS HG2  H N N 199 
LYS HG3  H N N 200 
LYS HD2  H N N 201 
LYS HD3  H N N 202 
LYS HE2  H N N 203 
LYS HE3  H N N 204 
LYS HZ1  H N N 205 
LYS HZ2  H N N 206 
LYS HZ3  H N N 207 
LYS HXT  H N N 208 
MET N    N N N 209 
MET CA   C N S 210 
MET C    C N N 211 
MET O    O N N 212 
MET CB   C N N 213 
MET CG   C N N 214 
MET SD   S N N 215 
MET CE   C N N 216 
MET OXT  O N N 217 
MET H    H N N 218 
MET H2   H N N 219 
MET HA   H N N 220 
MET HB2  H N N 221 
MET HB3  H N N 222 
MET HG2  H N N 223 
MET HG3  H N N 224 
MET HE1  H N N 225 
MET HE2  H N N 226 
MET HE3  H N N 227 
MET HXT  H N N 228 
PHE N    N N N 229 
PHE CA   C N S 230 
PHE C    C N N 231 
PHE O    O N N 232 
PHE CB   C N N 233 
PHE CG   C Y N 234 
PHE CD1  C Y N 235 
PHE CD2  C Y N 236 
PHE CE1  C Y N 237 
PHE CE2  C Y N 238 
PHE CZ   C Y N 239 
PHE OXT  O N N 240 
PHE H    H N N 241 
PHE H2   H N N 242 
PHE HA   H N N 243 
PHE HB2  H N N 244 
PHE HB3  H N N 245 
PHE HD1  H N N 246 
PHE HD2  H N N 247 
PHE HE1  H N N 248 
PHE HE2  H N N 249 
PHE HZ   H N N 250 
PHE HXT  H N N 251 
PRO N    N N N 252 
PRO CA   C N S 253 
PRO C    C N N 254 
PRO O    O N N 255 
PRO CB   C N N 256 
PRO CG   C N N 257 
PRO CD   C N N 258 
PRO OXT  O N N 259 
PRO H    H N N 260 
PRO HA   H N N 261 
PRO HB2  H N N 262 
PRO HB3  H N N 263 
PRO HG2  H N N 264 
PRO HG3  H N N 265 
PRO HD2  H N N 266 
PRO HD3  H N N 267 
PRO HXT  H N N 268 
SER N    N N N 269 
SER CA   C N S 270 
SER C    C N N 271 
SER O    O N N 272 
SER CB   C N N 273 
SER OG   O N N 274 
SER OXT  O N N 275 
SER H    H N N 276 
SER H2   H N N 277 
SER HA   H N N 278 
SER HB2  H N N 279 
SER HB3  H N N 280 
SER HG   H N N 281 
SER HXT  H N N 282 
SO4 S    S N N 283 
SO4 O1   O N N 284 
SO4 O2   O N N 285 
SO4 O3   O N N 286 
SO4 O4   O N N 287 
THR N    N N N 288 
THR CA   C N S 289 
THR C    C N N 290 
THR O    O N N 291 
THR CB   C N R 292 
THR OG1  O N N 293 
THR CG2  C N N 294 
THR OXT  O N N 295 
THR H    H N N 296 
THR H2   H N N 297 
THR HA   H N N 298 
THR HB   H N N 299 
THR HG1  H N N 300 
THR HG21 H N N 301 
THR HG22 H N N 302 
THR HG23 H N N 303 
THR HXT  H N N 304 
TRP N    N N N 305 
TRP CA   C N S 306 
TRP C    C N N 307 
TRP O    O N N 308 
TRP CB   C N N 309 
TRP CG   C Y N 310 
TRP CD1  C Y N 311 
TRP CD2  C Y N 312 
TRP NE1  N Y N 313 
TRP CE2  C Y N 314 
TRP CE3  C Y N 315 
TRP CZ2  C Y N 316 
TRP CZ3  C Y N 317 
TRP CH2  C Y N 318 
TRP OXT  O N N 319 
TRP H    H N N 320 
TRP H2   H N N 321 
TRP HA   H N N 322 
TRP HB2  H N N 323 
TRP HB3  H N N 324 
TRP HD1  H N N 325 
TRP HE1  H N N 326 
TRP HE3  H N N 327 
TRP HZ2  H N N 328 
TRP HZ3  H N N 329 
TRP HH2  H N N 330 
TRP HXT  H N N 331 
TYR N    N N N 332 
TYR CA   C N S 333 
TYR C    C N N 334 
TYR O    O N N 335 
TYR CB   C N N 336 
TYR CG   C Y N 337 
TYR CD1  C Y N 338 
TYR CD2  C Y N 339 
TYR CE1  C Y N 340 
TYR CE2  C Y N 341 
TYR CZ   C Y N 342 
TYR OH   O N N 343 
TYR OXT  O N N 344 
TYR H    H N N 345 
TYR H2   H N N 346 
TYR HA   H N N 347 
TYR HB2  H N N 348 
TYR HB3  H N N 349 
TYR HD1  H N N 350 
TYR HD2  H N N 351 
TYR HE1  H N N 352 
TYR HE2  H N N 353 
TYR HH   H N N 354 
TYR HXT  H N N 355 
VAL N    N N N 356 
VAL CA   C N S 357 
VAL C    C N N 358 
VAL O    O N N 359 
VAL CB   C N N 360 
VAL CG1  C N N 361 
VAL CG2  C N N 362 
VAL OXT  O N N 363 
VAL H    H N N 364 
VAL H2   H N N 365 
VAL HA   H N N 366 
VAL HB   H N N 367 
VAL HG11 H N N 368 
VAL HG12 H N N 369 
VAL HG13 H N N 370 
VAL HG21 H N N 371 
VAL HG22 H N N 372 
VAL HG23 H N N 373 
VAL HXT  H N N 374 
# 
loop_
_chem_comp_bond.comp_id 
_chem_comp_bond.atom_id_1 
_chem_comp_bond.atom_id_2 
_chem_comp_bond.value_order 
_chem_comp_bond.pdbx_aromatic_flag 
_chem_comp_bond.pdbx_stereo_config 
_chem_comp_bond.pdbx_ordinal 
ALA N   CA   sing N N 1   
ALA N   H    sing N N 2   
ALA N   H2   sing N N 3   
ALA CA  C    sing N N 4   
ALA CA  CB   sing N N 5   
ALA CA  HA   sing N N 6   
ALA C   O    doub N N 7   
ALA C   OXT  sing N N 8   
ALA CB  HB1  sing N N 9   
ALA CB  HB2  sing N N 10  
ALA CB  HB3  sing N N 11  
ALA OXT HXT  sing N N 12  
ARG N   CA   sing N N 13  
ARG N   H    sing N N 14  
ARG N   H2   sing N N 15  
ARG CA  C    sing N N 16  
ARG CA  CB   sing N N 17  
ARG CA  HA   sing N N 18  
ARG C   O    doub N N 19  
ARG C   OXT  sing N N 20  
ARG CB  CG   sing N N 21  
ARG CB  HB2  sing N N 22  
ARG CB  HB3  sing N N 23  
ARG CG  CD   sing N N 24  
ARG CG  HG2  sing N N 25  
ARG CG  HG3  sing N N 26  
ARG CD  NE   sing N N 27  
ARG CD  HD2  sing N N 28  
ARG CD  HD3  sing N N 29  
ARG NE  CZ   sing N N 30  
ARG NE  HE   sing N N 31  
ARG CZ  NH1  sing N N 32  
ARG CZ  NH2  doub N N 33  
ARG NH1 HH11 sing N N 34  
ARG NH1 HH12 sing N N 35  
ARG NH2 HH21 sing N N 36  
ARG NH2 HH22 sing N N 37  
ARG OXT HXT  sing N N 38  
ASN N   CA   sing N N 39  
ASN N   H    sing N N 40  
ASN N   H2   sing N N 41  
ASN CA  C    sing N N 42  
ASN CA  CB   sing N N 43  
ASN CA  HA   sing N N 44  
ASN C   O    doub N N 45  
ASN C   OXT  sing N N 46  
ASN CB  CG   sing N N 47  
ASN CB  HB2  sing N N 48  
ASN CB  HB3  sing N N 49  
ASN CG  OD1  doub N N 50  
ASN CG  ND2  sing N N 51  
ASN ND2 HD21 sing N N 52  
ASN ND2 HD22 sing N N 53  
ASN OXT HXT  sing N N 54  
ASP N   CA   sing N N 55  
ASP N   H    sing N N 56  
ASP N   H2   sing N N 57  
ASP CA  C    sing N N 58  
ASP CA  CB   sing N N 59  
ASP CA  HA   sing N N 60  
ASP C   O    doub N N 61  
ASP C   OXT  sing N N 62  
ASP CB  CG   sing N N 63  
ASP CB  HB2  sing N N 64  
ASP CB  HB3  sing N N 65  
ASP CG  OD1  doub N N 66  
ASP CG  OD2  sing N N 67  
ASP OD2 HD2  sing N N 68  
ASP OXT HXT  sing N N 69  
CYS N   CA   sing N N 70  
CYS N   H    sing N N 71  
CYS N   H2   sing N N 72  
CYS CA  C    sing N N 73  
CYS CA  CB   sing N N 74  
CYS CA  HA   sing N N 75  
CYS C   O    doub N N 76  
CYS C   OXT  sing N N 77  
CYS CB  SG   sing N N 78  
CYS CB  HB2  sing N N 79  
CYS CB  HB3  sing N N 80  
CYS SG  HG   sing N N 81  
CYS OXT HXT  sing N N 82  
GLN N   CA   sing N N 83  
GLN N   H    sing N N 84  
GLN N   H2   sing N N 85  
GLN CA  C    sing N N 86  
GLN CA  CB   sing N N 87  
GLN CA  HA   sing N N 88  
GLN C   O    doub N N 89  
GLN C   OXT  sing N N 90  
GLN CB  CG   sing N N 91  
GLN CB  HB2  sing N N 92  
GLN CB  HB3  sing N N 93  
GLN CG  CD   sing N N 94  
GLN CG  HG2  sing N N 95  
GLN CG  HG3  sing N N 96  
GLN CD  OE1  doub N N 97  
GLN CD  NE2  sing N N 98  
GLN NE2 HE21 sing N N 99  
GLN NE2 HE22 sing N N 100 
GLN OXT HXT  sing N N 101 
GLU N   CA   sing N N 102 
GLU N   H    sing N N 103 
GLU N   H2   sing N N 104 
GLU CA  C    sing N N 105 
GLU CA  CB   sing N N 106 
GLU CA  HA   sing N N 107 
GLU C   O    doub N N 108 
GLU C   OXT  sing N N 109 
GLU CB  CG   sing N N 110 
GLU CB  HB2  sing N N 111 
GLU CB  HB3  sing N N 112 
GLU CG  CD   sing N N 113 
GLU CG  HG2  sing N N 114 
GLU CG  HG3  sing N N 115 
GLU CD  OE1  doub N N 116 
GLU CD  OE2  sing N N 117 
GLU OE2 HE2  sing N N 118 
GLU OXT HXT  sing N N 119 
GLY N   CA   sing N N 120 
GLY N   H    sing N N 121 
GLY N   H2   sing N N 122 
GLY CA  C    sing N N 123 
GLY CA  HA2  sing N N 124 
GLY CA  HA3  sing N N 125 
GLY C   O    doub N N 126 
GLY C   OXT  sing N N 127 
GLY OXT HXT  sing N N 128 
HOH O   H1   sing N N 129 
HOH O   H2   sing N N 130 
ILE N   CA   sing N N 131 
ILE N   H    sing N N 132 
ILE N   H2   sing N N 133 
ILE CA  C    sing N N 134 
ILE CA  CB   sing N N 135 
ILE CA  HA   sing N N 136 
ILE C   O    doub N N 137 
ILE C   OXT  sing N N 138 
ILE CB  CG1  sing N N 139 
ILE CB  CG2  sing N N 140 
ILE CB  HB   sing N N 141 
ILE CG1 CD1  sing N N 142 
ILE CG1 HG12 sing N N 143 
ILE CG1 HG13 sing N N 144 
ILE CG2 HG21 sing N N 145 
ILE CG2 HG22 sing N N 146 
ILE CG2 HG23 sing N N 147 
ILE CD1 HD11 sing N N 148 
ILE CD1 HD12 sing N N 149 
ILE CD1 HD13 sing N N 150 
ILE OXT HXT  sing N N 151 
LEU N   CA   sing N N 152 
LEU N   H    sing N N 153 
LEU N   H2   sing N N 154 
LEU CA  C    sing N N 155 
LEU CA  CB   sing N N 156 
LEU CA  HA   sing N N 157 
LEU C   O    doub N N 158 
LEU C   OXT  sing N N 159 
LEU CB  CG   sing N N 160 
LEU CB  HB2  sing N N 161 
LEU CB  HB3  sing N N 162 
LEU CG  CD1  sing N N 163 
LEU CG  CD2  sing N N 164 
LEU CG  HG   sing N N 165 
LEU CD1 HD11 sing N N 166 
LEU CD1 HD12 sing N N 167 
LEU CD1 HD13 sing N N 168 
LEU CD2 HD21 sing N N 169 
LEU CD2 HD22 sing N N 170 
LEU CD2 HD23 sing N N 171 
LEU OXT HXT  sing N N 172 
LYS N   CA   sing N N 173 
LYS N   H    sing N N 174 
LYS N   H2   sing N N 175 
LYS CA  C    sing N N 176 
LYS CA  CB   sing N N 177 
LYS CA  HA   sing N N 178 
LYS C   O    doub N N 179 
LYS C   OXT  sing N N 180 
LYS CB  CG   sing N N 181 
LYS CB  HB2  sing N N 182 
LYS CB  HB3  sing N N 183 
LYS CG  CD   sing N N 184 
LYS CG  HG2  sing N N 185 
LYS CG  HG3  sing N N 186 
LYS CD  CE   sing N N 187 
LYS CD  HD2  sing N N 188 
LYS CD  HD3  sing N N 189 
LYS CE  NZ   sing N N 190 
LYS CE  HE2  sing N N 191 
LYS CE  HE3  sing N N 192 
LYS NZ  HZ1  sing N N 193 
LYS NZ  HZ2  sing N N 194 
LYS NZ  HZ3  sing N N 195 
LYS OXT HXT  sing N N 196 
MET N   CA   sing N N 197 
MET N   H    sing N N 198 
MET N   H2   sing N N 199 
MET CA  C    sing N N 200 
MET CA  CB   sing N N 201 
MET CA  HA   sing N N 202 
MET C   O    doub N N 203 
MET C   OXT  sing N N 204 
MET CB  CG   sing N N 205 
MET CB  HB2  sing N N 206 
MET CB  HB3  sing N N 207 
MET CG  SD   sing N N 208 
MET CG  HG2  sing N N 209 
MET CG  HG3  sing N N 210 
MET SD  CE   sing N N 211 
MET CE  HE1  sing N N 212 
MET CE  HE2  sing N N 213 
MET CE  HE3  sing N N 214 
MET OXT HXT  sing N N 215 
PHE N   CA   sing N N 216 
PHE N   H    sing N N 217 
PHE N   H2   sing N N 218 
PHE CA  C    sing N N 219 
PHE CA  CB   sing N N 220 
PHE CA  HA   sing N N 221 
PHE C   O    doub N N 222 
PHE C   OXT  sing N N 223 
PHE CB  CG   sing N N 224 
PHE CB  HB2  sing N N 225 
PHE CB  HB3  sing N N 226 
PHE CG  CD1  doub Y N 227 
PHE CG  CD2  sing Y N 228 
PHE CD1 CE1  sing Y N 229 
PHE CD1 HD1  sing N N 230 
PHE CD2 CE2  doub Y N 231 
PHE CD2 HD2  sing N N 232 
PHE CE1 CZ   doub Y N 233 
PHE CE1 HE1  sing N N 234 
PHE CE2 CZ   sing Y N 235 
PHE CE2 HE2  sing N N 236 
PHE CZ  HZ   sing N N 237 
PHE OXT HXT  sing N N 238 
PRO N   CA   sing N N 239 
PRO N   CD   sing N N 240 
PRO N   H    sing N N 241 
PRO CA  C    sing N N 242 
PRO CA  CB   sing N N 243 
PRO CA  HA   sing N N 244 
PRO C   O    doub N N 245 
PRO C   OXT  sing N N 246 
PRO CB  CG   sing N N 247 
PRO CB  HB2  sing N N 248 
PRO CB  HB3  sing N N 249 
PRO CG  CD   sing N N 250 
PRO CG  HG2  sing N N 251 
PRO CG  HG3  sing N N 252 
PRO CD  HD2  sing N N 253 
PRO CD  HD3  sing N N 254 
PRO OXT HXT  sing N N 255 
SER N   CA   sing N N 256 
SER N   H    sing N N 257 
SER N   H2   sing N N 258 
SER CA  C    sing N N 259 
SER CA  CB   sing N N 260 
SER CA  HA   sing N N 261 
SER C   O    doub N N 262 
SER C   OXT  sing N N 263 
SER CB  OG   sing N N 264 
SER CB  HB2  sing N N 265 
SER CB  HB3  sing N N 266 
SER OG  HG   sing N N 267 
SER OXT HXT  sing N N 268 
SO4 S   O1   doub N N 269 
SO4 S   O2   doub N N 270 
SO4 S   O3   sing N N 271 
SO4 S   O4   sing N N 272 
THR N   CA   sing N N 273 
THR N   H    sing N N 274 
THR N   H2   sing N N 275 
THR CA  C    sing N N 276 
THR CA  CB   sing N N 277 
THR CA  HA   sing N N 278 
THR C   O    doub N N 279 
THR C   OXT  sing N N 280 
THR CB  OG1  sing N N 281 
THR CB  CG2  sing N N 282 
THR CB  HB   sing N N 283 
THR OG1 HG1  sing N N 284 
THR CG2 HG21 sing N N 285 
THR CG2 HG22 sing N N 286 
THR CG2 HG23 sing N N 287 
THR OXT HXT  sing N N 288 
TRP N   CA   sing N N 289 
TRP N   H    sing N N 290 
TRP N   H2   sing N N 291 
TRP CA  C    sing N N 292 
TRP CA  CB   sing N N 293 
TRP CA  HA   sing N N 294 
TRP C   O    doub N N 295 
TRP C   OXT  sing N N 296 
TRP CB  CG   sing N N 297 
TRP CB  HB2  sing N N 298 
TRP CB  HB3  sing N N 299 
TRP CG  CD1  doub Y N 300 
TRP CG  CD2  sing Y N 301 
TRP CD1 NE1  sing Y N 302 
TRP CD1 HD1  sing N N 303 
TRP CD2 CE2  doub Y N 304 
TRP CD2 CE3  sing Y N 305 
TRP NE1 CE2  sing Y N 306 
TRP NE1 HE1  sing N N 307 
TRP CE2 CZ2  sing Y N 308 
TRP CE3 CZ3  doub Y N 309 
TRP CE3 HE3  sing N N 310 
TRP CZ2 CH2  doub Y N 311 
TRP CZ2 HZ2  sing N N 312 
TRP CZ3 CH2  sing Y N 313 
TRP CZ3 HZ3  sing N N 314 
TRP CH2 HH2  sing N N 315 
TRP OXT HXT  sing N N 316 
TYR N   CA   sing N N 317 
TYR N   H    sing N N 318 
TYR N   H2   sing N N 319 
TYR CA  C    sing N N 320 
TYR CA  CB   sing N N 321 
TYR CA  HA   sing N N 322 
TYR C   O    doub N N 323 
TYR C   OXT  sing N N 324 
TYR CB  CG   sing N N 325 
TYR CB  HB2  sing N N 326 
TYR CB  HB3  sing N N 327 
TYR CG  CD1  doub Y N 328 
TYR CG  CD2  sing Y N 329 
TYR CD1 CE1  sing Y N 330 
TYR CD1 HD1  sing N N 331 
TYR CD2 CE2  doub Y N 332 
TYR CD2 HD2  sing N N 333 
TYR CE1 CZ   doub Y N 334 
TYR CE1 HE1  sing N N 335 
TYR CE2 CZ   sing Y N 336 
TYR CE2 HE2  sing N N 337 
TYR CZ  OH   sing N N 338 
TYR OH  HH   sing N N 339 
TYR OXT HXT  sing N N 340 
VAL N   CA   sing N N 341 
VAL N   H    sing N N 342 
VAL N   H2   sing N N 343 
VAL CA  C    sing N N 344 
VAL CA  CB   sing N N 345 
VAL CA  HA   sing N N 346 
VAL C   O    doub N N 347 
VAL C   OXT  sing N N 348 
VAL CB  CG1  sing N N 349 
VAL CB  CG2  sing N N 350 
VAL CB  HB   sing N N 351 
VAL CG1 HG11 sing N N 352 
VAL CG1 HG12 sing N N 353 
VAL CG1 HG13 sing N N 354 
VAL CG2 HG21 sing N N 355 
VAL CG2 HG22 sing N N 356 
VAL CG2 HG23 sing N N 357 
VAL OXT HXT  sing N N 358 
# 
_pdbx_audit_support.funding_organization   'Fondazione con il Sud' 
_pdbx_audit_support.country                Italy 
_pdbx_audit_support.grant_number           'PDR-10 2011' 
_pdbx_audit_support.ordinal                1 
# 
_pdbx_initial_refinement_model.id               1 
_pdbx_initial_refinement_model.entity_id_list   ? 
_pdbx_initial_refinement_model.type             'experimental model' 
_pdbx_initial_refinement_model.source_name      PDB 
_pdbx_initial_refinement_model.accession_code   2O9U 
_pdbx_initial_refinement_model.details          ? 
# 
_atom_sites.entry_id                    5LC6 
_atom_sites.fract_transf_matrix[1][1]   0.00782131 
_atom_sites.fract_transf_matrix[1][2]   -0.00145386 
_atom_sites.fract_transf_matrix[1][3]   0.00124690 
_atom_sites.fract_transf_matrix[2][1]   -0.00654849 
_atom_sites.fract_transf_matrix[2][2]   -0.00934151 
_atom_sites.fract_transf_matrix[2][3]   0.03018406 
_atom_sites.fract_transf_matrix[3][1]   0.00346172 
_atom_sites.fract_transf_matrix[3][2]   -0.02180971 
_atom_sites.fract_transf_matrix[3][3]   -0.00599875 
_atom_sites.fract_transf_vector[1]      0.121372 
_atom_sites.fract_transf_vector[2]      -0.330086 
_atom_sites.fract_transf_vector[3]      1.583595 
# 
loop_
_atom_type.symbol 
C 
N 
O 
S 
# 
loop_
_atom_site.group_PDB 
_atom_site.id 
_atom_site.type_symbol 
_atom_site.label_atom_id 
_atom_site.label_alt_id 
_atom_site.label_comp_id 
_atom_site.label_asym_id 
_atom_site.label_entity_id 
_atom_site.label_seq_id 
_atom_site.pdbx_PDB_ins_code 
_atom_site.Cartn_x 
_atom_site.Cartn_y 
_atom_site.Cartn_z 
_atom_site.occupancy 
_atom_site.B_iso_or_equiv 
_atom_site.pdbx_formal_charge 
_atom_site.auth_seq_id 
_atom_site.auth_comp_id 
_atom_site.auth_asym_id 
_atom_site.auth_atom_id 
_atom_site.pdbx_PDB_model_num 
ATOM   1    N N   . GLY A 1 1  ? -7.660  11.441  -8.760  1.00 38.72 ? 1   GLY A N   1 
ATOM   2    C CA  . GLY A 1 1  ? -6.223  11.423  -8.370  1.00 32.37 ? 1   GLY A CA  1 
ATOM   3    C C   . GLY A 1 1  ? -5.395  10.509  -9.279  1.00 31.47 ? 1   GLY A C   1 
ATOM   4    O O   . GLY A 1 1  ? -5.940  9.694   -10.004 1.00 32.24 ? 1   GLY A O   1 
ATOM   5    N N   . GLU A 1 2  ? -4.097  10.675  -9.205  1.00 25.16 ? 2   GLU A N   1 
ATOM   6    C CA  A GLU A 1 2  ? -3.144  9.761   -9.875  0.51 24.00 ? 2   GLU A CA  1 
ATOM   7    C CA  B GLU A 1 2  ? -3.089  9.852   -9.893  0.49 23.24 ? 2   GLU A CA  1 
ATOM   8    C C   . GLU A 1 2  ? -2.064  9.380   -8.873  1.00 20.05 ? 2   GLU A C   1 
ATOM   9    O O   . GLU A 1 2  ? -1.566  10.203  -8.177  1.00 18.96 ? 2   GLU A O   1 
ATOM   10   C CB  A GLU A 1 2  ? -2.504  10.362  -11.109 0.51 28.39 ? 2   GLU A CB  1 
ATOM   11   C CB  B GLU A 1 2  ? -2.352  10.751  -10.865 0.49 25.62 ? 2   GLU A CB  1 
ATOM   12   C CG  A GLU A 1 2  ? -2.058  11.794  -10.949 0.51 29.99 ? 2   GLU A CG  1 
ATOM   13   C CG  B GLU A 1 2  ? -1.563  10.004  -11.926 0.49 27.98 ? 2   GLU A CG  1 
ATOM   14   C CD  A GLU A 1 2  ? -1.102  12.160  -12.044 0.51 33.09 ? 2   GLU A CD  1 
ATOM   15   C CD  B GLU A 1 2  ? -2.465  9.276   -12.916 0.49 31.12 ? 2   GLU A CD  1 
ATOM   16   O OE1 A GLU A 1 2  ? -1.574  12.243  -13.170 0.51 30.46 ? 2   GLU A OE1 1 
ATOM   17   O OE1 B GLU A 1 2  ? -3.026  8.206   -12.551 0.49 33.72 ? 2   GLU A OE1 1 
ATOM   18   O OE2 A GLU A 1 2  ? 0.124   12.297  -11.774 0.51 35.38 ? 2   GLU A OE2 1 
ATOM   19   O OE2 B GLU A 1 2  ? -2.568  9.760   -14.072 0.49 32.27 ? 2   GLU A OE2 1 
ATOM   20   N N   . TRP A 1 3  ? -1.785  8.083   -8.798  1.00 15.63 ? 3   TRP A N   1 
ATOM   21   C CA  . TRP A 1 3  ? -0.745  7.583   -7.906  1.00 14.64 ? 3   TRP A CA  1 
ATOM   22   C C   . TRP A 1 3  ? 0.569   7.398   -8.645  1.00 15.07 ? 3   TRP A C   1 
ATOM   23   O O   . TRP A 1 3  ? 0.610   6.953   -9.791  1.00 15.19 ? 3   TRP A O   1 
ATOM   24   C CB  . TRP A 1 3  ? -1.154  6.237   -7.307  1.00 17.28 ? 3   TRP A CB  1 
ATOM   25   C CG  . TRP A 1 3  ? -2.268  6.294   -6.247  1.00 14.31 ? 3   TRP A CG  1 
ATOM   26   C CD1 . TRP A 1 3  ? -3.586  6.144   -6.442  1.00 16.32 ? 3   TRP A CD1 1 
ATOM   27   C CD2 . TRP A 1 3  ? -2.082  6.505   -4.890  1.00 15.88 ? 3   TRP A CD2 1 
ATOM   28   N NE1 . TRP A 1 3  ? -4.252  6.286   -5.267  1.00 15.33 ? 3   TRP A NE1 1 
ATOM   29   C CE2 . TRP A 1 3  ? -3.338  6.479   -4.288  1.00 15.68 ? 3   TRP A CE2 1 
ATOM   30   C CE3 . TRP A 1 3  ? -0.961  6.721   -4.100  1.00 16.01 ? 3   TRP A CE3 1 
ATOM   31   C CZ2 . TRP A 1 3  ? -3.503  6.629   -2.912  1.00 17.48 ? 3   TRP A CZ2 1 
ATOM   32   C CZ3 . TRP A 1 3  ? -1.130  6.921   -2.780  1.00 18.48 ? 3   TRP A CZ3 1 
ATOM   33   C CH2 . TRP A 1 3  ? -2.412  6.853   -2.182  1.00 18.66 ? 3   TRP A CH2 1 
ATOM   34   N N   . GLU A 1 4  ? 1.680   7.643   -7.957  1.00 13.34 ? 4   GLU A N   1 
ATOM   35   C CA  . GLU A 1 4  ? 3.010   7.358   -8.499  1.00 13.95 ? 4   GLU A CA  1 
ATOM   36   C C   . GLU A 1 4  ? 3.911   6.874   -7.434  1.00 13.73 ? 4   GLU A C   1 
ATOM   37   O O   . GLU A 1 4  ? 3.702   7.209   -6.278  1.00 13.56 ? 4   GLU A O   1 
ATOM   38   C CB  . GLU A 1 4  ? 3.666   8.658   -9.071  1.00 14.23 ? 4   GLU A CB  1 
ATOM   39   C CG  . GLU A 1 4  ? 2.854   9.346   -10.093 1.00 15.76 ? 4   GLU A CG  1 
ATOM   40   C CD  . GLU A 1 4  ? 2.629   8.549   -11.397 1.00 17.36 ? 4   GLU A CD  1 
ATOM   41   O OE1 . GLU A 1 4  ? 3.305   7.550   -11.650 1.00 18.28 ? 4   GLU A OE1 1 
ATOM   42   O OE2 . GLU A 1 4  ? 1.655   8.946   -12.138 1.00 19.44 ? 4   GLU A OE2 1 
ATOM   43   N N   . ILE A 1 5  ? 4.901   6.053   -7.796  1.00 13.90 ? 5   ILE A N   1 
ATOM   44   C CA  . ILE A 1 5  ? 5.934   5.633   -6.871  1.00 14.17 ? 5   ILE A CA  1 
ATOM   45   C C   . ILE A 1 5  ? 6.906   6.796   -6.658  1.00 13.87 ? 5   ILE A C   1 
ATOM   46   O O   . ILE A 1 5  ? 7.274   7.484   -7.604  1.00 13.61 ? 5   ILE A O   1 
ATOM   47   C CB  . ILE A 1 5  ? 6.760   4.414   -7.370  1.00 19.04 ? 5   ILE A CB  1 
ATOM   48   C CG1 . ILE A 1 5  ? 5.852   3.198   -7.603  1.00 19.11 ? 5   ILE A CG1 1 
ATOM   49   C CG2 . ILE A 1 5  ? 7.898   4.063   -6.436  1.00 19.01 ? 5   ILE A CG2 1 
ATOM   50   C CD1 . ILE A 1 5  ? 5.069   2.709   -6.389  1.00 20.82 ? 5   ILE A CD1 1 
ATOM   51   N N   . ILE A 1 6  ? 7.273   7.026   -5.413  1.00 14.43 ? 6   ILE A N   1 
ATOM   52   C CA  . ILE A 1 6  ? 8.335   7.994   -5.087  1.00 13.49 ? 6   ILE A CA  1 
ATOM   53   C C   . ILE A 1 6  ? 9.482   7.256   -4.408  1.00 14.21 ? 6   ILE A C   1 
ATOM   54   O O   . ILE A 1 6  ? 9.295   6.175   -3.837  1.00 14.02 ? 6   ILE A O   1 
ATOM   55   C CB  . ILE A 1 6  ? 7.820   9.203   -4.318  1.00 13.61 ? 6   ILE A CB  1 
ATOM   56   C CG1 . ILE A 1 6  ? 7.369   8.803   -2.943  1.00 13.46 ? 6   ILE A CG1 1 
ATOM   57   C CG2 . ILE A 1 6  ? 6.679   9.886   -5.070  1.00 14.20 ? 6   ILE A CG2 1 
ATOM   58   C CD1 . ILE A 1 6  ? 7.132   10.019  -2.093  1.00 15.32 ? 6   ILE A CD1 1 
ATOM   59   N N   . ASP A 1 7  ? 10.678  7.769   -4.558  1.00 14.19 ? 7   ASP A N   1 
ATOM   60   C CA  . ASP A 1 7  ? 11.807  7.143   -3.879  1.00 16.85 ? 7   ASP A CA  1 
ATOM   61   C C   . ASP A 1 7  ? 11.804  7.430   -2.357  1.00 16.62 ? 7   ASP A C   1 
ATOM   62   O O   . ASP A 1 7  ? 10.998  8.205   -1.869  1.00 15.95 ? 7   ASP A O   1 
ATOM   63   C CB  . ASP A 1 7  ? 13.112  7.623   -4.541  1.00 19.92 ? 7   ASP A CB  1 
ATOM   64   C CG  . ASP A 1 7  ? 14.254  6.539   -4.492  1.00 24.23 ? 7   ASP A CG  1 
ATOM   65   O OD1 . ASP A 1 7  ? 14.289  5.557   -3.656  1.00 23.31 ? 7   ASP A OD1 1 
ATOM   66   O OD2 . ASP A 1 7  ? 15.163  6.624   -5.384  1.00 24.92 ? 7   ASP A OD2 1 
ATOM   67   N N   . ILE A 1 8  ? 12.727  6.787   -1.615  1.00 16.52 ? 8   ILE A N   1 
ATOM   68   C CA  . ILE A 1 8  ? 12.771  6.857   -0.181  1.00 16.72 ? 8   ILE A CA  1 
ATOM   69   C C   . ILE A 1 8  ? 13.960  7.636   0.347   1.00 16.27 ? 8   ILE A C   1 
ATOM   70   O O   . ILE A 1 8  ? 14.509  7.301   1.403   1.00 16.04 ? 8   ILE A O   1 
ATOM   71   C CB  . ILE A 1 8  ? 12.746  5.432   0.467   1.00 17.16 ? 8   ILE A CB  1 
ATOM   72   C CG1 . ILE A 1 8  ? 13.921  4.559   -0.011  1.00 18.93 ? 8   ILE A CG1 1 
ATOM   73   C CG2 . ILE A 1 8  ? 11.416  4.783   0.152   1.00 21.59 ? 8   ILE A CG2 1 
ATOM   74   C CD1 . ILE A 1 8  ? 14.255  3.375   0.888   1.00 19.04 ? 8   ILE A CD1 1 
ATOM   75   N N   . GLY A 1 9  ? 14.293  8.710   -0.361  1.00 14.50 ? 9   GLY A N   1 
ATOM   76   C CA  . GLY A 1 9  ? 15.309  9.650   0.089   1.00 17.21 ? 9   GLY A CA  1 
ATOM   77   C C   . GLY A 1 9  ? 14.928  10.514  1.290   1.00 15.15 ? 9   GLY A C   1 
ATOM   78   O O   . GLY A 1 9  ? 13.894  10.297  1.937   1.00 14.05 ? 9   GLY A O   1 
ATOM   79   N N   . PRO A 1 10 ? 15.805  11.496  1.600   1.00 17.10 ? 10  PRO A N   1 
ATOM   80   C CA  . PRO A 1 10 ? 15.657  12.246  2.829   1.00 17.27 ? 10  PRO A CA  1 
ATOM   81   C C   . PRO A 1 10 ? 14.299  12.875  2.992   1.00 16.28 ? 10  PRO A C   1 
ATOM   82   O O   . PRO A 1 10 ? 13.780  12.876  4.108   1.00 15.32 ? 10  PRO A O   1 
ATOM   83   C CB  . PRO A 1 10 ? 16.711  13.326  2.699   1.00 17.85 ? 10  PRO A CB  1 
ATOM   84   C CG  . PRO A 1 10 ? 17.811  12.674  1.927   1.00 18.12 ? 10  PRO A CG  1 
ATOM   85   C CD  . PRO A 1 10 ? 17.134  11.745  0.958   1.00 19.02 ? 10  PRO A CD  1 
ATOM   86   N N   . PHE A 1 11 ? 13.754  13.461  1.940   1.00 16.30 ? 11  PHE A N   1 
ATOM   87   C CA  . PHE A 1 11 ? 12.415  14.045  2.091   1.00 15.79 ? 11  PHE A CA  1 
ATOM   88   C C   . PHE A 1 11 ? 11.374  13.006  2.547   1.00 14.39 ? 11  PHE A C   1 
ATOM   89   O O   . PHE A 1 11 ? 10.516  13.283  3.380   1.00 14.33 ? 11  PHE A O   1 
ATOM   90   C CB  . PHE A 1 11 ? 12.008  14.702  0.813   1.00 17.26 ? 11  PHE A CB  1 
ATOM   91   C CG  . PHE A 1 11 ? 10.648  15.299  0.832   1.00 20.19 ? 11  PHE A CG  1 
ATOM   92   C CD1 . PHE A 1 11 ? 9.564   14.585  0.472   1.00 22.25 ? 11  PHE A CD1 1 
ATOM   93   C CD2 . PHE A 1 11 ? 10.503  16.662  1.124   1.00 25.91 ? 11  PHE A CD2 1 
ATOM   94   C CE1 . PHE A 1 11 ? 8.295   15.165  0.429   1.00 25.07 ? 11  PHE A CE1 1 
ATOM   95   C CE2 . PHE A 1 11 ? 9.240   17.257  1.098   1.00 27.14 ? 11  PHE A CE2 1 
ATOM   96   C CZ  . PHE A 1 11 ? 8.145   16.480  0.755   1.00 27.66 ? 11  PHE A CZ  1 
ATOM   97   N N   . THR A 1 12 ? 11.425  11.843  1.945   1.00 12.92 ? 12  THR A N   1 
ATOM   98   C CA  . THR A 1 12 ? 10.491  10.759  2.267   1.00 13.54 ? 12  THR A CA  1 
ATOM   99   C C   . THR A 1 12 ? 10.731  10.254  3.700   1.00 11.98 ? 12  THR A C   1 
ATOM   100  O O   . THR A 1 12 ? 9.813   10.071  4.452   1.00 12.43 ? 12  THR A O   1 
ATOM   101  C CB  . THR A 1 12 ? 10.567  9.640   1.221   1.00 13.49 ? 12  THR A CB  1 
ATOM   102  O OG1 . THR A 1 12 ? 10.331  10.147  -0.093  1.00 16.70 ? 12  THR A OG1 1 
ATOM   103  C CG2 . THR A 1 12 ? 9.516   8.561   1.530   1.00 14.68 ? 12  THR A CG2 1 
ATOM   104  N N   . GLN A 1 13 ? 11.987  10.065  4.087   1.00 12.31 ? 13  GLN A N   1 
ATOM   105  C CA  . GLN A 1 13 ? 12.320  9.721   5.448   1.00 11.08 ? 13  GLN A CA  1 
ATOM   106  C C   . GLN A 1 13 ? 11.747  10.760  6.434   1.00 12.83 ? 13  GLN A C   1 
ATOM   107  O O   . GLN A 1 13 ? 11.177  10.377  7.461   1.00 13.94 ? 13  GLN A O   1 
ATOM   108  C CB  . GLN A 1 13 ? 13.817  9.556   5.648   1.00 12.80 ? 13  GLN A CB  1 
ATOM   109  C CG  . GLN A 1 13 ? 14.393  8.422   4.763   1.00 14.02 ? 13  GLN A CG  1 
ATOM   110  C CD  . GLN A 1 13 ? 13.794  7.060   5.022   1.00 13.17 ? 13  GLN A CD  1 
ATOM   111  O OE1 . GLN A 1 13 ? 13.494  6.687   6.147   1.00 14.23 ? 13  GLN A OE1 1 
ATOM   112  N NE2 . GLN A 1 13 ? 13.670  6.281   3.963   1.00 12.83 ? 13  GLN A NE2 1 
ATOM   113  N N   . ASN A 1 14 ? 11.889  12.039  6.087   1.00 13.12 ? 14  ASN A N   1 
ATOM   114  C CA  . ASN A 1 14 ? 11.416  13.128  6.940   1.00 14.90 ? 14  ASN A CA  1 
ATOM   115  C C   . ASN A 1 14 ? 9.896   13.106  7.043   1.00 13.52 ? 14  ASN A C   1 
ATOM   116  O O   . ASN A 1 14 ? 9.323   13.397  8.131   1.00 12.43 ? 14  ASN A O   1 
ATOM   117  C CB  . ASN A 1 14 ? 11.925  14.468  6.484   1.00 18.57 ? 14  ASN A CB  1 
ATOM   118  C CG  . ASN A 1 14 ? 13.395  14.679  6.890   1.00 24.11 ? 14  ASN A CG  1 
ATOM   119  O OD1 . ASN A 1 14 ? 13.850  14.101  7.865   1.00 33.59 ? 14  ASN A OD1 1 
ATOM   120  N ND2 . ASN A 1 14 ? 14.119  15.415  6.129   1.00 31.20 ? 14  ASN A ND2 1 
ATOM   121  N N   . LEU A 1 15 ? 9.237   12.697  5.973   1.00 12.30 ? 15  LEU A N   1 
ATOM   122  C CA  . LEU A 1 15 ? 7.737   12.453  6.091   1.00 14.39 ? 15  LEU A CA  1 
ATOM   123  C C   . LEU A 1 15 ? 7.420   11.327  7.076   1.00 11.95 ? 15  LEU A C   1 
ATOM   124  O O   . LEU A 1 15 ? 6.455   11.399  7.799   1.00 12.81 ? 15  LEU A O   1 
ATOM   125  C CB  . LEU A 1 15 ? 7.116   12.155  4.741   1.00 14.32 ? 15  LEU A CB  1 
ATOM   126  C CG  . LEU A 1 15 ? 6.865   13.370  3.864   1.00 19.60 ? 15  LEU A CG  1 
ATOM   127  C CD1 . LEU A 1 15 ? 6.593   12.882  2.447   1.00 21.24 ? 15  LEU A CD1 1 
ATOM   128  C CD2 . LEU A 1 15 ? 5.668   14.160  4.350   1.00 20.30 ? 15  LEU A CD2 1 
ATOM   129  N N   . GLY A 1 16 ? 8.193   10.250  7.016   1.00 13.19 ? 16  GLY A N   1 
ATOM   130  C CA  . GLY A 1 16 ? 8.097   9.147   7.960   1.00 13.20 ? 16  GLY A CA  1 
ATOM   131  C C   . GLY A 1 16 ? 8.268   9.616   9.415   1.00 14.23 ? 16  GLY A C   1 
ATOM   132  O O   . GLY A 1 16 ? 7.537   9.203   10.328  1.00 13.22 ? 16  GLY A O   1 
ATOM   133  N N   . LYS A 1 17 ? 9.274   10.433  9.624   1.00 12.62 ? 17  LYS A N   1 
ATOM   134  C CA  . LYS A 1 17 ? 9.515   10.990  10.968  1.00 15.27 ? 17  LYS A CA  1 
ATOM   135  C C   . LYS A 1 17 ? 8.376   11.824  11.452  1.00 13.74 ? 17  LYS A C   1 
ATOM   136  O O   . LYS A 1 17 ? 8.001   11.765  12.646  1.00 13.07 ? 17  LYS A O   1 
ATOM   137  C CB  . LYS A 1 17 ? 10.769  11.817  10.997  1.00 18.31 ? 17  LYS A CB  1 
ATOM   138  C CG  . LYS A 1 17 ? 11.971  10.957  10.804  1.00 25.44 ? 17  LYS A CG  1 
ATOM   139  C CD  . LYS A 1 17 ? 13.252  11.817  10.685  1.00 31.09 ? 17  LYS A CD  1 
ATOM   140  C CE  . LYS A 1 17 ? 14.494  10.934  10.597  1.00 37.31 ? 17  LYS A CE  1 
ATOM   141  N NZ  . LYS A 1 17 ? 15.583  11.609  9.857   1.00 40.23 ? 17  LYS A NZ  1 
ATOM   142  N N   . PHE A 1 18 ? 7.860   12.644  10.553  1.00 13.51 ? 18  PHE A N   1 
ATOM   143  C CA  . PHE A 1 18 ? 6.654   13.407  10.780  1.00 13.24 ? 18  PHE A CA  1 
ATOM   144  C C   . PHE A 1 18 ? 5.491   12.539  11.226  1.00 12.68 ? 18  PHE A C   1 
ATOM   145  O O   . PHE A 1 18 ? 4.845   12.861  12.258  1.00 11.82 ? 18  PHE A O   1 
ATOM   146  C CB  . PHE A 1 18 ? 6.268   14.233  9.546   1.00 15.56 ? 18  PHE A CB  1 
ATOM   147  C CG  . PHE A 1 18 ? 4.927   14.911  9.656   1.00 16.13 ? 18  PHE A CG  1 
ATOM   148  C CD1 . PHE A 1 18 ? 4.778   16.064  10.377  1.00 17.58 ? 18  PHE A CD1 1 
ATOM   149  C CD2 . PHE A 1 18 ? 3.833   14.382  9.040   1.00 15.79 ? 18  PHE A CD2 1 
ATOM   150  C CE1 . PHE A 1 18 ? 3.535   16.688  10.462  1.00 16.46 ? 18  PHE A CE1 1 
ATOM   151  C CE2 . PHE A 1 18 ? 2.571   14.969  9.157   1.00 18.58 ? 18  PHE A CE2 1 
ATOM   152  C CZ  . PHE A 1 18 ? 2.443   16.129  9.849   1.00 18.69 ? 18  PHE A CZ  1 
ATOM   153  N N   . ALA A 1 19 ? 5.226   11.452  10.494  1.00 12.44 ? 19  ALA A N   1 
ATOM   154  C CA  . ALA A 1 19 ? 4.135   10.551  10.837  1.00 12.73 ? 19  ALA A CA  1 
ATOM   155  C C   . ALA A 1 19 ? 4.322   10.001  12.241  1.00 12.23 ? 19  ALA A C   1 
ATOM   156  O O   . ALA A 1 19 ? 3.403   9.988   12.999  1.00 12.63 ? 19  ALA A O   1 
ATOM   157  C CB  . ALA A 1 19 ? 4.005   9.420   9.827   1.00 14.56 ? 19  ALA A CB  1 
ATOM   158  N N   . VAL A 1 20 ? 5.536   9.574   12.595  1.00 12.15 ? 20  VAL A N   1 
ATOM   159  C CA  . VAL A 1 20 ? 5.763   8.948   13.910  1.00 13.67 ? 20  VAL A CA  1 
ATOM   160  C C   . VAL A 1 20 ? 5.601   10.008  14.982  1.00 14.46 ? 20  VAL A C   1 
ATOM   161  O O   . VAL A 1 20 ? 4.934   9.765   16.008  1.00 14.38 ? 20  VAL A O   1 
ATOM   162  C CB  . VAL A 1 20 ? 7.152   8.260   13.948  1.00 13.81 ? 20  VAL A CB  1 
ATOM   163  C CG1 . VAL A 1 20 ? 7.506   7.849   15.371  1.00 14.95 ? 20  VAL A CG1 1 
ATOM   164  C CG2 . VAL A 1 20 ? 7.148   7.004   13.055  1.00 15.70 ? 20  VAL A CG2 1 
ATOM   165  N N   . ASP A 1 21 ? 6.248   11.163  14.766  1.00 14.70 ? 21  ASP A N   1 
ATOM   166  C CA  . ASP A 1 21 ? 6.083   12.284  15.711  1.00 17.36 ? 21  ASP A CA  1 
ATOM   167  C C   . ASP A 1 21 ? 4.613   12.649  15.937  1.00 16.25 ? 21  ASP A C   1 
ATOM   168  O O   . ASP A 1 21 ? 4.196   12.880  17.112  1.00 14.74 ? 21  ASP A O   1 
ATOM   169  C CB  . ASP A 1 21 ? 6.809   13.527  15.273  1.00 19.78 ? 21  ASP A CB  1 
ATOM   170  C CG  . ASP A 1 21 ? 8.330   13.418  15.380  1.00 23.43 ? 21  ASP A CG  1 
ATOM   171  O OD1 . ASP A 1 21 ? 8.865   12.514  16.065  1.00 24.67 ? 21  ASP A OD1 1 
ATOM   172  O OD2 . ASP A 1 21 ? 8.987   14.229  14.656  1.00 25.42 ? 21  ASP A OD2 1 
ATOM   173  N N   . GLU A 1 22 ? 3.830   12.755  14.869  1.00 15.77 ? 22  GLU A N   1 
ATOM   174  C CA  . GLU A 1 22 ? 2.417   13.043  14.991  1.00 17.64 ? 22  GLU A CA  1 
ATOM   175  C C   . GLU A 1 22 ? 1.711   11.907  15.762  1.00 17.52 ? 22  GLU A C   1 
ATOM   176  O O   . GLU A 1 22 ? 0.931   12.182  16.676  1.00 18.40 ? 22  GLU A O   1 
ATOM   177  C CB  . GLU A 1 22 ? 1.738   13.232  13.660  1.00 19.38 ? 22  GLU A CB  1 
ATOM   178  C CG  . GLU A 1 22 ? 2.150   14.494  12.899  1.00 20.41 ? 22  GLU A CG  1 
ATOM   179  C CD  . GLU A 1 22 ? 1.681   15.775  13.627  1.00 24.70 ? 22  GLU A CD  1 
ATOM   180  O OE1 . GLU A 1 22 ? 0.514   16.150  13.521  1.00 23.63 ? 22  GLU A OE1 1 
ATOM   181  O OE2 . GLU A 1 22 ? 2.458   16.366  14.359  1.00 22.56 ? 22  GLU A OE2 1 
ATOM   182  N N   . GLU A 1 23 ? 2.008   10.664  15.370  1.00 15.34 ? 23  GLU A N   1 
ATOM   183  C CA  . GLU A 1 23 ? 1.379   9.533   16.091  1.00 15.69 ? 23  GLU A CA  1 
ATOM   184  C C   . GLU A 1 23 ? 1.746   9.513   17.576  1.00 16.50 ? 23  GLU A C   1 
ATOM   185  O O   . GLU A 1 23 ? 0.923   9.164   18.439  1.00 18.92 ? 23  GLU A O   1 
ATOM   186  C CB  . GLU A 1 23 ? 1.683   8.179   15.407  1.00 15.82 ? 23  GLU A CB  1 
ATOM   187  C CG  . GLU A 1 23 ? 0.804   7.048   15.892  1.00 18.73 ? 23  GLU A CG  1 
ATOM   188  C CD  . GLU A 1 23 ? -0.686  7.296   15.738  1.00 22.35 ? 23  GLU A CD  1 
ATOM   189  O OE1 . GLU A 1 23 ? -1.115  7.915   14.751  1.00 21.71 ? 23  GLU A OE1 1 
ATOM   190  O OE2 . GLU A 1 23 ? -1.411  7.043   16.723  1.00 27.98 ? 23  GLU A OE2 1 
ATOM   191  N N   . ASN A 1 24 ? 2.951   9.916   17.895  1.00 14.99 ? 24  ASN A N   1 
ATOM   192  C CA  . ASN A 1 24 ? 3.365   9.903   19.286  1.00 16.52 ? 24  ASN A CA  1 
ATOM   193  C C   . ASN A 1 24 ? 2.615   10.981  20.105  1.00 20.06 ? 24  ASN A C   1 
ATOM   194  O O   . ASN A 1 24 ? 2.246   10.743  21.286  1.00 20.44 ? 24  ASN A O   1 
ATOM   195  C CB  . ASN A 1 24 ? 4.832   10.109  19.396  1.00 15.74 ? 24  ASN A CB  1 
ATOM   196  C CG  . ASN A 1 24 ? 5.620   8.851   19.206  1.00 17.39 ? 24  ASN A CG  1 
ATOM   197  O OD1 . ASN A 1 24 ? 5.086   7.772   19.272  1.00 18.87 ? 24  ASN A OD1 1 
ATOM   198  N ND2 . ASN A 1 24 ? 6.899   8.984   18.965  1.00 16.31 ? 24  ASN A ND2 1 
ATOM   199  N N   . LYS A 1 25 ? 2.315   12.124  19.476  1.00 19.72 ? 25  LYS A N   1 
ATOM   200  C CA  . LYS A 1 25 ? 1.429   13.122  20.108  1.00 21.93 ? 25  LYS A CA  1 
ATOM   201  C C   . LYS A 1 25 ? -0.018  12.609  20.239  1.00 22.06 ? 25  LYS A C   1 
ATOM   202  O O   . LYS A 1 25 ? -0.683  12.896  21.281  1.00 23.33 ? 25  LYS A O   1 
ATOM   203  C CB  . LYS A 1 25 ? 1.408   14.445  19.311  1.00 22.03 ? 25  LYS A CB  1 
ATOM   204  C CG  . LYS A 1 25 ? 2.750   15.118  19.310  1.00 24.56 ? 25  LYS A CG  1 
ATOM   205  C CD  . LYS A 1 25 ? 2.917   16.435  18.513  1.00 28.54 ? 25  LYS A CD  1 
ATOM   206  C CE  . LYS A 1 25 ? 4.383   16.850  18.399  1.00 33.45 ? 25  LYS A CE  1 
ATOM   207  N NZ  . LYS A 1 25 ? 4.621   17.962  17.461  1.00 40.16 ? 25  LYS A NZ  1 
ATOM   208  N N   . ILE A 1 26 ? -0.500  11.863  19.255  1.00 18.79 ? 26  ILE A N   1 
ATOM   209  C CA  . ILE A 1 26 ? -1.825  11.281  19.267  1.00 21.53 ? 26  ILE A CA  1 
ATOM   210  C C   . ILE A 1 26 ? -1.898  10.205  20.402  1.00 23.07 ? 26  ILE A C   1 
ATOM   211  O O   . ILE A 1 26 ? -2.781  10.295  21.251  1.00 25.46 ? 26  ILE A O   1 
ATOM   212  C CB  . ILE A 1 26 ? -2.241  10.722  17.906  1.00 23.56 ? 26  ILE A CB  1 
ATOM   213  C CG1 . ILE A 1 26 ? -2.415  11.879  16.903  1.00 25.94 ? 26  ILE A CG1 1 
ATOM   214  C CG2 . ILE A 1 26 ? -3.546  9.923   17.935  1.00 24.92 ? 26  ILE A CG2 1 
ATOM   215  C CD1 . ILE A 1 26 ? -2.426  11.395  15.471  1.00 26.69 ? 26  ILE A CD1 1 
ATOM   216  N N   . GLY A 1 27 ? -0.930  9.278   20.441  1.00 16.98 ? 27  GLY A N   1 
ATOM   217  C CA  . GLY A 1 27 ? -0.750  8.379   21.523  1.00 18.56 ? 27  GLY A CA  1 
ATOM   218  C C   . GLY A 1 27 ? -1.373  6.982   21.378  1.00 17.65 ? 27  GLY A C   1 
ATOM   219  O O   . GLY A 1 27 ? -1.267  6.183   22.318  1.00 20.04 ? 27  GLY A O   1 
ATOM   220  N N   . LYS A 1 28 ? -1.942  6.658   20.220  1.00 17.32 ? 28  LYS A N   1 
ATOM   221  C CA  . LYS A 1 28 ? -2.652  5.375   20.059  1.00 18.51 ? 28  LYS A CA  1 
ATOM   222  C C   . LYS A 1 28 ? -1.777  4.133   20.287  1.00 17.61 ? 28  LYS A C   1 
ATOM   223  O O   . LYS A 1 28 ? -2.240  3.135   20.853  1.00 17.12 ? 28  LYS A O   1 
ATOM   224  C CB  . LYS A 1 28 ? -3.283  5.254   18.666  1.00 21.53 ? 28  LYS A CB  1 
ATOM   225  C CG  . LYS A 1 28 ? -4.447  6.180   18.463  1.00 28.76 ? 28  LYS A CG  1 
ATOM   226  C CD  . LYS A 1 28 ? -5.001  6.018   17.071  1.00 34.47 ? 28  LYS A CD  1 
ATOM   227  C CE  . LYS A 1 28 ? -6.004  7.125   16.766  1.00 40.96 ? 28  LYS A CE  1 
ATOM   228  N NZ  . LYS A 1 28 ? -6.711  6.939   15.462  1.00 38.16 ? 28  LYS A NZ  1 
ATOM   229  N N   . TYR A 1 29 ? -0.480  4.266   19.953  1.00 15.03 ? 29  TYR A N   1 
ATOM   230  C CA  . TYR A 1 29 ? 0.478   3.242   20.090  1.00 15.48 ? 29  TYR A CA  1 
ATOM   231  C C   . TYR A 1 29 ? 1.486   3.406   21.196  1.00 15.13 ? 29  TYR A C   1 
ATOM   232  O O   . TYR A 1 29 ? 2.503   2.651   21.230  1.00 17.62 ? 29  TYR A O   1 
ATOM   233  C CB  . TYR A 1 29 ? 1.235   3.061   18.763  1.00 17.35 ? 29  TYR A CB  1 
ATOM   234  C CG  . TYR A 1 29 ? 0.385   2.580   17.673  1.00 18.59 ? 29  TYR A CG  1 
ATOM   235  C CD1 . TYR A 1 29 ? 0.173   1.198   17.490  1.00 16.54 ? 29  TYR A CD1 1 
ATOM   236  C CD2 . TYR A 1 29 ? -0.277  3.470   16.857  1.00 19.66 ? 29  TYR A CD2 1 
ATOM   237  C CE1 . TYR A 1 29 ? -0.660  0.741   16.490  1.00 17.77 ? 29  TYR A CE1 1 
ATOM   238  C CE2 . TYR A 1 29 ? -1.122  3.013   15.847  1.00 22.78 ? 29  TYR A CE2 1 
ATOM   239  C CZ  . TYR A 1 29 ? -1.290  1.645   15.648  1.00 17.73 ? 29  TYR A CZ  1 
ATOM   240  O OH  . TYR A 1 29 ? -2.123  1.244   14.625  1.00 18.84 ? 29  TYR A OH  1 
ATOM   241  N N   . GLY A 1 30 ? 1.265   4.367   22.079  1.00 14.38 ? 30  GLY A N   1 
ATOM   242  C CA  . GLY A 1 30 ? 2.233   4.687   23.097  1.00 16.83 ? 30  GLY A CA  1 
ATOM   243  C C   . GLY A 1 30 ? 3.394   5.359   22.424  1.00 17.88 ? 30  GLY A C   1 
ATOM   244  O O   . GLY A 1 30 ? 3.161   6.066   21.457  1.00 21.69 ? 30  GLY A O   1 
ATOM   245  N N   . ARG A 1 31 ? 4.611   5.132   22.875  1.00 17.40 ? 31  ARG A N   1 
ATOM   246  C CA  . ARG A 1 31 ? 5.736   5.850   22.305  1.00 17.80 ? 31  ARG A CA  1 
ATOM   247  C C   . ARG A 1 31 ? 6.485   5.026   21.249  1.00 17.25 ? 31  ARG A C   1 
ATOM   248  O O   . ARG A 1 31 ? 7.170   4.053   21.555  1.00 18.49 ? 31  ARG A O   1 
ATOM   249  C CB  . ARG A 1 31 ? 6.710   6.275   23.393  1.00 20.27 ? 31  ARG A CB  1 
ATOM   250  C CG  . ARG A 1 31 ? 7.660   7.355   22.854  1.00 22.43 ? 31  ARG A CG  1 
ATOM   251  C CD  . ARG A 1 31 ? 8.415   8.101   23.902  1.00 25.73 ? 31  ARG A CD  1 
ATOM   252  N NE  . ARG A 1 31 ? 9.359   7.216   24.516  1.00 27.04 ? 31  ARG A NE  1 
ATOM   253  C CZ  . ARG A 1 31 ? 10.636  7.024   24.158  1.00 28.41 ? 31  ARG A CZ  1 
ATOM   254  N NH1 . ARG A 1 31 ? 11.211  7.707   23.158  1.00 32.64 ? 31  ARG A NH1 1 
ATOM   255  N NH2 . ARG A 1 31 ? 11.365  6.150   24.852  1.00 28.18 ? 31  ARG A NH2 1 
ATOM   256  N N   . LEU A 1 32 ? 6.363   5.392   19.982  1.00 15.29 ? 32  LEU A N   1 
ATOM   257  C CA  . LEU A 1 32 ? 7.110   4.792   18.864  1.00 15.34 ? 32  LEU A CA  1 
ATOM   258  C C   . LEU A 1 32 ? 8.464   5.444   18.582  1.00 14.94 ? 32  LEU A C   1 
ATOM   259  O O   . LEU A 1 32 ? 8.637   6.666   18.723  1.00 15.86 ? 32  LEU A O   1 
ATOM   260  C CB  . LEU A 1 32 ? 6.298   4.942   17.586  1.00 16.68 ? 32  LEU A CB  1 
ATOM   261  C CG  . LEU A 1 32 ? 4.972   4.200   17.703  1.00 16.83 ? 32  LEU A CG  1 
ATOM   262  C CD1 . LEU A 1 32 ? 4.077   4.529   16.496  1.00 16.90 ? 32  LEU A CD1 1 
ATOM   263  C CD2 . LEU A 1 32 ? 5.189   2.713   17.870  1.00 18.37 ? 32  LEU A CD2 1 
ATOM   264  N N   . THR A 1 33 ? 9.401   4.649   18.098  1.00 13.83 ? 33  THR A N   1 
ATOM   265  C CA  . THR A 1 33 ? 10.709  5.120   17.722  1.00 15.40 ? 33  THR A CA  1 
ATOM   266  C C   . THR A 1 33 ? 10.842  4.934   16.241  1.00 15.02 ? 33  THR A C   1 
ATOM   267  O O   . THR A 1 33 ? 10.871  3.826   15.794  1.00 14.06 ? 33  THR A O   1 
ATOM   268  C CB  . THR A 1 33 ? 11.768  4.294   18.424  1.00 19.27 ? 33  THR A CB  1 
ATOM   269  O OG1 . THR A 1 33 ? 11.627  4.513   19.806  1.00 23.52 ? 33  THR A OG1 1 
ATOM   270  C CG2 . THR A 1 33 ? 13.183  4.744   18.009  1.00 20.92 ? 33  THR A CG2 1 
ATOM   271  N N   . PHE A 1 34 ? 10.950  6.048   15.503  1.00 15.33 ? 34  PHE A N   1 
ATOM   272  C CA  . PHE A 1 34 ? 11.151  5.941   14.055  1.00 14.13 ? 34  PHE A CA  1 
ATOM   273  C C   . PHE A 1 34 ? 12.407  5.198   13.672  1.00 15.39 ? 34  PHE A C   1 
ATOM   274  O O   . PHE A 1 34 ? 13.508  5.454   14.228  1.00 16.75 ? 34  PHE A O   1 
ATOM   275  C CB  . PHE A 1 34 ? 11.224  7.344   13.456  1.00 15.26 ? 34  PHE A CB  1 
ATOM   276  C CG  . PHE A 1 34 ? 11.501  7.363   12.004  1.00 14.88 ? 34  PHE A CG  1 
ATOM   277  C CD1 . PHE A 1 34 ? 10.515  7.167   11.076  1.00 15.60 ? 34  PHE A CD1 1 
ATOM   278  C CD2 . PHE A 1 34 ? 12.806  7.541   11.532  1.00 15.34 ? 34  PHE A CD2 1 
ATOM   279  C CE1 . PHE A 1 34 ? 10.808  7.211   9.720   1.00 14.44 ? 34  PHE A CE1 1 
ATOM   280  C CE2 . PHE A 1 34 ? 13.089  7.519   10.200  1.00 16.69 ? 34  PHE A CE2 1 
ATOM   281  C CZ  . PHE A 1 34 ? 12.077  7.419   9.275   1.00 15.80 ? 34  PHE A CZ  1 
ATOM   282  N N   . ASN A 1 35 ? 12.251  4.296   12.706  1.00 15.31 ? 35  ASN A N   1 
ATOM   283  C CA  . ASN A 1 35 ? 13.388  3.544   12.155  1.00 15.11 ? 35  ASN A CA  1 
ATOM   284  C C   . ASN A 1 35 ? 13.683  4.027   10.707  1.00 16.74 ? 35  ASN A C   1 
ATOM   285  O O   . ASN A 1 35 ? 14.754  4.575   10.435  1.00 16.93 ? 35  ASN A O   1 
ATOM   286  C CB  . ASN A 1 35 ? 13.249  2.025   12.209  1.00 15.72 ? 35  ASN A CB  1 
ATOM   287  C CG  . ASN A 1 35 ? 13.047  1.495   13.561  1.00 16.40 ? 35  ASN A CG  1 
ATOM   288  O OD1 . ASN A 1 35 ? 12.123  0.655   13.796  1.00 18.08 ? 35  ASN A OD1 1 
ATOM   289  N ND2 . ASN A 1 35 ? 13.896  1.902   14.516  1.00 17.49 ? 35  ASN A ND2 1 
ATOM   290  N N   . LYS A 1 36 ? 12.750  3.821   9.805   1.00 15.27 ? 36  LYS A N   1 
ATOM   291  C CA  . LYS A 1 36 ? 13.003  4.067   8.395   1.00 15.99 ? 36  LYS A CA  1 
ATOM   292  C C   . LYS A 1 36 ? 11.679  3.958   7.660   1.00 14.97 ? 36  LYS A C   1 
ATOM   293  O O   . LYS A 1 36 ? 10.845  3.130   8.034   1.00 15.76 ? 36  LYS A O   1 
ATOM   294  C CB  . LYS A 1 36 ? 13.975  2.986   7.898   1.00 18.93 ? 36  LYS A CB  1 
ATOM   295  C CG  . LYS A 1 36 ? 14.134  2.848   6.411   1.00 22.80 ? 36  LYS A CG  1 
ATOM   296  C CD  . LYS A 1 36 ? 15.089  1.762   5.929   1.00 22.44 ? 36  LYS A CD  1 
ATOM   297  C CE  . LYS A 1 36 ? 15.149  1.884   4.402   1.00 24.49 ? 36  LYS A CE  1 
ATOM   298  N NZ  . LYS A 1 36 ? 15.871  0.727   3.841   1.00 25.51 ? 36  LYS A NZ  1 
ATOM   299  N N   . VAL A 1 37 ? 11.534  4.738   6.593   1.00 12.48 ? 37  VAL A N   1 
ATOM   300  C CA  . VAL A 1 37 ? 10.519  4.462   5.511   1.00 11.73 ? 37  VAL A CA  1 
ATOM   301  C C   . VAL A 1 37 ? 11.101  3.489   4.520   1.00 13.38 ? 37  VAL A C   1 
ATOM   302  O O   . VAL A 1 37 ? 12.223  3.673   4.048   1.00 14.36 ? 37  VAL A O   1 
ATOM   303  C CB  . VAL A 1 37 ? 10.093  5.749   4.823   1.00 11.18 ? 37  VAL A CB  1 
ATOM   304  C CG1 . VAL A 1 37 ? 9.087   5.411   3.760   1.00 11.77 ? 37  VAL A CG1 1 
ATOM   305  C CG2 . VAL A 1 37 ? 9.512   6.720   5.821   1.00 12.61 ? 37  VAL A CG2 1 
ATOM   306  N N   . ILE A 1 38 ? 10.438  2.376   4.384   1.00 12.29 ? 38  ILE A N   1 
ATOM   307  C CA  . ILE A 1 38 ? 10.827  1.328   3.418   1.00 14.62 ? 38  ILE A CA  1 
ATOM   308  C C   . ILE A 1 38 ? 10.082  1.477   2.098   1.00 16.16 ? 38  ILE A C   1 
ATOM   309  O O   . ILE A 1 38 ? 9.042   2.124   1.998   1.00 14.90 ? 38  ILE A O   1 
ATOM   310  C CB  . ILE A 1 38 ? 10.643  -0.059  4.001   1.00 13.61 ? 38  ILE A CB  1 
ATOM   311  C CG1 . ILE A 1 38 ? 9.176   -0.378  4.183   1.00 13.99 ? 38  ILE A CG1 1 
ATOM   312  C CG2 . ILE A 1 38 ? 11.390  -0.175  5.305   1.00 15.84 ? 38  ILE A CG2 1 
ATOM   313  C CD1 . ILE A 1 38 ? 8.892   -1.826  4.348   1.00 15.17 ? 38  ILE A CD1 1 
ATOM   314  N N   . ARG A 1 39 ? 10.613  0.870   1.051   1.00 15.03 ? 39  ARG A N   1 
ATOM   315  C CA  . ARG A 1 39 ? 9.915   0.822   -0.195  1.00 17.21 ? 39  ARG A CA  1 
ATOM   316  C C   . ARG A 1 39 ? 8.706   -0.097  -0.121  1.00 15.61 ? 39  ARG A C   1 
ATOM   317  O O   . ARG A 1 39 ? 8.720   -1.058  0.667   1.00 16.73 ? 39  ARG A O   1 
ATOM   318  C CB  . ARG A 1 39 ? 10.892  0.260   -1.288  1.00 18.27 ? 39  ARG A CB  1 
ATOM   319  C CG  . ARG A 1 39 ? 12.035  1.187   -1.500  1.00 22.01 ? 39  ARG A CG  1 
ATOM   320  C CD  . ARG A 1 39 ? 12.984  0.655   -2.582  1.00 25.49 ? 39  ARG A CD  1 
ATOM   321  N NE  . ARG A 1 39 ? 13.825  1.787   -2.953  1.00 33.53 ? 39  ARG A NE  1 
ATOM   322  C CZ  . ARG A 1 39 ? 15.086  1.990   -2.576  1.00 35.06 ? 39  ARG A CZ  1 
ATOM   323  N NH1 . ARG A 1 39 ? 15.725  1.130   -1.799  1.00 41.45 ? 39  ARG A NH1 1 
ATOM   324  N NH2 . ARG A 1 39 ? 15.726  3.064   -3.017  1.00 37.08 ? 39  ARG A NH2 1 
ATOM   325  N N   . PRO A 1 40 ? 7.662   0.091   -0.918  1.00 17.66 ? 40  PRO A N   1 
ATOM   326  C CA  . PRO A 1 40 ? 7.416   1.206   -1.783  1.00 16.15 ? 40  PRO A CA  1 
ATOM   327  C C   . PRO A 1 40 ? 6.792   2.412   -1.043  1.00 14.88 ? 40  PRO A C   1 
ATOM   328  O O   . PRO A 1 40 ? 5.985   2.250   -0.122  1.00 12.66 ? 40  PRO A O   1 
ATOM   329  C CB  . PRO A 1 40 ? 6.424   0.635   -2.783  1.00 16.66 ? 40  PRO A CB  1 
ATOM   330  C CG  . PRO A 1 40 ? 5.664   -0.314  -1.967  1.00 18.80 ? 40  PRO A CG  1 
ATOM   331  C CD  . PRO A 1 40 ? 6.601   -0.896  -0.963  1.00 18.03 ? 40  PRO A CD  1 
ATOM   332  N N   . SER A 1 41 ? 7.113   3.596   -1.539  1.00 13.37 ? 41  SER A N   1 
ATOM   333  C CA  . SER A 1 41 ? 6.504   4.868   -1.115  1.00 13.78 ? 41  SER A CA  1 
ATOM   334  C C   . SER A 1 41 ? 5.665   5.345   -2.317  1.00 14.47 ? 41  SER A C   1 
ATOM   335  O O   . SER A 1 41 ? 6.095   5.219   -3.477  1.00 14.05 ? 41  SER A O   1 
ATOM   336  C CB  . SER A 1 41 ? 7.531   5.954   -0.732  1.00 14.29 ? 41  SER A CB  1 
ATOM   337  O OG  . SER A 1 41 ? 8.244   5.604   0.461   1.00 16.30 ? 41  SER A OG  1 
ATOM   338  N N   . MET A 1 42 ? 4.467   5.837   -2.022  1.00 14.20 ? 42  MET A N   1 
ATOM   339  C CA  . MET A 1 42 ? 3.546   6.229   -3.049  1.00 16.97 ? 42  MET A CA  1 
ATOM   340  C C   . MET A 1 42 ? 3.017   7.628   -2.761  1.00 14.85 ? 42  MET A C   1 
ATOM   341  O O   . MET A 1 42 ? 2.915   8.075   -1.599  1.00 13.18 ? 42  MET A O   1 
ATOM   342  C CB  . MET A 1 42 ? 2.351   5.296   -3.029  1.00 23.29 ? 42  MET A CB  1 
ATOM   343  C CG  . MET A 1 42 ? 2.610   4.038   -3.779  1.00 31.11 ? 42  MET A CG  1 
ATOM   344  S SD  . MET A 1 42 ? 0.977   3.246   -3.817  1.00 36.60 ? 42  MET A SD  1 
ATOM   345  C CE  . MET A 1 42 ? 1.063   2.639   -2.070  1.00 29.78 ? 42  MET A CE  1 
ATOM   346  N N   . LYS A 1 43 ? 2.703   8.325   -3.843  1.00 12.65 ? 43  LYS A N   1 
ATOM   347  C CA  . LYS A 1 43 ? 2.211   9.706   -3.720  1.00 12.07 ? 43  LYS A CA  1 
ATOM   348  C C   . LYS A 1 43 ? 1.060   9.836   -4.710  1.00 13.34 ? 43  LYS A C   1 
ATOM   349  O O   . LYS A 1 43 ? 1.227   9.531   -5.890  1.00 12.03 ? 43  LYS A O   1 
ATOM   350  C CB  . LYS A 1 43 ? 3.296   10.727  -4.051  1.00 14.26 ? 43  LYS A CB  1 
ATOM   351  C CG  . LYS A 1 43 ? 2.860   12.159  -3.899  1.00 14.31 ? 43  LYS A CG  1 
ATOM   352  C CD  . LYS A 1 43 ? 4.076   13.080  -4.188  1.00 15.00 ? 43  LYS A CD  1 
ATOM   353  C CE  . LYS A 1 43 ? 3.837   14.536  -3.868  1.00 15.80 ? 43  LYS A CE  1 
ATOM   354  N NZ  . LYS A 1 43 ? 5.105   15.299  -4.000  1.00 15.46 ? 43  LYS A NZ  1 
ATOM   355  N N   . LYS A 1 44 ? -0.067  10.255  -4.189  1.00 11.79 ? 44  LYS A N   1 
ATOM   356  C CA  . LYS A 1 44 ? -1.280  10.539  -4.971  1.00 12.76 ? 44  LYS A CA  1 
ATOM   357  C C   . LYS A 1 44 ? -1.400  12.047  -5.172  1.00 14.06 ? 44  LYS A C   1 
ATOM   358  O O   . LYS A 1 44 ? -1.337  12.830  -4.213  1.00 14.79 ? 44  LYS A O   1 
ATOM   359  C CB  . LYS A 1 44 ? -2.505  10.094  -4.251  1.00 13.02 ? 44  LYS A CB  1 
ATOM   360  C CG  . LYS A 1 44 ? -3.761  10.147  -5.110  1.00 14.93 ? 44  LYS A CG  1 
ATOM   361  C CD  . LYS A 1 44 ? -4.978  9.730   -4.281  1.00 18.49 ? 44  LYS A CD  1 
ATOM   362  C CE  . LYS A 1 44 ? -6.265  9.902   -5.051  1.00 22.45 ? 44  LYS A CE  1 
ATOM   363  N NZ  . LYS A 1 44 ? -7.383  9.385   -4.248  1.00 27.45 ? 44  LYS A NZ  1 
ATOM   364  N N   . THR A 1 45 ? -1.548  12.463  -6.400  1.00 14.89 ? 45  THR A N   1 
ATOM   365  C CA  . THR A 1 45 ? -1.830  13.872  -6.726  1.00 17.63 ? 45  THR A CA  1 
ATOM   366  C C   . THR A 1 45 ? -3.354  14.060  -6.745  1.00 19.93 ? 45  THR A C   1 
ATOM   367  O O   . THR A 1 45 ? -4.076  13.276  -7.351  1.00 19.77 ? 45  THR A O   1 
ATOM   368  C CB  . THR A 1 45 ? -1.150  14.227  -8.062  1.00 22.03 ? 45  THR A CB  1 
ATOM   369  O OG1 . THR A 1 45 ? 0.255   14.182  -7.892  1.00 23.62 ? 45  THR A OG1 1 
ATOM   370  C CG2 . THR A 1 45 ? -1.440  15.680  -8.457  1.00 27.20 ? 45  THR A CG2 1 
ATOM   371  N N   . ILE A 1 46 ? -3.844  15.095  -6.032  1.00 19.14 ? 46  ILE A N   1 
ATOM   372  C CA  . ILE A 1 46 ? -5.260  15.372  -5.924  1.00 23.40 ? 46  ILE A CA  1 
ATOM   373  C C   . ILE A 1 46 ? -5.505  16.739  -6.565  1.00 24.47 ? 46  ILE A C   1 
ATOM   374  O O   . ILE A 1 46 ? -4.877  17.711  -6.215  1.00 22.61 ? 46  ILE A O   1 
ATOM   375  C CB  . ILE A 1 46 ? -5.731  15.445  -4.480  1.00 24.34 ? 46  ILE A CB  1 
ATOM   376  C CG1 . ILE A 1 46 ? -5.517  14.094  -3.792  1.00 24.10 ? 46  ILE A CG1 1 
ATOM   377  C CG2 . ILE A 1 46 ? -7.225  15.881  -4.429  1.00 25.67 ? 46  ILE A CG2 1 
ATOM   378  C CD1 . ILE A 1 46 ? -5.244  14.289  -2.362  1.00 30.69 ? 46  ILE A CD1 1 
ATOM   379  N N   . TYR A 1 47 ? -6.292  16.727  -7.621  1.00 26.43 ? 47  TYR A N   1 
ATOM   380  C CA  . TYR A 1 47 ? -6.581  17.956  -8.377  1.00 27.23 ? 47  TYR A CA  1 
ATOM   381  C C   . TYR A 1 47 ? -7.707  18.729  -7.746  1.00 29.07 ? 47  TYR A C   1 
ATOM   382  O O   . TYR A 1 47 ? -8.522  18.162  -7.015  1.00 29.75 ? 47  TYR A O   1 
ATOM   383  C CB  . TYR A 1 47 ? -6.921  17.597  -9.811  1.00 28.78 ? 47  TYR A CB  1 
ATOM   384  C CG  . TYR A 1 47 ? -5.808  16.906  -10.474 1.00 27.53 ? 47  TYR A CG  1 
ATOM   385  C CD1 . TYR A 1 47 ? -4.694  17.621  -10.907 1.00 30.53 ? 47  TYR A CD1 1 
ATOM   386  C CD2 . TYR A 1 47 ? -5.854  15.531  -10.681 1.00 28.75 ? 47  TYR A CD2 1 
ATOM   387  C CE1 . TYR A 1 47 ? -3.638  16.971  -11.529 1.00 32.26 ? 47  TYR A CE1 1 
ATOM   388  C CE2 . TYR A 1 47 ? -4.833  14.868  -11.304 1.00 29.86 ? 47  TYR A CE2 1 
ATOM   389  C CZ  . TYR A 1 47 ? -3.727  15.583  -11.739 1.00 37.26 ? 47  TYR A CZ  1 
ATOM   390  O OH  . TYR A 1 47 ? -2.659  14.936  -12.319 1.00 39.46 ? 47  TYR A OH  1 
ATOM   391  N N   . GLU A 1 48 ? -7.770  20.031  -7.986  1.00 33.84 ? 48  GLU A N   1 
ATOM   392  C CA  . GLU A 1 48 ? -8.793  20.855  -7.277  1.00 37.01 ? 48  GLU A CA  1 
ATOM   393  C C   . GLU A 1 48 ? -10.253 20.352  -7.473  1.00 44.19 ? 48  GLU A C   1 
ATOM   394  O O   . GLU A 1 48 ? -11.079 20.264  -6.494  1.00 38.14 ? 48  GLU A O   1 
ATOM   395  C CB  . GLU A 1 48 ? -8.697  22.304  -7.738  1.00 40.13 ? 48  GLU A CB  1 
ATOM   396  C CG  . GLU A 1 48 ? -7.528  23.036  -7.114  1.00 46.91 ? 48  GLU A CG  1 
ATOM   397  C CD  . GLU A 1 48 ? -7.766  23.436  -5.648  1.00 51.57 ? 48  GLU A CD  1 
ATOM   398  O OE1 . GLU A 1 48 ? -8.872  23.207  -5.104  1.00 53.97 ? 48  GLU A OE1 1 
ATOM   399  O OE2 . GLU A 1 48 ? -6.829  23.969  -5.021  1.00 49.89 ? 48  GLU A OE2 1 
ATOM   400  N N   . ASN A 1 49 ? -10.508 20.031  -8.742  1.00 37.79 ? 49  ASN A N   1 
ATOM   401  C CA  . ASN A 1 49 ? -11.814 19.703  -9.332  1.00 49.42 ? 49  ASN A CA  1 
ATOM   402  C C   . ASN A 1 49 ? -13.062 19.878  -8.495  1.00 45.45 ? 49  ASN A C   1 
ATOM   403  O O   . ASN A 1 49 ? -13.429 21.015  -8.232  1.00 55.89 ? 49  ASN A O   1 
ATOM   404  C CB  . ASN A 1 49 ? -11.743 18.301  -9.964  1.00 53.39 ? 49  ASN A CB  1 
ATOM   405  C CG  . ASN A 1 49 ? -10.905 18.284  -11.245 1.00 54.86 ? 49  ASN A CG  1 
ATOM   406  O OD1 . ASN A 1 49 ? -9.966  17.502  -11.399 1.00 62.46 ? 49  ASN A OD1 1 
ATOM   407  N ND2 . ASN A 1 49 ? -11.252 19.152  -12.167 1.00 62.27 ? 49  ASN A ND2 1 
ATOM   408  N N   . GLU A 1 54 ? -4.242  23.929  -10.735 1.00 49.94 ? 54  GLU A N   1 
ATOM   409  C CA  . GLU A 1 54 ? -5.199  22.883  -10.465 1.00 42.72 ? 54  GLU A CA  1 
ATOM   410  C C   . GLU A 1 54 ? -4.784  21.731  -9.494  1.00 34.14 ? 54  GLU A C   1 
ATOM   411  O O   . GLU A 1 54 ? -5.613  20.921  -9.202  1.00 33.79 ? 54  GLU A O   1 
ATOM   412  C CB  . GLU A 1 54 ? -5.761  22.250  -11.750 1.00 45.01 ? 54  GLU A CB  1 
ATOM   413  C CG  . GLU A 1 54 ? -4.839  21.274  -12.487 1.00 51.94 ? 54  GLU A CG  1 
ATOM   414  C CD  . GLU A 1 54 ? -5.569  20.111  -13.167 1.00 62.59 ? 54  GLU A CD  1 
ATOM   415  O OE1 . GLU A 1 54 ? -6.829  20.072  -13.187 1.00 67.65 ? 54  GLU A OE1 1 
ATOM   416  O OE2 . GLU A 1 54 ? -4.872  19.225  -13.708 1.00 73.62 ? 54  GLU A OE2 1 
ATOM   417  N N   . ILE A 1 55 ? -3.552  21.624  -9.055  1.00 33.37 ? 55  ILE A N   1 
ATOM   418  C CA  . ILE A 1 55 ? -3.274  20.689  -7.937  1.00 29.32 ? 55  ILE A CA  1 
ATOM   419  C C   . ILE A 1 55 ? -3.763  21.235  -6.591  1.00 25.00 ? 55  ILE A C   1 
ATOM   420  O O   . ILE A 1 55 ? -3.409  22.346  -6.213  1.00 27.19 ? 55  ILE A O   1 
ATOM   421  C CB  . ILE A 1 55 ? -1.778  20.318  -7.870  1.00 32.00 ? 55  ILE A CB  1 
ATOM   422  C CG1 . ILE A 1 55 ? -1.433  19.503  -9.118  1.00 33.70 ? 55  ILE A CG1 1 
ATOM   423  C CG2 . ILE A 1 55 ? -1.458  19.469  -6.607  1.00 30.71 ? 55  ILE A CG2 1 
ATOM   424  C CD1 . ILE A 1 55 ? 0.029   19.456  -9.420  1.00 39.58 ? 55  ILE A CD1 1 
ATOM   425  N N   . LYS A 1 56 ? -4.574  20.461  -5.894  1.00 24.61 ? 56  LYS A N   1 
ATOM   426  C CA  . LYS A 1 56 ? -5.092  20.808  -4.573  1.00 22.38 ? 56  LYS A CA  1 
ATOM   427  C C   . LYS A 1 56 ? -4.131  20.344  -3.512  1.00 21.59 ? 56  LYS A C   1 
ATOM   428  O O   . LYS A 1 56 ? -3.938  20.979  -2.475  1.00 19.60 ? 56  LYS A O   1 
ATOM   429  C CB  . LYS A 1 56 ? -6.419  20.083  -4.332  1.00 28.54 ? 56  LYS A CB  1 
ATOM   430  C CG  . LYS A 1 56 ? -7.050  20.445  -2.988  1.00 34.06 ? 56  LYS A CG  1 
ATOM   431  C CD  . LYS A 1 56 ? -8.484  19.944  -2.842  1.00 41.84 ? 56  LYS A CD  1 
ATOM   432  C CE  . LYS A 1 56 ? -8.948  19.948  -1.380  1.00 47.21 ? 56  LYS A CE  1 
ATOM   433  N NZ  . LYS A 1 56 ? -8.573  21.205  -0.659  1.00 50.68 ? 56  LYS A NZ  1 
ATOM   434  N N   . GLY A 1 57 ? -3.614  19.151  -3.716  1.00 18.48 ? 57  GLY A N   1 
ATOM   435  C CA  . GLY A 1 57 ? -2.727  18.612  -2.704  1.00 17.74 ? 57  GLY A CA  1 
ATOM   436  C C   . GLY A 1 57 ? -2.320  17.211  -3.069  1.00 15.60 ? 57  GLY A C   1 
ATOM   437  O O   . GLY A 1 57 ? -2.476  16.788  -4.205  1.00 13.81 ? 57  GLY A O   1 
ATOM   438  N N   . TYR A 1 58 ? -1.631  16.586  -2.114  1.00 13.88 ? 58  TYR A N   1 
ATOM   439  C CA  . TYR A 1 58 ? -1.104  15.262  -2.317  1.00 13.21 ? 58  TYR A CA  1 
ATOM   440  C C   . TYR A 1 58 ? -1.419  14.397  -1.143  1.00 13.03 ? 58  TYR A C   1 
ATOM   441  O O   . TYR A 1 58 ? -1.748  14.905  -0.050  1.00 11.77 ? 58  TYR A O   1 
ATOM   442  C CB  . TYR A 1 58 ? 0.418   15.307  -2.461  1.00 14.57 ? 58  TYR A CB  1 
ATOM   443  C CG  . TYR A 1 58 ? 0.916   16.288  -3.437  1.00 18.08 ? 58  TYR A CG  1 
ATOM   444  C CD1 . TYR A 1 58 ? 0.882   16.048  -4.795  1.00 23.42 ? 58  TYR A CD1 1 
ATOM   445  C CD2 . TYR A 1 58 ? 1.461   17.457  -2.959  1.00 24.04 ? 58  TYR A CD2 1 
ATOM   446  C CE1 . TYR A 1 58 ? 1.417   17.031  -5.678  1.00 25.62 ? 58  TYR A CE1 1 
ATOM   447  C CE2 . TYR A 1 58 ? 1.957   18.434  -3.794  1.00 31.81 ? 58  TYR A CE2 1 
ATOM   448  C CZ  . TYR A 1 58 ? 1.941   18.211  -5.136  1.00 27.99 ? 58  TYR A CZ  1 
ATOM   449  O OH  . TYR A 1 58 ? 2.418   19.255  -5.896  1.00 34.91 ? 58  TYR A OH  1 
ATOM   450  N N   . GLU A 1 59 ? -1.455  13.083  -1.382  1.00 13.43 ? 59  GLU A N   1 
ATOM   451  C CA  . GLU A 1 59 ? -1.550  12.118  -0.299  1.00 13.49 ? 59  GLU A CA  1 
ATOM   452  C C   . GLU A 1 59 ? -0.380  11.133  -0.438  1.00 13.49 ? 59  GLU A C   1 
ATOM   453  O O   . GLU A 1 59 ? -0.260  10.473  -1.473  1.00 14.91 ? 59  GLU A O   1 
ATOM   454  C CB  . GLU A 1 59 ? -2.867  11.366  -0.292  1.00 14.62 ? 59  GLU A CB  1 
ATOM   455  C CG  . GLU A 1 59 ? -3.005  10.451  0.847   1.00 16.24 ? 59  GLU A CG  1 
ATOM   456  C CD  . GLU A 1 59 ? -4.378  9.824   1.031   1.00 23.88 ? 59  GLU A CD  1 
ATOM   457  O OE1 . GLU A 1 59 ? -5.390  10.485  0.652   1.00 25.63 ? 59  GLU A OE1 1 
ATOM   458  O OE2 . GLU A 1 59 ? -4.424  8.739   1.645   1.00 24.66 ? 59  GLU A OE2 1 
ATOM   459  N N   . TYR A 1 60 ? 0.432   11.025  0.598   1.00 12.82 ? 60  TYR A N   1 
ATOM   460  C CA  . TYR A 1 60 ? 1.520   10.043  0.607   1.00 12.68 ? 60  TYR A CA  1 
ATOM   461  C C   . TYR A 1 60 ? 1.057   8.827   1.337   1.00 12.05 ? 60  TYR A C   1 
ATOM   462  O O   . TYR A 1 60 ? 0.421   8.978   2.365   1.00 11.35 ? 60  TYR A O   1 
ATOM   463  C CB  . TYR A 1 60 ? 2.763   10.573  1.332   1.00 13.26 ? 60  TYR A CB  1 
ATOM   464  C CG  . TYR A 1 60 ? 3.325   11.826  0.778   1.00 13.32 ? 60  TYR A CG  1 
ATOM   465  C CD1 . TYR A 1 60 ? 2.861   13.079  1.214   1.00 13.62 ? 60  TYR A CD1 1 
ATOM   466  C CD2 . TYR A 1 60 ? 4.363   11.790  -0.147  1.00 12.52 ? 60  TYR A CD2 1 
ATOM   467  C CE1 . TYR A 1 60 ? 3.392   14.250  0.707   1.00 14.84 ? 60  TYR A CE1 1 
ATOM   468  C CE2 . TYR A 1 60 ? 4.902   12.965  -0.675  1.00 13.19 ? 60  TYR A CE2 1 
ATOM   469  C CZ  . TYR A 1 60 ? 4.411   14.193  -0.234  1.00 13.32 ? 60  TYR A CZ  1 
ATOM   470  O OH  . TYR A 1 60 ? 4.928   15.366  -0.718  1.00 14.80 ? 60  TYR A OH  1 
ATOM   471  N N   . GLN A 1 61 ? 1.381   7.644   0.829   1.00 11.17 ? 61  GLN A N   1 
ATOM   472  C CA  . GLN A 1 61 ? 1.227   6.443   1.590   1.00 11.68 ? 61  GLN A CA  1 
ATOM   473  C C   . GLN A 1 61 ? 2.623   5.872   1.809   1.00 11.49 ? 61  GLN A C   1 
ATOM   474  O O   . GLN A 1 61 ? 3.353   5.559   0.802   1.00 12.89 ? 61  GLN A O   1 
ATOM   475  C CB  . GLN A 1 61 ? 0.319   5.432   0.902   1.00 13.52 ? 61  GLN A CB  1 
ATOM   476  C CG  . GLN A 1 61 ? 0.386   4.113   1.643   1.00 15.70 ? 61  GLN A CG  1 
ATOM   477  C CD  . GLN A 1 61 ? -0.889  3.298   1.542   1.00 16.55 ? 61  GLN A CD  1 
ATOM   478  O OE1 . GLN A 1 61 ? -1.996  3.808   1.818   1.00 20.49 ? 61  GLN A OE1 1 
ATOM   479  N NE2 . GLN A 1 61 ? -0.768  2.099   1.104   1.00 17.37 ? 61  GLN A NE2 1 
ATOM   480  N N   . LEU A 1 62 ? 2.993   5.696   3.068   1.00 11.97 ? 62  LEU A N   1 
ATOM   481  C CA  . LEU A 1 62 ? 4.357   5.274   3.408   1.00 11.58 ? 62  LEU A CA  1 
ATOM   482  C C   . LEU A 1 62 ? 4.211   4.046   4.305   1.00 13.40 ? 62  LEU A C   1 
ATOM   483  O O   . LEU A 1 62 ? 3.332   3.971   5.149   1.00 13.29 ? 62  LEU A O   1 
ATOM   484  C CB  . LEU A 1 62 ? 5.099   6.349   4.141   1.00 12.47 ? 62  LEU A CB  1 
ATOM   485  C CG  . LEU A 1 62 ? 5.181   7.714   3.469   1.00 11.72 ? 62  LEU A CG  1 
ATOM   486  C CD1 . LEU A 1 62 ? 5.968   8.657   4.359   1.00 11.84 ? 62  LEU A CD1 1 
ATOM   487  C CD2 . LEU A 1 62 ? 5.768   7.600   2.094   1.00 12.04 ? 62  LEU A CD2 1 
ATOM   488  N N   . TYR A 1 63 ? 5.129   3.107   4.112   1.00 11.71 ? 63  TYR A N   1 
ATOM   489  C CA  . TYR A 1 63 ? 5.370   2.043   5.033   1.00 12.38 ? 63  TYR A CA  1 
ATOM   490  C C   . TYR A 1 63 ? 6.509   2.489   5.907   1.00 12.06 ? 63  TYR A C   1 
ATOM   491  O O   . TYR A 1 63 ? 7.630   2.654   5.439   1.00 12.78 ? 63  TYR A O   1 
ATOM   492  C CB  . TYR A 1 63 ? 5.671   0.751   4.220   1.00 13.24 ? 63  TYR A CB  1 
ATOM   493  C CG  . TYR A 1 63 ? 4.413   0.230   3.655   1.00 14.35 ? 63  TYR A CG  1 
ATOM   494  C CD1 . TYR A 1 63 ? 3.505   -0.469  4.482   1.00 13.73 ? 63  TYR A CD1 1 
ATOM   495  C CD2 . TYR A 1 63 ? 4.062   0.453   2.341   1.00 15.89 ? 63  TYR A CD2 1 
ATOM   496  C CE1 . TYR A 1 63 ? 2.261   -0.883  4.000   1.00 14.83 ? 63  TYR A CE1 1 
ATOM   497  C CE2 . TYR A 1 63 ? 2.793   0.053   1.859   1.00 16.32 ? 63  TYR A CE2 1 
ATOM   498  C CZ  . TYR A 1 63 ? 1.920   -0.599  2.692   1.00 16.77 ? 63  TYR A CZ  1 
ATOM   499  O OH  . TYR A 1 63 ? 0.735   -0.980  2.168   1.00 17.78 ? 63  TYR A OH  1 
ATOM   500  N N   . VAL A 1 64 ? 6.202   2.666   7.199   1.00 12.51 ? 64  VAL A N   1 
ATOM   501  C CA  . VAL A 1 64 ? 7.120   3.215   8.147   1.00 12.56 ? 64  VAL A CA  1 
ATOM   502  C C   . VAL A 1 64 ? 7.455   2.171   9.174   1.00 13.44 ? 64  VAL A C   1 
ATOM   503  O O   . VAL A 1 64 ? 6.604   1.614   9.883   1.00 11.47 ? 64  VAL A O   1 
ATOM   504  C CB  . VAL A 1 64 ? 6.504   4.449   8.878   1.00 13.80 ? 64  VAL A CB  1 
ATOM   505  C CG1 . VAL A 1 64 ? 7.492   5.013   9.873   1.00 15.14 ? 64  VAL A CG1 1 
ATOM   506  C CG2 . VAL A 1 64 ? 6.070   5.515   7.899   1.00 14.46 ? 64  VAL A CG2 1 
ATOM   507  N N   . ARG A 1 65 ? 8.751   1.888   9.305   1.00 13.06 ? 65  ARG A N   1 
ATOM   508  C CA  . ARG A 1 65 ? 9.217   0.983   10.370  1.00 14.61 ? 65  ARG A CA  1 
ATOM   509  C C   . ARG A 1 65 ? 9.489   1.877   11.565  1.00 13.95 ? 65  ARG A C   1 
ATOM   510  O O   . ARG A 1 65 ? 10.246  2.866   11.463  1.00 13.89 ? 65  ARG A O   1 
ATOM   511  C CB  . ARG A 1 65 ? 10.463  0.214   10.005  1.00 17.25 ? 65  ARG A CB  1 
ATOM   512  C CG  . ARG A 1 65 ? 10.783  -0.847  11.041  1.00 21.40 ? 65  ARG A CG  1 
ATOM   513  C CD  . ARG A 1 65 ? 11.518  -2.105  10.543  1.00 26.59 ? 65  ARG A CD  1 
ATOM   514  N NE  . ARG A 1 65 ? 12.544  -1.734  9.672   1.00 29.07 ? 65  ARG A NE  1 
ATOM   515  C CZ  . ARG A 1 65 ? 12.792  -2.161  8.437   1.00 25.27 ? 65  ARG A CZ  1 
ATOM   516  N NH1 . ARG A 1 65 ? 12.181  -3.162  7.831   1.00 32.20 ? 65  ARG A NH1 1 
ATOM   517  N NH2 . ARG A 1 65 ? 13.778  -1.570  7.808   1.00 27.47 ? 65  ARG A NH2 1 
ATOM   518  N N   . ALA A 1 66 ? 8.853   1.524   12.687  1.00 13.34 ? 66  ALA A N   1 
ATOM   519  C CA  . ALA A 1 66 ? 8.920   2.250   13.963  1.00 13.41 ? 66  ALA A CA  1 
ATOM   520  C C   . ALA A 1 66 ? 8.831   1.160   15.029  1.00 13.86 ? 66  ALA A C   1 
ATOM   521  O O   . ALA A 1 66 ? 7.992   0.263   14.955  1.00 12.47 ? 66  ALA A O   1 
ATOM   522  C CB  . ALA A 1 66 ? 7.829   3.281   14.163  1.00 15.05 ? 66  ALA A CB  1 
ATOM   523  N N   . SER A 1 67 ? 9.732   1.230   15.978  1.00 13.77 ? 67  SER A N   1 
ATOM   524  C CA  . SER A 1 67 ? 9.800   0.257   17.093  1.00 15.73 ? 67  SER A CA  1 
ATOM   525  C C   . SER A 1 67 ? 9.839   -1.150  16.581  1.00 16.18 ? 67  SER A C   1 
ATOM   526  O O   . SER A 1 67 ? 9.180   -2.058  17.124  1.00 17.85 ? 67  SER A O   1 
ATOM   527  C CB  . SER A 1 67 ? 8.628   0.516   18.066  1.00 13.93 ? 67  SER A CB  1 
ATOM   528  O OG  . SER A 1 67 ? 8.758   1.808   18.644  1.00 15.51 ? 67  SER A OG  1 
ATOM   529  N N   . ASP A 1 68 ? 10.620  -1.338  15.518  1.00 16.96 ? 68  ASP A N   1 
ATOM   530  C CA  . ASP A 1 68 ? 10.788  -2.610  14.868  1.00 17.07 ? 68  ASP A CA  1 
ATOM   531  C C   . ASP A 1 68 ? 9.504   -3.267  14.292  1.00 18.70 ? 68  ASP A C   1 
ATOM   532  O O   . ASP A 1 68 ? 9.507   -4.462  14.022  1.00 23.94 ? 68  ASP A O   1 
ATOM   533  C CB  . ASP A 1 68 ? 11.441  -3.626  15.838  1.00 19.96 ? 68  ASP A CB  1 
ATOM   534  C CG  . ASP A 1 68 ? 12.863  -3.258  16.225  1.00 21.15 ? 68  ASP A CG  1 
ATOM   535  O OD1 . ASP A 1 68 ? 13.376  -2.277  15.684  1.00 21.41 ? 68  ASP A OD1 1 
ATOM   536  O OD2 . ASP A 1 68 ? 13.418  -3.988  17.092  1.00 26.77 ? 68  ASP A OD2 1 
ATOM   537  N N   . LYS A 1 69 ? 8.435   -2.514  14.131  1.00 16.69 ? 69  LYS A N   1 
ATOM   538  C CA  . LYS A 1 69 ? 7.257   -3.008  13.456  1.00 16.43 ? 69  LYS A CA  1 
ATOM   539  C C   . LYS A 1 69 ? 7.002   -2.138  12.268  1.00 15.34 ? 69  LYS A C   1 
ATOM   540  O O   . LYS A 1 69 ? 7.520   -1.029  12.200  1.00 15.83 ? 69  LYS A O   1 
ATOM   541  C CB  . LYS A 1 69 ? 6.072   -2.886  14.425  1.00 19.45 ? 69  LYS A CB  1 
ATOM   542  C CG  . LYS A 1 69 ? 6.159   -3.737  15.682  1.00 23.46 ? 69  LYS A CG  1 
ATOM   543  C CD  . LYS A 1 69 ? 6.350   -5.190  15.439  1.00 27.58 ? 69  LYS A CD  1 
ATOM   544  C CE  . LYS A 1 69 ? 5.489   -6.000  16.409  1.00 33.45 ? 69  LYS A CE  1 
ATOM   545  N NZ  . LYS A 1 69 ? 6.024   -7.295  16.915  1.00 36.60 ? 69  LYS A NZ  1 
ATOM   546  N N   . LEU A 1 70 ? 6.105   -2.605  11.379  1.00 15.50 ? 70  LEU A N   1 
ATOM   547  C CA  . LEU A 1 70 ? 5.781   -1.834  10.196  1.00 14.83 ? 70  LEU A CA  1 
ATOM   548  C C   . LEU A 1 70 ? 4.399   -1.239  10.313  1.00 15.42 ? 70  LEU A C   1 
ATOM   549  O O   . LEU A 1 70 ? 3.437   -1.931  10.747  1.00 13.98 ? 70  LEU A O   1 
ATOM   550  C CB  . LEU A 1 70 ? 5.905   -2.691  8.980   1.00 17.73 ? 70  LEU A CB  1 
ATOM   551  C CG  . LEU A 1 70 ? 5.915   -1.999  7.655   1.00 23.79 ? 70  LEU A CG  1 
ATOM   552  C CD1 . LEU A 1 70 ? 7.169   -1.144  7.449   1.00 24.89 ? 70  LEU A CD1 1 
ATOM   553  C CD2 . LEU A 1 70 ? 5.828   -3.084  6.571   1.00 28.06 ? 70  LEU A CD2 1 
ATOM   554  N N   . PHE A 1 71 ? 4.279   0.052   9.947   1.00 12.85 ? 71  PHE A N   1 
ATOM   555  C CA  . PHE A 1 71 ? 2.978   0.707   9.950   1.00 11.86 ? 71  PHE A CA  1 
ATOM   556  C C   . PHE A 1 71 ? 2.749   1.329   8.604   1.00 11.83 ? 71  PHE A C   1 
ATOM   557  O O   . PHE A 1 71 ? 3.685   1.712   7.911   1.00 12.44 ? 71  PHE A O   1 
ATOM   558  C CB  . PHE A 1 71 ? 2.949   1.830   11.045  1.00 12.58 ? 71  PHE A CB  1 
ATOM   559  C CG  . PHE A 1 71 ? 3.177   1.290   12.460  1.00 13.29 ? 71  PHE A CG  1 
ATOM   560  C CD1 . PHE A 1 71 ? 4.499   1.134   12.968  1.00 15.64 ? 71  PHE A CD1 1 
ATOM   561  C CD2 . PHE A 1 71 ? 2.134   0.897   13.254  1.00 13.60 ? 71  PHE A CD2 1 
ATOM   562  C CE1 . PHE A 1 71 ? 4.702   0.613   14.251  1.00 16.97 ? 71  PHE A CE1 1 
ATOM   563  C CE2 . PHE A 1 71 ? 2.326   0.348   14.506  1.00 16.04 ? 71  PHE A CE2 1 
ATOM   564  C CZ  . PHE A 1 71 ? 3.631   0.223   15.038  1.00 14.95 ? 71  PHE A CZ  1 
ATOM   565  N N   . ARG A 1 72 ? 1.481   1.489   8.240   1.00 11.48 ? 72  ARG A N   1 
ATOM   566  C CA  . ARG A 1 72 ? 1.135   2.203   7.063   1.00 13.21 ? 72  ARG A CA  1 
ATOM   567  C C   . ARG A 1 72 ? 0.647   3.568   7.481   1.00 12.07 ? 72  ARG A C   1 
ATOM   568  O O   . ARG A 1 72 ? -0.346  3.733   8.241   1.00 14.51 ? 72  ARG A O   1 
ATOM   569  C CB  . ARG A 1 72 ? 0.098   1.444   6.299   1.00 14.03 ? 72  ARG A CB  1 
ATOM   570  C CG  . ARG A 1 72 ? -0.288  2.086   4.982   1.00 16.38 ? 72  ARG A CG  1 
ATOM   571  C CD  . ARG A 1 72 ? -1.674  2.712   5.014   1.00 19.89 ? 72  ARG A CD  1 
ATOM   572  N NE  . ARG A 1 72 ? -2.696  1.694   4.821   1.00 18.02 ? 72  ARG A NE  1 
ATOM   573  C CZ  . ARG A 1 72 ? -3.932  1.895   4.360   1.00 19.33 ? 72  ARG A CZ  1 
ATOM   574  N NH1 . ARG A 1 72 ? -4.414  3.116   4.118   1.00 17.94 ? 72  ARG A NH1 1 
ATOM   575  N NH2 . ARG A 1 72 ? -4.691  0.828   4.132   1.00 19.63 ? 72  ARG A NH2 1 
ATOM   576  N N   . ALA A 1 73 ? 1.297   4.586   6.964   1.00 11.96 ? 73  ALA A N   1 
ATOM   577  C CA  . ALA A 1 73 ? 0.950   5.994   7.284   1.00 12.16 ? 73  ALA A CA  1 
ATOM   578  C C   . ALA A 1 73 ? 0.500   6.701   6.001   1.00 11.52 ? 73  ALA A C   1 
ATOM   579  O O   . ALA A 1 73 ? 1.130   6.535   4.916   1.00 12.25 ? 73  ALA A O   1 
ATOM   580  C CB  . ALA A 1 73 ? 2.157   6.708   7.767   1.00 11.90 ? 73  ALA A CB  1 
ATOM   581  N N   . ASP A 1 74 ? -0.608  7.392   6.064   1.00 10.33 ? 74  ASP A N   1 
ATOM   582  C CA  . ASP A 1 74 ? -1.109  8.187   4.984   1.00 11.84 ? 74  ASP A CA  1 
ATOM   583  C C   . ASP A 1 74 ? -1.041  9.639   5.452   1.00 11.67 ? 74  ASP A C   1 
ATOM   584  O O   . ASP A 1 74 ? -1.575  9.965   6.541   1.00 11.97 ? 74  ASP A O   1 
ATOM   585  C CB  . ASP A 1 74 ? -2.548  7.846   4.588   1.00 13.45 ? 74  ASP A CB  1 
ATOM   586  C CG  . ASP A 1 74 ? -2.672  6.443   3.975   1.00 13.67 ? 74  ASP A CG  1 
ATOM   587  O OD1 . ASP A 1 74 ? -1.837  6.158   3.110   1.00 18.32 ? 74  ASP A OD1 1 
ATOM   588  O OD2 . ASP A 1 74 ? -3.584  5.723   4.306   1.00 15.29 ? 74  ASP A OD2 1 
ATOM   589  N N   . ILE A 1 75 ? -0.451  10.490  4.654   1.00 11.24 ? 75  ILE A N   1 
ATOM   590  C CA  . ILE A 1 75 ? -0.164  11.870  5.028   1.00 12.84 ? 75  ILE A CA  1 
ATOM   591  C C   . ILE A 1 75 ? -0.722  12.764  3.917   1.00 14.06 ? 75  ILE A C   1 
ATOM   592  O O   . ILE A 1 75 ? -0.468  12.545  2.724   1.00 14.36 ? 75  ILE A O   1 
ATOM   593  C CB  . ILE A 1 75 ? 1.379   12.105  5.165   1.00 12.69 ? 75  ILE A CB  1 
ATOM   594  C CG1 . ILE A 1 75 ? 1.904   11.235  6.262   1.00 14.86 ? 75  ILE A CG1 1 
ATOM   595  C CG2 . ILE A 1 75 ? 1.751   13.589  5.406   1.00 13.86 ? 75  ILE A CG2 1 
ATOM   596  C CD1 . ILE A 1 75 ? 3.368   10.987  6.148   1.00 17.43 ? 75  ILE A CD1 1 
ATOM   597  N N   . SER A 1 76 ? -1.476  13.790  4.305   1.00 14.23 ? 76  SER A N   1 
ATOM   598  C CA  . SER A 1 76 ? -1.985  14.703  3.312   1.00 15.57 ? 76  SER A CA  1 
ATOM   599  C C   . SER A 1 76 ? -1.115  15.952  3.331   1.00 16.89 ? 76  SER A C   1 
ATOM   600  O O   . SER A 1 76 ? -0.557  16.341  4.368   1.00 17.04 ? 76  SER A O   1 
ATOM   601  C CB  . SER A 1 76 ? -3.449  15.019  3.564   1.00 20.14 ? 76  SER A CB  1 
ATOM   602  O OG  . SER A 1 76 ? -3.560  15.752  4.722   1.00 23.44 ? 76  SER A OG  1 
ATOM   603  N N   . GLU A 1 77 ? -0.945  16.541  2.143   1.00 15.03 ? 77  GLU A N   1 
ATOM   604  C CA  . GLU A 1 77 ? -0.203  17.760  2.013   1.00 16.43 ? 77  GLU A CA  1 
ATOM   605  C C   . GLU A 1 77 ? -1.014  18.722  1.166   1.00 16.96 ? 77  GLU A C   1 
ATOM   606  O O   . GLU A 1 77 ? -1.545  18.372  0.124   1.00 17.65 ? 77  GLU A O   1 
ATOM   607  C CB  . GLU A 1 77 ? 1.165   17.518  1.458   1.00 19.80 ? 77  GLU A CB  1 
ATOM   608  C CG  . GLU A 1 77 ? 1.872   18.788  0.999   1.00 20.02 ? 77  GLU A CG  1 
ATOM   609  C CD  . GLU A 1 77 ? 3.070   18.437  0.158   1.00 23.91 ? 77  GLU A CD  1 
ATOM   610  O OE1 . GLU A 1 77 ? 3.844   17.533  0.585   1.00 22.18 ? 77  GLU A OE1 1 
ATOM   611  O OE2 . GLU A 1 77 ? 3.247   19.114  -0.877  1.00 23.20 ? 77  GLU A OE2 1 
ATOM   612  N N   . ASP A 1 78 ? -1.188  19.937  1.685   1.00 15.75 ? 78  ASP A N   1 
ATOM   613  C CA  . ASP A 1 78 ? -1.947  20.947  0.977   1.00 17.76 ? 78  ASP A CA  1 
ATOM   614  C C   . ASP A 1 78 ? -0.955  21.707  0.059   1.00 17.33 ? 78  ASP A C   1 
ATOM   615  O O   . ASP A 1 78 ? 0.075   22.125  0.534   1.00 16.98 ? 78  ASP A O   1 
ATOM   616  C CB  . ASP A 1 78 ? -2.639  21.911  1.963   1.00 17.42 ? 78  ASP A CB  1 
ATOM   617  C CG  . ASP A 1 78 ? -3.453  22.910  1.210   1.00 21.34 ? 78  ASP A CG  1 
ATOM   618  O OD1 . ASP A 1 78 ? -4.622  22.587  0.879   1.00 31.18 ? 78  ASP A OD1 1 
ATOM   619  O OD2 . ASP A 1 78 ? -2.866  23.854  0.693   1.00 21.18 ? 78  ASP A OD2 1 
ATOM   620  N N   . TYR A 1 79 ? -1.245  21.786  -1.238  1.00 17.00 ? 79  TYR A N   1 
ATOM   621  C CA  . TYR A 1 79 ? -0.333  22.325  -2.247  1.00 19.06 ? 79  TYR A CA  1 
ATOM   622  C C   . TYR A 1 79 ? -0.066  23.834  -1.965  1.00 21.21 ? 79  TYR A C   1 
ATOM   623  O O   . TYR A 1 79 ? 1.062   24.255  -1.947  1.00 21.31 ? 79  TYR A O   1 
ATOM   624  C CB  . TYR A 1 79 ? -0.935  22.198  -3.660  1.00 22.71 ? 79  TYR A CB  1 
ATOM   625  C CG  . TYR A 1 79 ? 0.032   22.623  -4.744  1.00 26.36 ? 79  TYR A CG  1 
ATOM   626  C CD1 . TYR A 1 79 ? 1.176   21.874  -4.983  1.00 31.61 ? 79  TYR A CD1 1 
ATOM   627  C CD2 . TYR A 1 79 ? -0.183  23.748  -5.502  1.00 32.08 ? 79  TYR A CD2 1 
ATOM   628  C CE1 . TYR A 1 79 ? 2.087   22.229  -5.966  1.00 35.68 ? 79  TYR A CE1 1 
ATOM   629  C CE2 . TYR A 1 79 ? 0.734   24.108  -6.502  1.00 36.68 ? 79  TYR A CE2 1 
ATOM   630  C CZ  . TYR A 1 79 ? 1.864   23.339  -6.698  1.00 35.46 ? 79  TYR A CZ  1 
ATOM   631  O OH  . TYR A 1 79 ? 2.813   23.640  -7.646  1.00 45.14 ? 79  TYR A OH  1 
ATOM   632  N N   . LYS A 1 80 ? -1.118  24.564  -1.691  1.00 20.96 ? 80  LYS A N   1 
ATOM   633  C CA  . LYS A 1 80 ? -1.052  26.072  -1.444  1.00 21.12 ? 80  LYS A CA  1 
ATOM   634  C C   . LYS A 1 80 ? -0.427  26.452  -0.111  1.00 21.89 ? 80  LYS A C   1 
ATOM   635  O O   . LYS A 1 80 ? 0.421   27.323  -0.047  1.00 21.08 ? 80  LYS A O   1 
ATOM   636  C CB  . LYS A 1 80 ? -2.476  26.662  -1.517  1.00 26.22 ? 80  LYS A CB  1 
ATOM   637  C CG  . LYS A 1 80 ? -2.984  26.751  -2.927  1.00 33.28 ? 80  LYS A CG  1 
ATOM   638  C CD  . LYS A 1 80 ? -4.424  27.160  -3.065  1.00 39.68 ? 80  LYS A CD  1 
ATOM   639  C CE  . LYS A 1 80 ? -4.966  26.771  -4.471  1.00 43.35 ? 80  LYS A CE  1 
ATOM   640  N NZ  . LYS A 1 80 ? -4.685  25.344  -4.938  1.00 48.16 ? 80  LYS A NZ  1 
ATOM   641  N N   . THR A 1 81 ? -0.836  25.763  0.957   1.00 18.62 ? 81  THR A N   1 
ATOM   642  C CA  . THR A 1 81 ? -0.304  26.091  2.313   1.00 18.57 ? 81  THR A CA  1 
ATOM   643  C C   . THR A 1 81 ? 0.992   25.437  2.651   1.00 18.39 ? 81  THR A C   1 
ATOM   644  O O   . THR A 1 81 ? 1.691   25.896  3.541   1.00 19.64 ? 81  THR A O   1 
ATOM   645  C CB  . THR A 1 81 ? -1.260  25.772  3.425   1.00 20.82 ? 81  THR A CB  1 
ATOM   646  O OG1 . THR A 1 81 ? -1.400  24.344  3.605   1.00 18.74 ? 81  THR A OG1 1 
ATOM   647  C CG2 . THR A 1 81 ? -2.620  26.416  3.175   1.00 20.79 ? 81  THR A CG2 1 
ATOM   648  N N   . ARG A 1 82 ? 1.258   24.285  2.009   1.00 19.08 ? 82  ARG A N   1 
ATOM   649  C CA  . ARG A 1 82 ? 2.360   23.401  2.292   1.00 20.54 ? 82  ARG A CA  1 
ATOM   650  C C   . ARG A 1 82 ? 2.214   22.625  3.586   1.00 19.11 ? 82  ARG A C   1 
ATOM   651  O O   . ARG A 1 82 ? 3.196   22.066  4.100   1.00 20.90 ? 82  ARG A O   1 
ATOM   652  C CB  . ARG A 1 82 ? 3.704   24.163  2.268   1.00 26.34 ? 82  ARG A CB  1 
ATOM   653  C CG  . ARG A 1 82 ? 4.007   24.777  0.916   1.00 34.11 ? 82  ARG A CG  1 
ATOM   654  C CD  . ARG A 1 82 ? 4.705   23.716  0.075   1.00 43.26 ? 82  ARG A CD  1 
ATOM   655  N NE  . ARG A 1 82 ? 4.493   23.801  -1.355  1.00 50.68 ? 82  ARG A NE  1 
ATOM   656  C CZ  . ARG A 1 82 ? 4.869   22.826  -2.180  1.00 53.78 ? 82  ARG A CZ  1 
ATOM   657  N NH1 . ARG A 1 82 ? 5.494   21.740  -1.705  1.00 51.77 ? 82  ARG A NH1 1 
ATOM   658  N NH2 . ARG A 1 82 ? 4.643   22.939  -3.479  1.00 51.76 ? 82  ARG A NH2 1 
ATOM   659  N N   . GLY A 1 83 ? 1.030   22.677  4.212   1.00 17.62 ? 83  GLY A N   1 
ATOM   660  C CA  . GLY A 1 83 ? 0.844   22.066  5.550   1.00 15.83 ? 83  GLY A CA  1 
ATOM   661  C C   . GLY A 1 83 ? 0.584   20.593  5.292   1.00 15.28 ? 83  GLY A C   1 
ATOM   662  O O   . GLY A 1 83 ? -0.007  20.241  4.240   1.00 14.61 ? 83  GLY A O   1 
ATOM   663  N N   . ARG A 1 84 ? 0.987   19.786  6.246   1.00 16.95 ? 84  ARG A N   1 
ATOM   664  C CA  . ARG A 1 84 ? 0.765   18.349  6.219   1.00 14.47 ? 84  ARG A CA  1 
ATOM   665  C C   . ARG A 1 84 ? 0.068   17.888  7.451   1.00 15.02 ? 84  ARG A C   1 
ATOM   666  O O   . ARG A 1 84 ? 0.119   18.530  8.548   1.00 14.17 ? 84  ARG A O   1 
ATOM   667  C CB  . ARG A 1 84 ? 2.120   17.714  6.089   1.00 17.24 ? 84  ARG A CB  1 
ATOM   668  C CG  . ARG A 1 84 ? 2.711   18.015  4.714   1.00 19.24 ? 84  ARG A CG  1 
ATOM   669  C CD  . ARG A 1 84 ? 3.983   17.187  4.505   1.00 24.80 ? 84  ARG A CD  1 
ATOM   670  N NE  . ARG A 1 84 ? 4.598   17.618  3.253   1.00 26.60 ? 84  ARG A NE  1 
ATOM   671  C CZ  . ARG A 1 84 ? 5.566   18.535  3.152   1.00 29.62 ? 84  ARG A CZ  1 
ATOM   672  N NH1 . ARG A 1 84 ? 6.146   19.096  4.242   1.00 32.11 ? 84  ARG A NH1 1 
ATOM   673  N NH2 . ARG A 1 84 ? 5.995   18.848  1.960   1.00 27.30 ? 84  ARG A NH2 1 
ATOM   674  N N   . LYS A 1 85 ? -0.677  16.809  7.268   1.00 14.72 ? 85  LYS A N   1 
ATOM   675  C CA  . LYS A 1 85 ? -1.487  16.254  8.326   1.00 15.69 ? 85  LYS A CA  1 
ATOM   676  C C   . LYS A 1 85 ? -1.365  14.734  8.247   1.00 13.44 ? 85  LYS A C   1 
ATOM   677  O O   . LYS A 1 85 ? -1.413  14.148  7.153   1.00 14.28 ? 85  LYS A O   1 
ATOM   678  C CB  . LYS A 1 85 ? -2.971  16.651  8.110   1.00 17.74 ? 85  LYS A CB  1 
ATOM   679  C CG  . LYS A 1 85 ? -3.816  16.161  9.265   1.00 26.43 ? 85  LYS A CG  1 
ATOM   680  C CD  . LYS A 1 85 ? -5.128  16.888  9.355   1.00 31.49 ? 85  LYS A CD  1 
ATOM   681  C CE  . LYS A 1 85 ? -5.776  16.921  7.991   1.00 37.80 ? 85  LYS A CE  1 
ATOM   682  N NZ  . LYS A 1 85 ? -7.212  17.277  8.095   1.00 48.06 ? 85  LYS A NZ  1 
ATOM   683  N N   . LEU A 1 86 ? -1.243  14.082  9.381   1.00 12.43 ? 86  LEU A N   1 
ATOM   684  C CA  . LEU A 1 86 ? -1.352  12.647  9.381   1.00 12.74 ? 86  LEU A CA  1 
ATOM   685  C C   . LEU A 1 86 ? -2.801  12.227  9.232   1.00 14.10 ? 86  LEU A C   1 
ATOM   686  O O   . LEU A 1 86 ? -3.617  12.438  10.131  1.00 15.71 ? 86  LEU A O   1 
ATOM   687  C CB  . LEU A 1 86 ? -0.724  12.061  10.639  1.00 12.38 ? 86  LEU A CB  1 
ATOM   688  C CG  . LEU A 1 86 ? -0.784  10.554  10.811  1.00 12.99 ? 86  LEU A CG  1 
ATOM   689  C CD1 . LEU A 1 86 ? 0.090   9.856   9.750   1.00 14.32 ? 86  LEU A CD1 1 
ATOM   690  C CD2 . LEU A 1 86 ? -0.320  10.184  12.171  1.00 13.22 ? 86  LEU A CD2 1 
ATOM   691  N N   . LEU A 1 87 ? -3.135  11.580  8.154   1.00 14.68 ? 87  LEU A N   1 
ATOM   692  C CA  . LEU A 1 87 ? -4.523  11.085  7.972   1.00 16.49 ? 87  LEU A CA  1 
ATOM   693  C C   . LEU A 1 87 ? -4.841  9.729   8.634   1.00 17.58 ? 87  LEU A C   1 
ATOM   694  O O   . LEU A 1 87 ? -5.930  9.551   9.229   1.00 17.55 ? 87  LEU A O   1 
ATOM   695  C CB  . LEU A 1 87 ? -4.882  10.939  6.525   1.00 18.48 ? 87  LEU A CB  1 
ATOM   696  C CG  . LEU A 1 87 ? -4.716  12.120  5.608   1.00 25.13 ? 87  LEU A CG  1 
ATOM   697  C CD1 . LEU A 1 87 ? -5.082  11.655  4.191   1.00 27.57 ? 87  LEU A CD1 1 
ATOM   698  C CD2 . LEU A 1 87 ? -5.633  13.277  5.993   1.00 28.95 ? 87  LEU A CD2 1 
ATOM   699  N N   . ARG A 1 88 ? -3.960  8.768   8.427   1.00 14.78 ? 88  ARG A N   1 
ATOM   700  C CA  . ARG A 1 88 ? -4.122  7.392   8.926   1.00 15.46 ? 88  ARG A CA  1 
ATOM   701  C C   . ARG A 1 88 ? -2.774  6.905   9.382   1.00 15.03 ? 88  ARG A C   1 
ATOM   702  O O   . ARG A 1 88 ? -1.754  7.269   8.772   1.00 15.20 ? 88  ARG A O   1 
ATOM   703  C CB  . ARG A 1 88 ? -4.628  6.503   7.766   1.00 16.33 ? 88  ARG A CB  1 
ATOM   704  C CG  . ARG A 1 88 ? -5.929  6.938   7.024   1.00 16.28 ? 88  ARG A CG  1 
ATOM   705  C CD  . ARG A 1 88 ? -6.507  5.896   6.057   1.00 17.39 ? 88  ARG A CD  1 
ATOM   706  N NE  . ARG A 1 88 ? -7.529  6.493   5.191   1.00 18.55 ? 88  ARG A NE  1 
ATOM   707  C CZ  . ARG A 1 88 ? -7.300  7.127   4.066   1.00 22.15 ? 88  ARG A CZ  1 
ATOM   708  N NH1 . ARG A 1 88 ? -8.346  7.646   3.392   1.00 22.50 ? 88  ARG A NH1 1 
ATOM   709  N NH2 . ARG A 1 88 ? -6.055  7.304   3.595   1.00 22.30 ? 88  ARG A NH2 1 
ATOM   710  N N   . PHE A 1 89 ? -2.771  6.001   10.373  1.00 14.58 ? 89  PHE A N   1 
ATOM   711  C CA  . PHE A 1 89 ? -1.579  5.333   10.792  1.00 14.97 ? 89  PHE A CA  1 
ATOM   712  C C   . PHE A 1 89 ? -2.111  3.996   11.270  1.00 17.41 ? 89  PHE A C   1 
ATOM   713  O O   . PHE A 1 89 ? -2.706  3.966   12.366  1.00 21.85 ? 89  PHE A O   1 
ATOM   714  C CB  . PHE A 1 89 ? -0.901  6.133   11.868  1.00 14.63 ? 89  PHE A CB  1 
ATOM   715  C CG  . PHE A 1 89 ? 0.473   5.714   12.206  1.00 15.66 ? 89  PHE A CG  1 
ATOM   716  C CD1 . PHE A 1 89 ? 0.721   4.651   13.044  1.00 15.87 ? 89  PHE A CD1 1 
ATOM   717  C CD2 . PHE A 1 89 ? 1.540   6.374   11.661  1.00 16.15 ? 89  PHE A CD2 1 
ATOM   718  C CE1 . PHE A 1 89 ? 1.998   4.347   13.378  1.00 14.16 ? 89  PHE A CE1 1 
ATOM   719  C CE2 . PHE A 1 89 ? 2.827   6.075   12.010  1.00 16.53 ? 89  PHE A CE2 1 
ATOM   720  C CZ  . PHE A 1 89 ? 3.069   5.007   12.856  1.00 15.07 ? 89  PHE A CZ  1 
ATOM   721  N N   . ASN A 1 90 ? -1.873  2.948   10.488  1.00 15.53 ? 90  ASN A N   1 
ATOM   722  C CA  . ASN A 1 90 ? -2.500  1.622   10.662  1.00 18.85 ? 90  ASN A CA  1 
ATOM   723  C C   . ASN A 1 90 ? -1.392  0.638   10.933  1.00 18.04 ? 90  ASN A C   1 
ATOM   724  O O   . ASN A 1 90 ? -0.325  0.705   10.330  1.00 13.92 ? 90  ASN A O   1 
ATOM   725  C CB  . ASN A 1 90 ? -3.187  1.187   9.374   1.00 23.19 ? 90  ASN A CB  1 
ATOM   726  C CG  . ASN A 1 90 ? -3.933  -0.166  9.503   1.00 31.88 ? 90  ASN A CG  1 
ATOM   727  O OD1 . ASN A 1 90 ? -4.447  -0.475  10.582  1.00 41.40 ? 90  ASN A OD1 1 
ATOM   728  N ND2 . ASN A 1 90 ? -3.997  -0.979  8.395   1.00 37.80 ? 90  ASN A ND2 1 
ATOM   729  N N   . GLY A 1 91 ? -1.679  -0.310  11.803  1.00 17.20 ? 91  GLY A N   1 
ATOM   730  C CA  . GLY A 1 91 ? -0.835  -1.442  11.937  1.00 15.82 ? 91  GLY A CA  1 
ATOM   731  C C   . GLY A 1 91 ? -0.673  -1.895  13.401  1.00 14.91 ? 91  GLY A C   1 
ATOM   732  O O   . GLY A 1 91 ? -1.398  -1.416  14.269  1.00 18.32 ? 91  GLY A O   1 
ATOM   733  N N   . PRO A 1 92 ? 0.322   -2.709  13.652  1.00 16.49 ? 92  PRO A N   1 
ATOM   734  C CA  . PRO A 1 92 ? 1.323   -3.175  12.680  1.00 16.78 ? 92  PRO A CA  1 
ATOM   735  C C   . PRO A 1 92 ? 0.787   -3.997  11.520  1.00 16.94 ? 92  PRO A C   1 
ATOM   736  O O   . PRO A 1 92 ? -0.156  -4.769  11.681  1.00 15.53 ? 92  PRO A O   1 
ATOM   737  C CB  . PRO A 1 92 ? 2.276   -4.076  13.511  1.00 17.94 ? 92  PRO A CB  1 
ATOM   738  C CG  . PRO A 1 92 ? 2.082   -3.576  14.885  1.00 19.00 ? 92  PRO A CG  1 
ATOM   739  C CD  . PRO A 1 92 ? 0.610   -3.301  14.981  1.00 17.18 ? 92  PRO A CD  1 
ATOM   740  N N   . VAL A 1 93 ? 1.390   -3.787  10.360  1.00 14.79 ? 93  VAL A N   1 
ATOM   741  C CA  . VAL A 1 93 ? 0.950   -4.409  9.134   1.00 16.11 ? 93  VAL A CA  1 
ATOM   742  C C   . VAL A 1 93 ? 2.072   -5.298  8.664   1.00 16.69 ? 93  VAL A C   1 
ATOM   743  O O   . VAL A 1 93 ? 3.272   -5.137  8.969   1.00 18.28 ? 93  VAL A O   1 
ATOM   744  C CB  . VAL A 1 93 ? 0.598   -3.363  8.030   1.00 17.54 ? 93  VAL A CB  1 
ATOM   745  C CG1 . VAL A 1 93 ? -0.526  -2.469  8.479   1.00 19.00 ? 93  VAL A CG1 1 
ATOM   746  C CG2 . VAL A 1 93 ? 1.819   -2.567  7.651   1.00 16.11 ? 93  VAL A CG2 1 
ATOM   747  N N   . PRO A 1 94 ? 1.721   -6.315  7.899   1.00 19.47 ? 94  PRO A N   1 
ATOM   748  C CA  . PRO A 1 94 ? 2.780   -7.080  7.266   1.00 20.52 ? 94  PRO A CA  1 
ATOM   749  C C   . PRO A 1 94 ? 3.559   -6.317  6.208   1.00 18.89 ? 94  PRO A C   1 
ATOM   750  O O   . PRO A 1 94 ? 3.079   -5.318  5.616   1.00 18.15 ? 94  PRO A O   1 
ATOM   751  C CB  . PRO A 1 94 ? 2.042   -8.250  6.641   1.00 21.33 ? 94  PRO A CB  1 
ATOM   752  C CG  . PRO A 1 94 ? 0.626   -7.842  6.516   1.00 21.87 ? 94  PRO A CG  1 
ATOM   753  C CD  . PRO A 1 94 ? 0.364   -6.782  7.566   1.00 21.93 ? 94  PRO A CD  1 
ATOM   754  N N   . PRO A 1 95 ? 4.795   -6.751  5.950   1.00 22.16 ? 95  PRO A N   1 
ATOM   755  C CA  . PRO A 1 95 ? 5.607   -6.180  4.870   1.00 23.02 ? 95  PRO A CA  1 
ATOM   756  C C   . PRO A 1 95 ? 4.901   -6.131  3.505   1.00 22.97 ? 95  PRO A C   1 
ATOM   757  O O   . PRO A 1 95 ? 4.200   -7.092  3.147   1.00 25.04 ? 95  PRO A O   1 
ATOM   758  C CB  . PRO A 1 95 ? 6.790   -7.140  4.768   1.00 25.24 ? 95  PRO A CB  1 
ATOM   759  C CG  . PRO A 1 95 ? 6.775   -7.907  6.026   1.00 27.62 ? 95  PRO A CG  1 
ATOM   760  C CD  . PRO A 1 95 ? 5.390   -7.991  6.499   1.00 24.70 ? 95  PRO A CD  1 
ATOM   761  N N   . PRO A 1 96 ? 5.089   -5.039  2.753   1.00 26.53 ? 96  PRO A N   1 
ATOM   762  C CA  . PRO A 1 96 ? 4.553   -5.029  1.398   1.00 31.83 ? 96  PRO A CA  1 
ATOM   763  C C   . PRO A 1 96 ? 5.280   -6.035  0.526   1.00 36.98 ? 96  PRO A C   1 
ATOM   764  O O   . PRO A 1 96 ? 6.421   -6.392  0.835   1.00 45.60 ? 96  PRO A O   1 
ATOM   765  C CB  . PRO A 1 96 ? 4.846   -3.615  0.905   1.00 32.42 ? 96  PRO A CB  1 
ATOM   766  C CG  . PRO A 1 96 ? 6.059   -3.191  1.613   1.00 31.94 ? 96  PRO A CG  1 
ATOM   767  C CD  . PRO A 1 96 ? 6.021   -3.912  2.965   1.00 29.95 ? 96  PRO A CD  1 
ATOM   768  O OXT . PRO A 1 96 ? 4.732   -6.495  -0.480  1.00 43.64 ? 96  PRO A OXT 1 
ATOM   769  N N   . GLY B 1 1  ? 15.008  -5.116  -6.308  1.00 33.26 ? 1   GLY B N   1 
ATOM   770  C CA  . GLY B 1 1  ? 13.694  -4.969  -6.972  1.00 34.00 ? 1   GLY B CA  1 
ATOM   771  C C   . GLY B 1 1  ? 13.362  -3.547  -7.302  1.00 37.76 ? 1   GLY B C   1 
ATOM   772  O O   . GLY B 1 1  ? 14.034  -2.608  -6.836  1.00 40.64 ? 1   GLY B O   1 
ATOM   773  N N   . GLU B 1 2  ? 12.425  -3.388  -8.224  1.00 30.16 ? 2   GLU B N   1 
ATOM   774  C CA  . GLU B 1 2  ? 11.923  -2.062  -8.550  1.00 33.33 ? 2   GLU B CA  1 
ATOM   775  C C   . GLU B 1 2  ? 10.432  -2.107  -8.456  1.00 24.28 ? 2   GLU B C   1 
ATOM   776  O O   . GLU B 1 2  ? 9.841   -2.949  -9.092  1.00 22.53 ? 2   GLU B O   1 
ATOM   777  C CB  . GLU B 1 2  ? 12.245  -1.682  -9.999  1.00 39.30 ? 2   GLU B CB  1 
ATOM   778  C CG  . GLU B 1 2  ? 13.701  -1.849  -10.365 1.00 51.73 ? 2   GLU B CG  1 
ATOM   779  C CD  . GLU B 1 2  ? 14.025  -1.311  -11.760 1.00 58.42 ? 2   GLU B CD  1 
ATOM   780  O OE1 . GLU B 1 2  ? 13.120  -1.066  -12.606 1.00 57.12 ? 2   GLU B OE1 1 
ATOM   781  O OE2 . GLU B 1 2  ? 15.231  -1.138  -12.019 1.00 75.29 ? 2   GLU B OE2 1 
ATOM   782  N N   . TRP B 1 3  ? 9.846   -1.127  -7.793  1.00 21.59 ? 3   TRP B N   1 
ATOM   783  C CA  . TRP B 1 3  ? 8.405   -0.979  -7.740  1.00 19.51 ? 3   TRP B CA  1 
ATOM   784  C C   . TRP B 1 3  ? 7.884   -0.020  -8.810  1.00 20.61 ? 3   TRP B C   1 
ATOM   785  O O   . TRP B 1 3  ? 8.487   1.035   -9.081  1.00 20.32 ? 3   TRP B O   1 
ATOM   786  C CB  . TRP B 1 3  ? 7.981   -0.465  -6.369  1.00 18.23 ? 3   TRP B CB  1 
ATOM   787  C CG  . TRP B 1 3  ? 8.126   -1.430  -5.300  1.00 17.45 ? 3   TRP B CG  1 
ATOM   788  C CD1 . TRP B 1 3  ? 9.226   -1.584  -4.440  1.00 18.90 ? 3   TRP B CD1 1 
ATOM   789  C CD2 . TRP B 1 3  ? 7.179   -2.372  -4.895  1.00 17.52 ? 3   TRP B CD2 1 
ATOM   790  N NE1 . TRP B 1 3  ? 8.972   -2.568  -3.546  1.00 17.55 ? 3   TRP B NE1 1 
ATOM   791  C CE2 . TRP B 1 3  ? 7.708   -3.055  -3.781  1.00 18.72 ? 3   TRP B CE2 1 
ATOM   792  C CE3 . TRP B 1 3  ? 5.906   -2.705  -5.343  1.00 20.92 ? 3   TRP B CE3 1 
ATOM   793  C CZ2 . TRP B 1 3  ? 7.012   -4.109  -3.146  1.00 19.00 ? 3   TRP B CZ2 1 
ATOM   794  C CZ3 . TRP B 1 3  ? 5.205   -3.718  -4.682  1.00 18.29 ? 3   TRP B CZ3 1 
ATOM   795  C CH2 . TRP B 1 3  ? 5.745   -4.367  -3.569  1.00 18.77 ? 3   TRP B CH2 1 
ATOM   796  N N   . GLU B 1 4  ? 6.725   -0.325  -9.382  1.00 17.34 ? 4   GLU B N   1 
ATOM   797  C CA  . GLU B 1 4  ? 6.047   0.599   -10.272 1.00 17.75 ? 4   GLU B CA  1 
ATOM   798  C C   . GLU B 1 4  ? 4.556   0.517   -10.043 1.00 19.17 ? 4   GLU B C   1 
ATOM   799  O O   . GLU B 1 4  ? 4.064   -0.522  -9.627  1.00 19.76 ? 4   GLU B O   1 
ATOM   800  C CB  . GLU B 1 4  ? 6.409   0.250   -11.737 1.00 21.87 ? 4   GLU B CB  1 
ATOM   801  C CG  . GLU B 1 4  ? 5.822   -1.078  -12.242 1.00 27.21 ? 4   GLU B CG  1 
ATOM   802  C CD  . GLU B 1 4  ? 6.483   -1.606  -13.528 1.00 32.45 ? 4   GLU B CD  1 
ATOM   803  O OE1 . GLU B 1 4  ? 7.363   -0.928  -14.085 1.00 39.39 ? 4   GLU B OE1 1 
ATOM   804  O OE2 . GLU B 1 4  ? 6.219   -2.763  -13.881 1.00 34.46 ? 4   GLU B OE2 1 
ATOM   805  N N   . ILE B 1 5  ? 3.848   1.582   -10.375 1.00 18.59 ? 5   ILE B N   1 
ATOM   806  C CA  . ILE B 1 5  ? 2.374   1.531   -10.437 1.00 18.91 ? 5   ILE B CA  1 
ATOM   807  C C   . ILE B 1 5  ? 1.982   0.785   -11.715 1.00 20.59 ? 5   ILE B C   1 
ATOM   808  O O   . ILE B 1 5  ? 2.558   1.000   -12.789 1.00 18.27 ? 5   ILE B O   1 
ATOM   809  C CB  . ILE B 1 5  ? 1.739   2.933   -10.488 1.00 20.18 ? 5   ILE B CB  1 
ATOM   810  C CG1 . ILE B 1 5  ? 2.128   3.770   -9.275  1.00 19.50 ? 5   ILE B CG1 1 
ATOM   811  C CG2 . ILE B 1 5  ? 0.229   2.866   -10.606 1.00 21.42 ? 5   ILE B CG2 1 
ATOM   812  C CD1 . ILE B 1 5  ? 1.764   3.193   -7.927  1.00 19.86 ? 5   ILE B CD1 1 
ATOM   813  N N   . ILE B 1 6  ? 1.013   -0.101  -11.607 1.00 17.53 ? 6   ILE B N   1 
ATOM   814  C CA  . ILE B 1 6  ? 0.401   -0.718  -12.757 1.00 17.99 ? 6   ILE B CA  1 
ATOM   815  C C   . ILE B 1 6  ? -1.089  -0.367  -12.861 1.00 17.12 ? 6   ILE B C   1 
ATOM   816  O O   . ILE B 1 6  ? -1.711  -0.001  -11.866 1.00 19.59 ? 6   ILE B O   1 
ATOM   817  C CB  . ILE B 1 6  ? 0.680   -2.259  -12.762 1.00 17.29 ? 6   ILE B CB  1 
ATOM   818  C CG1 . ILE B 1 6  ? -0.019  -2.966  -11.609 1.00 19.09 ? 6   ILE B CG1 1 
ATOM   819  C CG2 . ILE B 1 6  ? 2.187   -2.534  -12.732 1.00 19.44 ? 6   ILE B CG2 1 
ATOM   820  C CD1 . ILE B 1 6  ? 0.030   -4.476  -11.754 1.00 19.92 ? 6   ILE B CD1 1 
ATOM   821  N N   . ASP B 1 7  ? -1.645  -0.483  -14.064 1.00 19.03 ? 7   ASP B N   1 
ATOM   822  C CA  A ASP B 1 7  ? -3.058  -0.303  -14.303 0.45 19.89 ? 7   ASP B CA  1 
ATOM   823  C CA  B ASP B 1 7  ? -3.059  -0.183  -14.211 0.55 19.11 ? 7   ASP B CA  1 
ATOM   824  C C   . ASP B 1 7  ? -3.881  -1.393  -13.671 1.00 20.80 ? 7   ASP B C   1 
ATOM   825  O O   . ASP B 1 7  ? -3.341  -2.475  -13.298 1.00 19.39 ? 7   ASP B O   1 
ATOM   826  C CB  A ASP B 1 7  ? -3.434  -0.297  -15.830 0.45 22.83 ? 7   ASP B CB  1 
ATOM   827  C CB  B ASP B 1 7  ? -3.379  0.151   -15.688 0.55 22.30 ? 7   ASP B CB  1 
ATOM   828  C CG  A ASP B 1 7  ? -3.130  -1.624  -16.598 0.45 23.86 ? 7   ASP B CG  1 
ATOM   829  C CG  B ASP B 1 7  ? -4.727  0.933   -15.912 0.55 22.69 ? 7   ASP B CG  1 
ATOM   830  O OD1 A ASP B 1 7  ? -3.649  -2.745  -16.320 0.45 24.61 ? 7   ASP B OD1 1 
ATOM   831  O OD1 B ASP B 1 7  ? -5.514  1.230   -14.972 0.55 20.64 ? 7   ASP B OD1 1 
ATOM   832  O OD2 A ASP B 1 7  ? -2.382  -1.541  -17.595 0.45 28.92 ? 7   ASP B OD2 1 
ATOM   833  O OD2 B ASP B 1 7  ? -5.024  1.234   -17.093 0.55 26.89 ? 7   ASP B OD2 1 
ATOM   834  N N   . ILE B 1 8  ? -5.190  -1.185  -13.646 1.00 17.21 ? 8   ILE B N   1 
ATOM   835  C CA  . ILE B 1 8  ? -6.110  -2.198  -13.098 1.00 19.32 ? 8   ILE B CA  1 
ATOM   836  C C   . ILE B 1 8  ? -6.919  -2.938  -14.192 1.00 16.60 ? 8   ILE B C   1 
ATOM   837  O O   . ILE B 1 8  ? -8.077  -3.239  -13.975 1.00 16.57 ? 8   ILE B O   1 
ATOM   838  C CB  . ILE B 1 8  ? -7.025  -1.586  -12.051 1.00 20.05 ? 8   ILE B CB  1 
ATOM   839  C CG1 . ILE B 1 8  ? -7.829  -0.386  -12.606 1.00 19.14 ? 8   ILE B CG1 1 
ATOM   840  C CG2 . ILE B 1 8  ? -6.183  -1.129  -10.855 1.00 20.47 ? 8   ILE B CG2 1 
ATOM   841  C CD1 . ILE B 1 8  ? -9.043  -0.011  -11.802 1.00 22.48 ? 8   ILE B CD1 1 
ATOM   842  N N   . GLY B 1 9  ? -6.267  -3.229  -15.295 1.00 18.43 ? 9   GLY B N   1 
ATOM   843  C CA  . GLY B 1 9  ? -6.798  -4.051  -16.379 1.00 21.09 ? 9   GLY B CA  1 
ATOM   844  C C   . GLY B 1 9  ? -7.020  -5.513  -16.034 1.00 19.99 ? 9   GLY B C   1 
ATOM   845  O O   . GLY B 1 9  ? -6.839  -5.946  -14.874 1.00 19.45 ? 9   GLY B O   1 
ATOM   846  N N   . PRO B 1 10 ? -7.442  -6.291  -17.029 1.00 22.68 ? 10  PRO B N   1 
ATOM   847  C CA  . PRO B 1 10 ? -7.795  -7.686  -16.815 1.00 22.38 ? 10  PRO B CA  1 
ATOM   848  C C   . PRO B 1 10 ? -6.769  -8.490  -16.092 1.00 18.79 ? 10  PRO B C   1 
ATOM   849  O O   . PRO B 1 10 ? -7.150  -9.307  -15.238 1.00 19.25 ? 10  PRO B O   1 
ATOM   850  C CB  . PRO B 1 10 ? -7.952  -8.229  -18.237 1.00 25.50 ? 10  PRO B CB  1 
ATOM   851  C CG  . PRO B 1 10 ? -8.371  -7.085  -19.041 1.00 27.11 ? 10  PRO B CG  1 
ATOM   852  C CD  . PRO B 1 10 ? -7.673  -5.881  -18.444 1.00 26.08 ? 10  PRO B CD  1 
ATOM   853  N N   . PHE B 1 11 ? -5.500  -8.360  -16.434 1.00 19.05 ? 11  PHE B N   1 
ATOM   854  C CA  . PHE B 1 11 ? -4.502  -9.163  -15.743 1.00 17.44 ? 11  PHE B CA  1 
ATOM   855  C C   . PHE B 1 11 ? -4.503  -8.841  -14.249 1.00 17.12 ? 11  PHE B C   1 
ATOM   856  O O   . PHE B 1 11 ? -4.350  -9.746  -13.404 1.00 14.49 ? 11  PHE B O   1 
ATOM   857  C CB  . PHE B 1 11 ? -3.172  -8.975  -16.407 1.00 20.38 ? 11  PHE B CB  1 
ATOM   858  C CG  . PHE B 1 11 ? -2.075  -9.726  -15.797 1.00 25.75 ? 11  PHE B CG  1 
ATOM   859  C CD1 . PHE B 1 11 ? -1.350  -9.143  -14.782 1.00 28.90 ? 11  PHE B CD1 1 
ATOM   860  C CD2 . PHE B 1 11 ? -1.644  -10.948 -16.344 1.00 29.35 ? 11  PHE B CD2 1 
ATOM   861  C CE1 . PHE B 1 11 ? -0.270  -9.812  -14.224 1.00 33.62 ? 11  PHE B CE1 1 
ATOM   862  C CE2 . PHE B 1 11 ? -0.561  -11.635 -15.782 1.00 30.77 ? 11  PHE B CE2 1 
ATOM   863  C CZ  . PHE B 1 11 ? 0.122   -11.054 -14.720 1.00 33.59 ? 11  PHE B CZ  1 
ATOM   864  N N   . THR B 1 12 ? -4.616  -7.536  -13.922 1.00 16.61 ? 12  THR B N   1 
ATOM   865  C CA  . THR B 1 12 ? -4.648  -7.105  -12.524 1.00 14.60 ? 12  THR B CA  1 
ATOM   866  C C   . THR B 1 12 ? -5.875  -7.589  -11.814 1.00 13.48 ? 12  THR B C   1 
ATOM   867  O O   . THR B 1 12 ? -5.825  -8.111  -10.695 1.00 15.99 ? 12  THR B O   1 
ATOM   868  C CB  . THR B 1 12 ? -4.475  -5.577  -12.424 1.00 14.22 ? 12  THR B CB  1 
ATOM   869  O OG1 . THR B 1 12 ? -3.285  -5.200  -13.146 1.00 15.63 ? 12  THR B OG1 1 
ATOM   870  C CG2 . THR B 1 12 ? -4.393  -5.224  -11.021 1.00 16.29 ? 12  THR B CG2 1 
ATOM   871  N N   . GLN B 1 13 ? -7.029  -7.505  -12.483 1.00 13.99 ? 13  GLN B N   1 
ATOM   872  C CA  . GLN B 1 13 ? -8.242  -8.023  -11.914 1.00 13.51 ? 13  GLN B CA  1 
ATOM   873  C C   . GLN B 1 13 ? -8.135  -9.566  -11.593 1.00 14.17 ? 13  GLN B C   1 
ATOM   874  O O   . GLN B 1 13 ? -8.544  -10.040 -10.541 1.00 13.83 ? 13  GLN B O   1 
ATOM   875  C CB  . GLN B 1 13 ? -9.432  -7.755  -12.798 1.00 14.04 ? 13  GLN B CB  1 
ATOM   876  C CG  . GLN B 1 13 ? -9.708  -6.282  -13.012 1.00 15.63 ? 13  GLN B CG  1 
ATOM   877  C CD  . GLN B 1 13 ? -10.003 -5.523  -11.739 1.00 15.08 ? 13  GLN B CD  1 
ATOM   878  O OE1 . GLN B 1 13 ? -10.694 -5.996  -10.807 1.00 15.10 ? 13  GLN B OE1 1 
ATOM   879  N NE2 . GLN B 1 13 ? -9.537  -4.289  -11.693 1.00 14.64 ? 13  GLN B NE2 1 
ATOM   880  N N   . ASN B 1 14 ? -7.509  -10.286 -12.513 1.00 15.75 ? 14  ASN B N   1 
ATOM   881  C CA  . ASN B 1 14 ? -7.290  -11.742 -12.326 1.00 16.53 ? 14  ASN B CA  1 
ATOM   882  C C   . ASN B 1 14 ? -6.348  -12.056 -11.177 1.00 15.94 ? 14  ASN B C   1 
ATOM   883  O O   . ASN B 1 14 ? -6.551  -13.080 -10.502 1.00 16.61 ? 14  ASN B O   1 
ATOM   884  C CB  . ASN B 1 14 ? -6.861  -12.386 -13.644 1.00 17.51 ? 14  ASN B CB  1 
ATOM   885  C CG  . ASN B 1 14 ? -8.033  -12.475 -14.623 1.00 19.19 ? 14  ASN B CG  1 
ATOM   886  O OD1 . ASN B 1 14 ? -9.146  -12.570 -14.227 1.00 22.97 ? 14  ASN B OD1 1 
ATOM   887  N ND2 . ASN B 1 14 ? -7.753  -12.510 -15.883 1.00 24.68 ? 14  ASN B ND2 1 
ATOM   888  N N   . LEU B 1 15 ? -5.329  -11.213 -10.963 1.00 13.83 ? 15  LEU B N   1 
ATOM   889  C CA  . LEU B 1 15 ? -4.538  -11.333 -9.751  1.00 15.68 ? 15  LEU B CA  1 
ATOM   890  C C   . LEU B 1 15 ? -5.373  -11.165 -8.473  1.00 14.25 ? 15  LEU B C   1 
ATOM   891  O O   . LEU B 1 15 ? -5.210  -11.897 -7.497  1.00 13.45 ? 15  LEU B O   1 
ATOM   892  C CB  . LEU B 1 15 ? -3.385  -10.309 -9.761  1.00 14.90 ? 15  LEU B CB  1 
ATOM   893  C CG  . LEU B 1 15 ? -2.231  -10.721 -10.636 1.00 16.36 ? 15  LEU B CG  1 
ATOM   894  C CD1 . LEU B 1 15 ? -1.349  -9.540  -10.914 1.00 18.10 ? 15  LEU B CD1 1 
ATOM   895  C CD2 . LEU B 1 15 ? -1.381  -11.784 -9.937  1.00 16.32 ? 15  LEU B CD2 1 
ATOM   896  N N   . GLY B 1 16 ? -6.277  -10.195 -8.467  1.00 15.14 ? 16  GLY B N   1 
ATOM   897  C CA  . GLY B 1 16 ? -7.250  -10.021 -7.394  1.00 14.46 ? 16  GLY B CA  1 
ATOM   898  C C   . GLY B 1 16 ? -8.135  -11.223 -7.131  1.00 13.61 ? 16  GLY B C   1 
ATOM   899  O O   . GLY B 1 16 ? -8.364  -11.635 -5.994  1.00 13.40 ? 16  GLY B O   1 
ATOM   900  N N   . LYS B 1 17 ? -8.620  -11.825 -8.215  1.00 13.98 ? 17  LYS B N   1 
ATOM   901  C CA  . LYS B 1 17 ? -9.420  -13.052 -8.132  1.00 14.11 ? 17  LYS B CA  1 
ATOM   902  C C   . LYS B 1 17 ? -8.651  -14.211 -7.600  1.00 13.78 ? 17  LYS B C   1 
ATOM   903  O O   . LYS B 1 17 ? -9.157  -14.921 -6.727  1.00 14.46 ? 17  LYS B O   1 
ATOM   904  C CB  . LYS B 1 17 ? -9.999  -13.416 -9.462  1.00 16.70 ? 17  LYS B CB  1 
ATOM   905  C CG  . LYS B 1 17 ? -11.021 -12.434 -9.935  1.00 22.46 ? 17  LYS B CG  1 
ATOM   906  C CD  . LYS B 1 17 ? -11.474 -12.768 -11.365 1.00 29.28 ? 17  LYS B CD  1 
ATOM   907  C CE  . LYS B 1 17 ? -12.566 -11.821 -11.827 1.00 35.53 ? 17  LYS B CE  1 
ATOM   908  N NZ  . LYS B 1 17 ? -12.553 -11.707 -13.329 1.00 42.63 ? 17  LYS B NZ  1 
ATOM   909  N N   . PHE B 1 18 ? -7.404  -14.359 -8.038  1.00 14.69 ? 18  PHE B N   1 
ATOM   910  C CA  . PHE B 1 18 ? -6.441  -15.294 -7.466  1.00 13.95 ? 18  PHE B CA  1 
ATOM   911  C C   . PHE B 1 18 ? -6.397  -15.125 -5.966  1.00 14.56 ? 18  PHE B C   1 
ATOM   912  O O   . PHE B 1 18 ? -6.515  -16.090 -5.199  1.00 13.16 ? 18  PHE B O   1 
ATOM   913  C CB  . PHE B 1 18 ? -5.038  -15.176 -8.115  1.00 14.78 ? 18  PHE B CB  1 
ATOM   914  C CG  . PHE B 1 18 ? -3.975  -15.976 -7.421  1.00 13.87 ? 18  PHE B CG  1 
ATOM   915  C CD1 . PHE B 1 18 ? -3.924  -17.346 -7.588  1.00 15.77 ? 18  PHE B CD1 1 
ATOM   916  C CD2 . PHE B 1 18 ? -3.166  -15.428 -6.468  1.00 14.97 ? 18  PHE B CD2 1 
ATOM   917  C CE1 . PHE B 1 18 ? -2.971  -18.130 -6.897  1.00 15.72 ? 18  PHE B CE1 1 
ATOM   918  C CE2 . PHE B 1 18 ? -2.223  -16.191 -5.749  1.00 15.26 ? 18  PHE B CE2 1 
ATOM   919  C CZ  . PHE B 1 18 ? -2.136  -17.577 -5.981  1.00 13.68 ? 18  PHE B CZ  1 
ATOM   920  N N   . ALA B 1 19 ? -6.185  -13.908 -5.501  1.00 13.51 ? 19  ALA B N   1 
ATOM   921  C CA  . ALA B 1 19 ? -6.041  -13.675 -4.089  1.00 13.12 ? 19  ALA B CA  1 
ATOM   922  C C   . ALA B 1 19 ? -7.249  -14.065 -3.273  1.00 13.29 ? 19  ALA B C   1 
ATOM   923  O O   . ALA B 1 19 ? -7.109  -14.712 -2.252  1.00 14.51 ? 19  ALA B O   1 
ATOM   924  C CB  . ALA B 1 19 ? -5.646  -12.210 -3.793  1.00 14.10 ? 19  ALA B CB  1 
ATOM   925  N N   . VAL B 1 20 ? -8.419  -13.684 -3.721  1.00 11.40 ? 20  VAL B N   1 
ATOM   926  C CA  . VAL B 1 20 ? -9.616  -13.974 -3.007  1.00 13.85 ? 20  VAL B CA  1 
ATOM   927  C C   . VAL B 1 20 ? -9.867  -15.508 -2.971  1.00 13.84 ? 20  VAL B C   1 
ATOM   928  O O   . VAL B 1 20 ? -10.185 -16.096 -1.937  1.00 14.79 ? 20  VAL B O   1 
ATOM   929  C CB  . VAL B 1 20 ? -10.800 -13.252 -3.622  1.00 14.00 ? 20  VAL B CB  1 
ATOM   930  C CG1 . VAL B 1 20 ? -12.096 -13.770 -3.063  1.00 15.17 ? 20  VAL B CG1 1 
ATOM   931  C CG2 . VAL B 1 20 ? -10.706 -11.739 -3.356  1.00 14.81 ? 20  VAL B CG2 1 
ATOM   932  N N   . ASP B 1 21 ? -9.654  -16.108 -4.142  1.00 14.10 ? 21  ASP B N   1 
ATOM   933  C CA  . ASP B 1 21 ? -9.795  -17.577 -4.216  1.00 14.25 ? 21  ASP B CA  1 
ATOM   934  C C   . ASP B 1 21 ? -8.863  -18.308 -3.264  1.00 14.04 ? 21  ASP B C   1 
ATOM   935  O O   . ASP B 1 21 ? -9.244  -19.307 -2.573  1.00 15.31 ? 21  ASP B O   1 
ATOM   936  C CB  . ASP B 1 21 ? -9.542  -18.069 -5.623  1.00 15.39 ? 21  ASP B CB  1 
ATOM   937  C CG  . ASP B 1 21 ? -10.613 -17.699 -6.617  1.00 19.55 ? 21  ASP B CG  1 
ATOM   938  O OD1 . ASP B 1 21 ? -11.771 -17.343 -6.274  1.00 20.95 ? 21  ASP B OD1 1 
ATOM   939  O OD2 . ASP B 1 21 ? -10.288 -17.816 -7.855  1.00 20.35 ? 21  ASP B OD2 1 
ATOM   940  N N   . GLU B 1 22 ? -7.628  -17.866 -3.194  1.00 14.47 ? 22  GLU B N   1 
ATOM   941  C CA  . GLU B 1 22 ? -6.673  -18.469 -2.241  1.00 15.60 ? 22  GLU B CA  1 
ATOM   942  C C   . GLU B 1 22 ? -7.107  -18.221 -0.819  1.00 17.75 ? 22  GLU B C   1 
ATOM   943  O O   . GLU B 1 22 ? -7.121  -19.156 0.033   1.00 18.21 ? 22  GLU B O   1 
ATOM   944  C CB  . GLU B 1 22 ? -5.283  -17.916 -2.443  1.00 17.84 ? 22  GLU B CB  1 
ATOM   945  C CG  . GLU B 1 22 ? -4.600  -18.255 -3.748  1.00 19.62 ? 22  GLU B CG  1 
ATOM   946  C CD  . GLU B 1 22 ? -4.295  -19.771 -3.827  1.00 23.43 ? 22  GLU B CD  1 
ATOM   947  O OE1 . GLU B 1 22 ? -3.429  -20.247 -3.081  1.00 25.61 ? 22  GLU B OE1 1 
ATOM   948  O OE2 . GLU B 1 22 ? -4.934  -20.424 -4.667  1.00 25.30 ? 22  GLU B OE2 1 
ATOM   949  N N   . GLU B 1 23 ? -7.549  -17.010 -0.544  1.00 17.19 ? 23  GLU B N   1 
ATOM   950  C CA  . GLU B 1 23 ? -8.027  -16.709 0.846   1.00 19.70 ? 23  GLU B CA  1 
ATOM   951  C C   . GLU B 1 23 ? -9.272  -17.500 1.219   1.00 19.06 ? 23  GLU B C   1 
ATOM   952  O O   . GLU B 1 23 ? -9.453  -17.902 2.371   1.00 21.45 ? 23  GLU B O   1 
ATOM   953  C CB  . GLU B 1 23 ? -8.215  -15.198 0.996   1.00 20.54 ? 23  GLU B CB  1 
ATOM   954  C CG  . GLU B 1 23 ? -8.338  -14.760 2.443   1.00 22.36 ? 23  GLU B CG  1 
ATOM   955  C CD  . GLU B 1 23 ? -7.165  -15.197 3.326   1.00 23.39 ? 23  GLU B CD  1 
ATOM   956  O OE1 . GLU B 1 23 ? -6.012  -15.083 2.917   1.00 24.47 ? 23  GLU B OE1 1 
ATOM   957  O OE2 . GLU B 1 23 ? -7.457  -15.701 4.433   1.00 29.75 ? 23  GLU B OE2 1 
ATOM   958  N N   . ASN B 1 24 ? -10.112 -17.788 0.254   1.00 18.67 ? 24  ASN B N   1 
ATOM   959  C CA  . ASN B 1 24 ? -11.287 -18.585 0.499   1.00 17.82 ? 24  ASN B CA  1 
ATOM   960  C C   . ASN B 1 24 ? -10.956 -20.053 0.861   1.00 21.40 ? 24  ASN B C   1 
ATOM   961  O O   . ASN B 1 24 ? -11.657 -20.710 1.648   1.00 24.58 ? 24  ASN B O   1 
ATOM   962  C CB  . ASN B 1 24 ? -12.227 -18.526 -0.659  1.00 18.39 ? 24  ASN B CB  1 
ATOM   963  C CG  . ASN B 1 24 ? -13.089 -17.282 -0.622  1.00 19.09 ? 24  ASN B CG  1 
ATOM   964  O OD1 . ASN B 1 24 ? -13.180 -16.639 0.399   1.00 19.99 ? 24  ASN B OD1 1 
ATOM   965  N ND2 . ASN B 1 24 ? -13.741 -16.971 -1.742  1.00 17.23 ? 24  ASN B ND2 1 
ATOM   966  N N   . LYS B 1 25 ? -9.887  -20.550 0.312   1.00 20.54 ? 25  LYS B N   1 
ATOM   967  C CA  . LYS B 1 25 ? -9.391  -21.875 0.762   1.00 23.77 ? 25  LYS B CA  1 
ATOM   968  C C   . LYS B 1 25 ? -8.832  -21.820 2.156   1.00 24.65 ? 25  LYS B C   1 
ATOM   969  O O   . LYS B 1 25 ? -8.990  -22.792 2.906   1.00 25.12 ? 25  LYS B O   1 
ATOM   970  C CB  . LYS B 1 25 ? -8.330  -22.385 -0.243  1.00 24.50 ? 25  LYS B CB  1 
ATOM   971  C CG  . LYS B 1 25 ? -8.846  -22.704 -1.603  1.00 26.37 ? 25  LYS B CG  1 
ATOM   972  C CD  . LYS B 1 25 ? -7.755  -23.433 -2.450  1.00 30.93 ? 25  LYS B CD  1 
ATOM   973  C CE  . LYS B 1 25 ? -6.954  -22.408 -3.236  1.00 33.29 ? 25  LYS B CE  1 
ATOM   974  N NZ  . LYS B 1 25 ? -5.672  -22.921 -3.746  1.00 36.50 ? 25  LYS B NZ  1 
ATOM   975  N N   . ILE B 1 26 ? -8.090  -20.736 2.479   1.00 22.41 ? 26  ILE B N   1 
ATOM   976  C CA  . ILE B 1 26 ? -7.484  -20.541 3.761   1.00 26.29 ? 26  ILE B CA  1 
ATOM   977  C C   . ILE B 1 26 ? -8.600  -20.400 4.810   1.00 27.77 ? 26  ILE B C   1 
ATOM   978  O O   . ILE B 1 26 ? -8.608  -21.120 5.785   1.00 31.43 ? 26  ILE B O   1 
ATOM   979  C CB  . ILE B 1 26 ? -6.496  -19.358 3.745   1.00 26.30 ? 26  ILE B CB  1 
ATOM   980  C CG1 . ILE B 1 26 ? -5.288  -19.666 2.851   1.00 26.52 ? 26  ILE B CG1 1 
ATOM   981  C CG2 . ILE B 1 26 ? -5.975  -19.014 5.136   1.00 27.37 ? 26  ILE B CG2 1 
ATOM   982  C CD1 . ILE B 1 26 ? -4.464  -18.441 2.477   1.00 25.39 ? 26  ILE B CD1 1 
ATOM   983  N N   . GLY B 1 27 ? -9.560  -19.504 4.583   1.00 28.45 ? 27  GLY B N   1 
ATOM   984  C CA  . GLY B 1 27 ? -10.765 -19.370 5.412   1.00 27.28 ? 27  GLY B CA  1 
ATOM   985  C C   . GLY B 1 27 ? -10.715 -18.334 6.531   1.00 25.45 ? 27  GLY B C   1 
ATOM   986  O O   . GLY B 1 27 ? -11.713 -18.169 7.224   1.00 27.63 ? 27  GLY B O   1 
ATOM   987  N N   . LYS B 1 28 ? -9.600  -17.604 6.670   1.00 27.92 ? 28  LYS B N   1 
ATOM   988  C CA  . LYS B 1 28 ? -9.410  -16.615 7.754   1.00 30.29 ? 28  LYS B CA  1 
ATOM   989  C C   . LYS B 1 28 ? -10.411 -15.447 7.761   1.00 30.40 ? 28  LYS B C   1 
ATOM   990  O O   . LYS B 1 28 ? -10.609 -14.804 8.801   1.00 32.43 ? 28  LYS B O   1 
ATOM   991  C CB  . LYS B 1 28 ? -7.948  -16.171 7.853   1.00 32.99 ? 28  LYS B CB  1 
ATOM   992  C CG  . LYS B 1 28 ? -7.679  -14.868 8.561   1.00 36.14 ? 28  LYS B CG  1 
ATOM   993  C CD  . LYS B 1 28 ? -6.187  -14.632 8.656   1.00 39.51 ? 28  LYS B CD  1 
ATOM   994  C CE  . LYS B 1 28 ? -5.922  -13.439 9.564   1.00 43.02 ? 28  LYS B CE  1 
ATOM   995  N NZ  . LYS B 1 28 ? -4.486  -13.036 9.571   1.00 48.25 ? 28  LYS B NZ  1 
ATOM   996  N N   . TYR B 1 29 ? -11.101 -15.195 6.649   1.00 29.67 ? 29  TYR B N   1 
ATOM   997  C CA  . TYR B 1 29 ? -12.214 -14.239 6.562   1.00 31.61 ? 29  TYR B CA  1 
ATOM   998  C C   . TYR B 1 29 ? -13.586 -14.787 6.203   1.00 34.14 ? 29  TYR B C   1 
ATOM   999  O O   . TYR B 1 29 ? -14.505 -14.009 5.894   1.00 45.93 ? 29  TYR B O   1 
ATOM   1000 C CB  . TYR B 1 29 ? -11.855 -13.206 5.532   1.00 33.75 ? 29  TYR B CB  1 
ATOM   1001 C CG  . TYR B 1 29 ? -10.659 -12.450 5.947   1.00 32.84 ? 29  TYR B CG  1 
ATOM   1002 C CD1 . TYR B 1 29 ? -10.791 -11.369 6.817   1.00 37.91 ? 29  TYR B CD1 1 
ATOM   1003 C CD2 . TYR B 1 29 ? -9.386  -12.811 5.546   1.00 31.57 ? 29  TYR B CD2 1 
ATOM   1004 C CE1 . TYR B 1 29 ? -9.686  -10.685 7.236   1.00 36.21 ? 29  TYR B CE1 1 
ATOM   1005 C CE2 . TYR B 1 29 ? -8.271  -12.159 5.987   1.00 34.54 ? 29  TYR B CE2 1 
ATOM   1006 C CZ  . TYR B 1 29 ? -8.432  -11.055 6.786   1.00 33.29 ? 29  TYR B CZ  1 
ATOM   1007 O OH  . TYR B 1 29 ? -7.345  -10.411 7.257   1.00 44.71 ? 29  TYR B OH  1 
ATOM   1008 N N   . GLY B 1 30 ? -13.775 -16.085 6.285   1.00 31.00 ? 30  GLY B N   1 
ATOM   1009 C CA  . GLY B 1 30 ? -15.010 -16.703 5.850   1.00 34.57 ? 30  GLY B CA  1 
ATOM   1010 C C   . GLY B 1 30 ? -15.036 -16.705 4.343   1.00 31.58 ? 30  GLY B C   1 
ATOM   1011 O O   . GLY B 1 30 ? -13.993 -16.700 3.721   1.00 34.79 ? 30  GLY B O   1 
ATOM   1012 N N   . ARG B 1 31 ? -16.205 -16.766 3.742   1.00 30.93 ? 31  ARG B N   1 
ATOM   1013 C CA  . ARG B 1 31 ? -16.253 -16.815 2.302   1.00 28.23 ? 31  ARG B CA  1 
ATOM   1014 C C   . ARG B 1 31 ? -16.348 -15.393 1.752   1.00 26.72 ? 31  ARG B C   1 
ATOM   1015 O O   . ARG B 1 31 ? -17.346 -14.759 1.914   1.00 25.64 ? 31  ARG B O   1 
ATOM   1016 C CB  . ARG B 1 31 ? -17.447 -17.619 1.812   1.00 34.32 ? 31  ARG B CB  1 
ATOM   1017 C CG  . ARG B 1 31 ? -17.319 -17.956 0.329   1.00 36.65 ? 31  ARG B CG  1 
ATOM   1018 C CD  . ARG B 1 31 ? -18.186 -19.113 -0.043  1.00 39.72 ? 31  ARG B CD  1 
ATOM   1019 N NE  . ARG B 1 31 ? -18.419 -19.174 -1.493  1.00 48.68 ? 31  ARG B NE  1 
ATOM   1020 C CZ  . ARG B 1 31 ? -17.566 -19.692 -2.379  1.00 47.76 ? 31  ARG B CZ  1 
ATOM   1021 N NH1 . ARG B 1 31 ? -16.363 -20.176 -2.006  1.00 44.96 ? 31  ARG B NH1 1 
ATOM   1022 N NH2 . ARG B 1 31 ? -17.912 -19.714 -3.665  1.00 52.46 ? 31  ARG B NH2 1 
ATOM   1023 N N   . LEU B 1 32 ? -15.287 -14.939 1.081   1.00 22.44 ? 32  LEU B N   1 
ATOM   1024 C CA  . LEU B 1 32 ? -15.273 -13.675 0.351   1.00 21.91 ? 32  LEU B CA  1 
ATOM   1025 C C   . LEU B 1 32 ? -15.742 -13.745 -1.102  1.00 21.02 ? 32  LEU B C   1 
ATOM   1026 O O   . LEU B 1 32 ? -15.528 -14.741 -1.807  1.00 22.39 ? 32  LEU B O   1 
ATOM   1027 C CB  . LEU B 1 32 ? -13.827 -13.178 0.361   1.00 21.23 ? 32  LEU B CB  1 
ATOM   1028 C CG  . LEU B 1 32 ? -13.283 -12.968 1.751   1.00 21.63 ? 32  LEU B CG  1 
ATOM   1029 C CD1 . LEU B 1 32 ? -11.821 -12.562 1.663   1.00 22.91 ? 32  LEU B CD1 1 
ATOM   1030 C CD2 . LEU B 1 32 ? -14.111 -11.890 2.417   1.00 22.41 ? 32  LEU B CD2 1 
ATOM   1031 N N   . THR B 1 33 ? -16.423 -12.703 -1.572  1.00 19.48 ? 33  THR B N   1 
ATOM   1032 C CA  . THR B 1 33 ? -16.857 -12.622 -2.945  1.00 20.34 ? 33  THR B CA  1 
ATOM   1033 C C   . THR B 1 33 ? -16.060 -11.506 -3.593  1.00 18.68 ? 33  THR B C   1 
ATOM   1034 O O   . THR B 1 33 ? -16.206 -10.347 -3.191  1.00 17.62 ? 33  THR B O   1 
ATOM   1035 C CB  . THR B 1 33 ? -18.370 -12.281 -3.003  1.00 21.59 ? 33  THR B CB  1 
ATOM   1036 O OG1 . THR B 1 33 ? -19.064 -13.387 -2.475  1.00 26.66 ? 33  THR B OG1 1 
ATOM   1037 C CG2 . THR B 1 33 ? -18.808 -12.065 -4.384  1.00 23.79 ? 33  THR B CG2 1 
ATOM   1038 N N   . PHE B 1 34 ? -15.230 -11.836 -4.569  1.00 16.43 ? 34  PHE B N   1 
ATOM   1039 C CA  . PHE B 1 34 ? -14.445 -10.862 -5.272  1.00 16.73 ? 34  PHE B CA  1 
ATOM   1040 C C   . PHE B 1 34 ? -15.340 -9.787  -5.939  1.00 18.55 ? 34  PHE B C   1 
ATOM   1041 O O   . PHE B 1 34 ? -16.352 -10.141 -6.623  1.00 15.30 ? 34  PHE B O   1 
ATOM   1042 C CB  . PHE B 1 34 ? -13.597 -11.531 -6.335  1.00 17.50 ? 34  PHE B CB  1 
ATOM   1043 C CG  . PHE B 1 34 ? -12.850 -10.576 -7.190  1.00 15.48 ? 34  PHE B CG  1 
ATOM   1044 C CD1 . PHE B 1 34 ? -11.652 -10.028 -6.762  1.00 16.65 ? 34  PHE B CD1 1 
ATOM   1045 C CD2 . PHE B 1 34 ? -13.355 -10.190 -8.454  1.00 18.64 ? 34  PHE B CD2 1 
ATOM   1046 C CE1 . PHE B 1 34 ? -10.951 -9.160  -7.600  1.00 15.95 ? 34  PHE B CE1 1 
ATOM   1047 C CE2 . PHE B 1 34 ? -12.699 -9.276  -9.221  1.00 18.26 ? 34  PHE B CE2 1 
ATOM   1048 C CZ  . PHE B 1 34 ? -11.442 -8.775  -8.803  1.00 16.76 ? 34  PHE B CZ  1 
ATOM   1049 N N   . ASN B 1 35 ? -14.965 -8.534  -5.739  1.00 15.83 ? 35  ASN B N   1 
ATOM   1050 C CA  . ASN B 1 35 ? -15.652 -7.380  -6.391  1.00 17.59 ? 35  ASN B CA  1 
ATOM   1051 C C   . ASN B 1 35 ? -14.816 -6.718  -7.448  1.00 17.86 ? 35  ASN B C   1 
ATOM   1052 O O   . ASN B 1 35 ? -15.145 -6.781  -8.651  1.00 19.70 ? 35  ASN B O   1 
ATOM   1053 C CB  . ASN B 1 35 ? -16.130 -6.337  -5.380  1.00 17.67 ? 35  ASN B CB  1 
ATOM   1054 C CG  . ASN B 1 35 ? -17.031 -6.874  -4.291  1.00 20.32 ? 35  ASN B CG  1 
ATOM   1055 O OD1 . ASN B 1 35 ? -16.878 -6.474  -3.145  1.00 20.01 ? 35  ASN B OD1 1 
ATOM   1056 N ND2 . ASN B 1 35 ? -18.059 -7.660  -4.676  1.00 20.54 ? 35  ASN B ND2 1 
ATOM   1057 N N   . LYS B 1 36 ? -13.640 -6.207  -7.059  1.00 16.19 ? 36  LYS B N   1 
ATOM   1058 C CA  . LYS B 1 36 ? -12.789 -5.530  -8.016  1.00 18.43 ? 36  LYS B CA  1 
ATOM   1059 C C   . LYS B 1 36 ? -11.450 -5.192  -7.332  1.00 14.64 ? 36  LYS B C   1 
ATOM   1060 O O   . LYS B 1 36 ? -11.397 -5.018  -6.127  1.00 16.06 ? 36  LYS B O   1 
ATOM   1061 C CB  . LYS B 1 36 ? -13.481 -4.230  -8.378  1.00 22.99 ? 36  LYS B CB  1 
ATOM   1062 C CG  . LYS B 1 36 ? -12.655 -3.180  -9.049  1.00 30.37 ? 36  LYS B CG  1 
ATOM   1063 C CD  . LYS B 1 36 ? -13.416 -1.892  -9.306  1.00 29.57 ? 36  LYS B CD  1 
ATOM   1064 C CE  . LYS B 1 36 ? -12.468 -1.008  -10.117 1.00 35.27 ? 36  LYS B CE  1 
ATOM   1065 N NZ  . LYS B 1 36 ? -13.028 0.360   -10.253 1.00 38.05 ? 36  LYS B NZ  1 
ATOM   1066 N N   . VAL B 1 37 ? -10.400 -5.167  -8.109  1.00 13.25 ? 37  VAL B N   1 
ATOM   1067 C CA  . VAL B 1 37 ? -9.142  -4.531  -7.686  1.00 14.63 ? 37  VAL B CA  1 
ATOM   1068 C C   . VAL B 1 37 ? -9.265  -3.040  -8.020  1.00 14.77 ? 37  VAL B C   1 
ATOM   1069 O O   . VAL B 1 37 ? -9.604  -2.642  -9.157  1.00 15.41 ? 37  VAL B O   1 
ATOM   1070 C CB  . VAL B 1 37 ? -7.932  -5.090  -8.411  1.00 14.24 ? 37  VAL B CB  1 
ATOM   1071 C CG1 . VAL B 1 37 ? -6.635  -4.341  -8.012  1.00 12.53 ? 37  VAL B CG1 1 
ATOM   1072 C CG2 . VAL B 1 37 ? -7.778  -6.592  -8.106  1.00 14.70 ? 37  VAL B CG2 1 
ATOM   1073 N N   . ILE B 1 38 ? -9.024  -2.251  -7.028  1.00 16.61 ? 38  ILE B N   1 
ATOM   1074 C CA  . ILE B 1 38 ? -9.033  -0.784  -7.205  1.00 17.83 ? 38  ILE B CA  1 
ATOM   1075 C C   . ILE B 1 38 ? -7.653  -0.217  -7.362  1.00 19.73 ? 38  ILE B C   1 
ATOM   1076 O O   . ILE B 1 38 ? -6.685  -0.799  -6.944  1.00 18.06 ? 38  ILE B O   1 
ATOM   1077 C CB  . ILE B 1 38 ? -9.772  -0.126  -6.013  1.00 18.08 ? 38  ILE B CB  1 
ATOM   1078 C CG1 . ILE B 1 38 ? -9.055  -0.285  -4.714  1.00 18.23 ? 38  ILE B CG1 1 
ATOM   1079 C CG2 . ILE B 1 38 ? -11.197 -0.707  -5.907  1.00 22.53 ? 38  ILE B CG2 1 
ATOM   1080 C CD1 . ILE B 1 38 ? -9.516  0.624   -3.608  1.00 18.61 ? 38  ILE B CD1 1 
ATOM   1081 N N   . ARG B 1 39 ? -7.581  1.038   -7.831  1.00 18.74 ? 39  ARG B N   1 
ATOM   1082 C CA  . ARG B 1 39 ? -6.309  1.769   -7.811  1.00 19.16 ? 39  ARG B CA  1 
ATOM   1083 C C   . ARG B 1 39 ? -5.900  2.166   -6.395  1.00 17.05 ? 39  ARG B C   1 
ATOM   1084 O O   . ARG B 1 39 ? -6.732  2.407   -5.520  1.00 16.97 ? 39  ARG B O   1 
ATOM   1085 C CB  . ARG B 1 39 ? -6.437  3.007   -8.677  1.00 19.67 ? 39  ARG B CB  1 
ATOM   1086 C CG  . ARG B 1 39 ? -6.766  2.727   -10.106 1.00 21.83 ? 39  ARG B CG  1 
ATOM   1087 C CD  . ARG B 1 39 ? -6.875  4.006   -10.933 1.00 28.24 ? 39  ARG B CD  1 
ATOM   1088 N NE  . ARG B 1 39 ? -6.794  3.618   -12.347 1.00 34.02 ? 39  ARG B NE  1 
ATOM   1089 C CZ  . ARG B 1 39 ? -7.845  3.447   -13.163 1.00 39.25 ? 39  ARG B CZ  1 
ATOM   1090 N NH1 . ARG B 1 39 ? -9.092  3.707   -12.765 1.00 41.72 ? 39  ARG B NH1 1 
ATOM   1091 N NH2 . ARG B 1 39 ? -7.650  3.002   -14.401 1.00 40.30 ? 39  ARG B NH2 1 
ATOM   1092 N N   . PRO B 1 40 ? -4.612  2.214   -6.085  1.00 17.56 ? 40  PRO B N   1 
ATOM   1093 C CA  . PRO B 1 40 ? -3.500  1.895   -6.924  1.00 17.45 ? 40  PRO B CA  1 
ATOM   1094 C C   . PRO B 1 40 ? -3.089  0.430   -6.792  1.00 15.99 ? 40  PRO B C   1 
ATOM   1095 O O   . PRO B 1 40 ? -3.191  -0.191  -5.707  1.00 17.33 ? 40  PRO B O   1 
ATOM   1096 C CB  . PRO B 1 40 ? -2.369  2.751   -6.307  1.00 19.69 ? 40  PRO B CB  1 
ATOM   1097 C CG  . PRO B 1 40 ? -2.698  2.786   -4.880  1.00 20.78 ? 40  PRO B CG  1 
ATOM   1098 C CD  . PRO B 1 40 ? -4.199  2.767   -4.799  1.00 19.96 ? 40  PRO B CD  1 
ATOM   1099 N N   . SER B 1 41 ? -2.592  -0.090  -7.890  1.00 15.52 ? 41  SER B N   1 
ATOM   1100 C CA  . SER B 1 41 ? -1.962  -1.419  -7.952  1.00 16.14 ? 41  SER B CA  1 
ATOM   1101 C C   . SER B 1 41 ? -0.465  -1.225  -8.183  1.00 15.23 ? 41  SER B C   1 
ATOM   1102 O O   . SER B 1 41 ? -0.034  -0.281  -8.913  1.00 15.31 ? 41  SER B O   1 
ATOM   1103 C CB  . SER B 1 41 ? -2.547  -2.242  -9.097  1.00 16.60 ? 41  SER B CB  1 
ATOM   1104 O OG  . SER B 1 41 ? -3.900  -2.564  -8.935  1.00 18.25 ? 41  SER B OG  1 
ATOM   1105 N N   . MET B 1 42 ? 0.347   -2.057  -7.527  1.00 16.75 ? 42  MET B N   1 
ATOM   1106 C CA  . MET B 1 42 ? 1.813   -1.954  -7.598  1.00 19.75 ? 42  MET B CA  1 
ATOM   1107 C C   . MET B 1 42 ? 2.480   -3.270  -7.900  1.00 19.33 ? 42  MET B C   1 
ATOM   1108 O O   . MET B 1 42 ? 1.949   -4.324  -7.538  1.00 14.95 ? 42  MET B O   1 
ATOM   1109 C CB  . MET B 1 42 ? 2.343   -1.520  -6.218  1.00 20.67 ? 42  MET B CB  1 
ATOM   1110 C CG  . MET B 1 42 ? 2.185   -0.065  -5.987  1.00 26.94 ? 42  MET B CG  1 
ATOM   1111 S SD  . MET B 1 42 ? 2.984   0.215   -4.406  1.00 33.37 ? 42  MET B SD  1 
ATOM   1112 C CE  . MET B 1 42 ? 1.701   -0.389  -3.307  1.00 30.29 ? 42  MET B CE  1 
ATOM   1113 N N   . LYS B 1 43 ? 3.587   -3.192  -8.631  1.00 16.63 ? 43  LYS B N   1 
ATOM   1114 C CA  . LYS B 1 43 ? 4.291   -4.384  -9.065  1.00 18.34 ? 43  LYS B CA  1 
ATOM   1115 C C   . LYS B 1 43 ? 5.746   -4.137  -8.814  1.00 18.02 ? 43  LYS B C   1 
ATOM   1116 O O   . LYS B 1 43 ? 6.254   -3.085  -9.235  1.00 16.57 ? 43  LYS B O   1 
ATOM   1117 C CB  . LYS B 1 43 ? 4.091   -4.644  -10.535 1.00 20.49 ? 43  LYS B CB  1 
ATOM   1118 C CG  . LYS B 1 43 ? 4.707   -5.933  -11.011 1.00 23.36 ? 43  LYS B CG  1 
ATOM   1119 C CD  . LYS B 1 43 ? 4.488   -6.138  -12.500 1.00 25.48 ? 43  LYS B CD  1 
ATOM   1120 C CE  . LYS B 1 43 ? 5.582   -5.675  -13.382 1.00 27.21 ? 43  LYS B CE  1 
ATOM   1121 N NZ  . LYS B 1 43 ? 5.185   -5.934  -14.808 1.00 31.90 ? 43  LYS B NZ  1 
ATOM   1122 N N   . LYS B 1 44 ? 6.356   -5.096  -8.126  1.00 17.86 ? 44  LYS B N   1 
ATOM   1123 C CA  . LYS B 1 44 ? 7.804   -5.114  -7.906  1.00 19.26 ? 44  LYS B CA  1 
ATOM   1124 C C   . LYS B 1 44 ? 8.390   -6.122  -8.903  1.00 20.38 ? 44  LYS B C   1 
ATOM   1125 O O   . LYS B 1 44 ? 7.993   -7.296  -8.944  1.00 18.99 ? 44  LYS B O   1 
ATOM   1126 C CB  . LYS B 1 44 ? 8.124   -5.594  -6.516  1.00 22.09 ? 44  LYS B CB  1 
ATOM   1127 C CG  . LYS B 1 44 ? 9.613   -5.436  -6.160  1.00 22.29 ? 44  LYS B CG  1 
ATOM   1128 C CD  . LYS B 1 44 ? 9.874   -5.957  -4.777  1.00 28.03 ? 44  LYS B CD  1 
ATOM   1129 C CE  . LYS B 1 44 ? 11.333  -5.899  -4.448  1.00 35.84 ? 44  LYS B CE  1 
ATOM   1130 N NZ  . LYS B 1 44 ? 11.535  -6.302  -3.039  1.00 43.01 ? 44  LYS B NZ  1 
ATOM   1131 N N   . THR B 1 45 ? 9.353   -5.675  -9.686  1.00 22.75 ? 45  THR B N   1 
ATOM   1132 C CA  . THR B 1 45 ? 10.072  -6.598  -10.589 1.00 24.20 ? 45  THR B CA  1 
ATOM   1133 C C   . THR B 1 45 ? 11.300  -7.084  -9.867  1.00 26.34 ? 45  THR B C   1 
ATOM   1134 O O   . THR B 1 45 ? 12.045  -6.283  -9.273  1.00 31.08 ? 45  THR B O   1 
ATOM   1135 C CB  . THR B 1 45 ? 10.349  -5.871  -11.883 1.00 25.67 ? 45  THR B CB  1 
ATOM   1136 O OG1 . THR B 1 45 ? 9.100   -5.598  -12.504 1.00 24.99 ? 45  THR B OG1 1 
ATOM   1137 C CG2 . THR B 1 45 ? 11.133  -6.730  -12.867 1.00 27.61 ? 45  THR B CG2 1 
ATOM   1138 N N   . ILE B 1 46 ? 11.498  -8.400  -9.823  1.00 25.34 ? 46  ILE B N   1 
ATOM   1139 C CA  . ILE B 1 46 ? 12.628  -8.952  -9.102  1.00 31.57 ? 46  ILE B CA  1 
ATOM   1140 C C   . ILE B 1 46 ? 13.567  -9.469  -10.183 1.00 33.12 ? 46  ILE B C   1 
ATOM   1141 O O   . ILE B 1 46 ? 13.183  -10.315 -10.958 1.00 28.66 ? 46  ILE B O   1 
ATOM   1142 C CB  . ILE B 1 46 ? 12.211  -10.051 -8.143  1.00 32.60 ? 46  ILE B CB  1 
ATOM   1143 C CG1 . ILE B 1 46 ? 11.267  -9.459  -7.089  1.00 33.89 ? 46  ILE B CG1 1 
ATOM   1144 C CG2 . ILE B 1 46 ? 13.420  -10.720 -7.489  1.00 34.57 ? 46  ILE B CG2 1 
ATOM   1145 C CD1 . ILE B 1 46 ? 10.250  -10.473 -6.624  1.00 38.44 ? 46  ILE B CD1 1 
ATOM   1146 N N   . TYR B 1 47 ? 14.761  -8.902  -10.220 1.00 38.70 ? 47  TYR B N   1 
ATOM   1147 C CA  . TYR B 1 47 ? 15.746  -9.181  -11.251 1.00 43.32 ? 47  TYR B CA  1 
ATOM   1148 C C   . TYR B 1 47 ? 16.872  -9.932  -10.545 1.00 49.82 ? 47  TYR B C   1 
ATOM   1149 O O   . TYR B 1 47 ? 17.506  -9.320  -9.686  1.00 47.71 ? 47  TYR B O   1 
ATOM   1150 C CB  . TYR B 1 47 ? 16.350  -7.896  -11.787 1.00 43.08 ? 47  TYR B CB  1 
ATOM   1151 C CG  . TYR B 1 47 ? 15.458  -7.044  -12.610 1.00 46.08 ? 47  TYR B CG  1 
ATOM   1152 C CD1 . TYR B 1 47 ? 15.166  -7.393  -13.922 1.00 51.53 ? 47  TYR B CD1 1 
ATOM   1153 C CD2 . TYR B 1 47 ? 14.943  -5.879  -12.111 1.00 45.02 ? 47  TYR B CD2 1 
ATOM   1154 C CE1 . TYR B 1 47 ? 14.368  -6.596  -14.718 1.00 51.30 ? 47  TYR B CE1 1 
ATOM   1155 C CE2 . TYR B 1 47 ? 14.134  -5.079  -12.893 1.00 54.26 ? 47  TYR B CE2 1 
ATOM   1156 C CZ  . TYR B 1 47 ? 13.850  -5.442  -14.203 1.00 55.75 ? 47  TYR B CZ  1 
ATOM   1157 O OH  . TYR B 1 47 ? 13.038  -4.652  -14.991 1.00 59.91 ? 47  TYR B OH  1 
ATOM   1158 N N   . GLU B 1 54 ? 17.917  -9.604  -16.429 1.00 39.21 ? 54  GLU B N   1 
ATOM   1159 C CA  . GLU B 1 54 ? 17.131  -10.862 -16.313 1.00 45.06 ? 54  GLU B CA  1 
ATOM   1160 C C   . GLU B 1 54 ? 16.070  -10.753 -15.199 1.00 36.66 ? 54  GLU B C   1 
ATOM   1161 O O   . GLU B 1 54 ? 16.420  -10.622 -14.047 1.00 35.30 ? 54  GLU B O   1 
ATOM   1162 C CB  . GLU B 1 54 ? 18.011  -12.092 -15.980 1.00 43.75 ? 54  GLU B CB  1 
ATOM   1163 C CG  . GLU B 1 54 ? 17.267  -13.255 -15.284 1.00 54.76 ? 54  GLU B CG  1 
ATOM   1164 C CD  . GLU B 1 54 ? 17.838  -14.655 -15.550 1.00 61.04 ? 54  GLU B CD  1 
ATOM   1165 O OE1 . GLU B 1 54 ? 18.900  -14.790 -16.204 1.00 65.06 ? 54  GLU B OE1 1 
ATOM   1166 O OE2 . GLU B 1 54 ? 17.223  -15.644 -15.073 1.00 66.23 ? 54  GLU B OE2 1 
ATOM   1167 N N   . ILE B 1 55 ? 14.810  -10.987 -15.548 1.00 39.55 ? 55  ILE B N   1 
ATOM   1168 C CA  . ILE B 1 55 ? 13.699  -11.111 -14.547 1.00 35.87 ? 55  ILE B CA  1 
ATOM   1169 C C   . ILE B 1 55 ? 13.511  -12.517 -13.913 1.00 35.46 ? 55  ILE B C   1 
ATOM   1170 O O   . ILE B 1 55 ? 13.261  -13.482 -14.644 1.00 38.17 ? 55  ILE B O   1 
ATOM   1171 C CB  . ILE B 1 55 ? 12.382  -10.587 -15.184 1.00 38.82 ? 55  ILE B CB  1 
ATOM   1172 C CG1 . ILE B 1 55 ? 12.572  -9.105  -15.551 1.00 38.17 ? 55  ILE B CG1 1 
ATOM   1173 C CG2 . ILE B 1 55 ? 11.208  -10.705 -14.212 1.00 34.32 ? 55  ILE B CG2 1 
ATOM   1174 C CD1 . ILE B 1 55 ? 11.580  -8.585  -16.577 1.00 38.18 ? 55  ILE B CD1 1 
ATOM   1175 N N   . LYS B 1 56 ? 13.575  -12.596 -12.568 1.00 29.26 ? 56  LYS B N   1 
ATOM   1176 C CA  . LYS B 1 56 ? 13.300  -13.831 -11.792 1.00 30.68 ? 56  LYS B CA  1 
ATOM   1177 C C   . LYS B 1 56 ? 11.779  -13.948 -11.469 1.00 29.76 ? 56  LYS B C   1 
ATOM   1178 O O   . LYS B 1 56 ? 11.148  -15.012 -11.531 1.00 30.54 ? 56  LYS B O   1 
ATOM   1179 C CB  . LYS B 1 56 ? 14.095  -13.872 -10.476 1.00 34.58 ? 56  LYS B CB  1 
ATOM   1180 C CG  . LYS B 1 56 ? 15.631  -13.727 -10.593 1.00 41.12 ? 56  LYS B CG  1 
ATOM   1181 C CD  . LYS B 1 56 ? 16.270  -15.048 -11.054 1.00 44.04 ? 56  LYS B CD  1 
ATOM   1182 C CE  . LYS B 1 56 ? 17.676  -14.895 -11.602 1.00 40.42 ? 56  LYS B CE  1 
ATOM   1183 N NZ  . LYS B 1 56 ? 18.510  -14.021 -10.730 1.00 47.79 ? 56  LYS B NZ  1 
ATOM   1184 N N   . GLY B 1 57 ? 11.156  -12.822 -11.177 1.00 25.91 ? 57  GLY B N   1 
ATOM   1185 C CA  . GLY B 1 57 ? 9.715   -12.872 -10.903 1.00 25.45 ? 57  GLY B CA  1 
ATOM   1186 C C   . GLY B 1 57 ? 9.182   -11.526 -10.539 1.00 23.88 ? 57  GLY B C   1 
ATOM   1187 O O   . GLY B 1 57 ? 9.840   -10.531 -10.716 1.00 22.38 ? 57  GLY B O   1 
ATOM   1188 N N   . TYR B 1 58 ? 7.931   -11.536 -10.058 1.00 22.85 ? 58  TYR B N   1 
ATOM   1189 C CA  . TYR B 1 58 ? 7.263   -10.302 -9.654  1.00 21.54 ? 58  TYR B CA  1 
ATOM   1190 C C   . TYR B 1 58 ? 6.525   -10.476 -8.327  1.00 18.90 ? 58  TYR B C   1 
ATOM   1191 O O   . TYR B 1 58 ? 6.118   -11.579 -7.944  1.00 17.01 ? 58  TYR B O   1 
ATOM   1192 C CB  . TYR B 1 58 ? 6.209   -9.917  -10.652 1.00 22.21 ? 58  TYR B CB  1 
ATOM   1193 C CG  . TYR B 1 58 ? 6.657   -9.914  -12.067 1.00 25.23 ? 58  TYR B CG  1 
ATOM   1194 C CD1 . TYR B 1 58 ? 7.401   -8.848  -12.594 1.00 27.78 ? 58  TYR B CD1 1 
ATOM   1195 C CD2 . TYR B 1 58 ? 6.326   -10.965 -12.885 1.00 28.50 ? 58  TYR B CD2 1 
ATOM   1196 C CE1 . TYR B 1 58 ? 7.799   -8.851  -13.929 1.00 30.17 ? 58  TYR B CE1 1 
ATOM   1197 C CE2 . TYR B 1 58 ? 6.715   -10.983 -14.208 1.00 30.86 ? 58  TYR B CE2 1 
ATOM   1198 C CZ  . TYR B 1 58 ? 7.455   -9.940  -14.723 1.00 31.29 ? 58  TYR B CZ  1 
ATOM   1199 O OH  . TYR B 1 58 ? 7.797   -10.039 -16.066 1.00 40.98 ? 58  TYR B OH  1 
ATOM   1200 N N   . GLU B 1 59 ? 6.440   -9.374  -7.586  1.00 17.46 ? 59  GLU B N   1 
ATOM   1201 C CA  . GLU B 1 59 ? 5.553   -9.309  -6.430  1.00 19.03 ? 59  GLU B CA  1 
ATOM   1202 C C   . GLU B 1 59 ? 4.508   -8.208  -6.702  1.00 17.44 ? 59  GLU B C   1 
ATOM   1203 O O   . GLU B 1 59 ? 4.869   -7.068  -7.000  1.00 18.32 ? 59  GLU B O   1 
ATOM   1204 C CB  . GLU B 1 59 ? 6.286   -8.982  -5.152  1.00 21.67 ? 59  GLU B CB  1 
ATOM   1205 C CG  . GLU B 1 59 ? 5.357   -8.979  -3.956  1.00 24.43 ? 59  GLU B CG  1 
ATOM   1206 C CD  . GLU B 1 59 ? 6.048   -8.652  -2.633  1.00 31.48 ? 59  GLU B CD  1 
ATOM   1207 O OE1 . GLU B 1 59 ? 7.298   -8.594  -2.579  1.00 32.70 ? 59  GLU B OE1 1 
ATOM   1208 O OE2 . GLU B 1 59 ? 5.287   -8.458  -1.659  1.00 37.15 ? 59  GLU B OE2 1 
ATOM   1209 N N   . TYR B 1 60 ? 3.236   -8.545  -6.543  1.00 15.41 ? 60  TYR B N   1 
ATOM   1210 C CA  . TYR B 1 60 ? 2.183   -7.515  -6.723  1.00 14.96 ? 60  TYR B CA  1 
ATOM   1211 C C   . TYR B 1 60 ? 1.622   -7.173  -5.378  1.00 13.58 ? 60  TYR B C   1 
ATOM   1212 O O   . TYR B 1 60 ? 1.426   -8.030  -4.568  1.00 13.10 ? 60  TYR B O   1 
ATOM   1213 C CB  . TYR B 1 60 ? 1.067   -8.058  -7.533  1.00 14.93 ? 60  TYR B CB  1 
ATOM   1214 C CG  . TYR B 1 60 ? 1.555   -8.499  -8.889  1.00 16.88 ? 60  TYR B CG  1 
ATOM   1215 C CD1 . TYR B 1 60 ? 1.667   -7.613  -9.961  1.00 18.25 ? 60  TYR B CD1 1 
ATOM   1216 C CD2 . TYR B 1 60 ? 1.856   -9.835  -9.107  1.00 18.58 ? 60  TYR B CD2 1 
ATOM   1217 C CE1 . TYR B 1 60 ? 2.031   -8.035  -11.255 1.00 20.50 ? 60  TYR B CE1 1 
ATOM   1218 C CE2 . TYR B 1 60 ? 2.257   -10.265 -10.378 1.00 20.90 ? 60  TYR B CE2 1 
ATOM   1219 C CZ  . TYR B 1 60 ? 2.371   -9.372  -11.425 1.00 19.13 ? 60  TYR B CZ  1 
ATOM   1220 O OH  . TYR B 1 60 ? 2.783   -9.794  -12.641 1.00 26.27 ? 60  TYR B OH  1 
ATOM   1221 N N   . GLN B 1 61 ? 1.326   -5.882  -5.138  1.00 13.20 ? 61  GLN B N   1 
ATOM   1222 C CA  . GLN B 1 61 ? 0.533   -5.489  -3.978  1.00 12.86 ? 61  GLN B CA  1 
ATOM   1223 C C   . GLN B 1 61 ? -0.749  -4.807  -4.524  1.00 13.18 ? 61  GLN B C   1 
ATOM   1224 O O   . GLN B 1 61 ? -0.665  -3.833  -5.295  1.00 12.80 ? 61  GLN B O   1 
ATOM   1225 C CB  . GLN B 1 61 ? 1.271   -4.520  -3.130  1.00 13.28 ? 61  GLN B CB  1 
ATOM   1226 C CG  . GLN B 1 61 ? 0.355   -3.973  -2.031  1.00 16.15 ? 61  GLN B CG  1 
ATOM   1227 C CD  . GLN B 1 61 ? 1.055   -3.507  -0.785  1.00 19.17 ? 61  GLN B CD  1 
ATOM   1228 O OE1 . GLN B 1 61 ? 1.745   -4.280  -0.149  1.00 22.59 ? 61  GLN B OE1 1 
ATOM   1229 N NE2 . GLN B 1 61 ? 0.679   -2.314  -0.312  1.00 20.85 ? 61  GLN B NE2 1 
ATOM   1230 N N   . LEU B 1 62 ? -1.898  -5.330  -4.134  1.00 11.99 ? 62  LEU B N   1 
ATOM   1231 C CA  . LEU B 1 62 ? -3.210  -4.967  -4.661  1.00 12.57 ? 62  LEU B CA  1 
ATOM   1232 C C   . LEU B 1 62 ? -4.134  -4.649  -3.514  1.00 12.98 ? 62  LEU B C   1 
ATOM   1233 O O   . LEU B 1 62 ? -4.021  -5.198  -2.416  1.00 14.48 ? 62  LEU B O   1 
ATOM   1234 C CB  . LEU B 1 62 ? -3.839  -6.104  -5.455  1.00 13.92 ? 62  LEU B CB  1 
ATOM   1235 C CG  . LEU B 1 62 ? -2.963  -6.666  -6.574  1.00 15.46 ? 62  LEU B CG  1 
ATOM   1236 C CD1 . LEU B 1 62 ? -3.740  -7.752  -7.249  1.00 18.20 ? 62  LEU B CD1 1 
ATOM   1237 C CD2 . LEU B 1 62 ? -2.560  -5.588  -7.559  1.00 16.51 ? 62  LEU B CD2 1 
ATOM   1238 N N   . TYR B 1 63 ? -5.020  -3.688  -3.753  1.00 12.57 ? 63  TYR B N   1 
ATOM   1239 C CA  . TYR B 1 63 ? -6.123  -3.374  -2.895  1.00 13.14 ? 63  TYR B CA  1 
ATOM   1240 C C   . TYR B 1 63 ? -7.327  -3.979  -3.583  1.00 13.57 ? 63  TYR B C   1 
ATOM   1241 O O   . TYR B 1 63 ? -7.672  -3.606  -4.697  1.00 13.47 ? 63  TYR B O   1 
ATOM   1242 C CB  . TYR B 1 63 ? -6.277  -1.827  -2.730  1.00 14.26 ? 63  TYR B CB  1 
ATOM   1243 C CG  . TYR B 1 63 ? -5.226  -1.374  -1.765  1.00 15.50 ? 63  TYR B CG  1 
ATOM   1244 C CD1 . TYR B 1 63 ? -5.410  -1.559  -0.409  1.00 17.54 ? 63  TYR B CD1 1 
ATOM   1245 C CD2 . TYR B 1 63 ? -4.035  -0.853  -2.223  1.00 17.24 ? 63  TYR B CD2 1 
ATOM   1246 C CE1 . TYR B 1 63 ? -4.437  -1.179  0.496   1.00 17.87 ? 63  TYR B CE1 1 
ATOM   1247 C CE2 . TYR B 1 63 ? -3.055  -0.447  -1.333  1.00 19.95 ? 63  TYR B CE2 1 
ATOM   1248 C CZ  . TYR B 1 63 ? -3.248  -0.633  0.024   1.00 19.44 ? 63  TYR B CZ  1 
ATOM   1249 O OH  . TYR B 1 63 ? -2.211  -0.292  0.921   1.00 19.47 ? 63  TYR B OH  1 
ATOM   1250 N N   . VAL B 1 64 ? -7.888  -4.973  -2.912  1.00 14.04 ? 64  VAL B N   1 
ATOM   1251 C CA  . VAL B 1 64 ? -8.924  -5.821  -3.437  1.00 15.41 ? 64  VAL B CA  1 
ATOM   1252 C C   . VAL B 1 64 ? -10.207 -5.638  -2.643  1.00 15.23 ? 64  VAL B C   1 
ATOM   1253 O O   . VAL B 1 64 ? -10.244 -5.826  -1.448  1.00 14.56 ? 64  VAL B O   1 
ATOM   1254 C CB  . VAL B 1 64 ? -8.524  -7.314  -3.362  1.00 16.58 ? 64  VAL B CB  1 
ATOM   1255 C CG1 . VAL B 1 64 ? -9.614  -8.166  -3.980  1.00 18.61 ? 64  VAL B CG1 1 
ATOM   1256 C CG2 . VAL B 1 64 ? -7.204  -7.580  -4.037  1.00 20.62 ? 64  VAL B CG2 1 
ATOM   1257 N N   . ARG B 1 65 ? -11.256 -5.274  -3.368  1.00 14.76 ? 65  ARG B N   1 
ATOM   1258 C CA  A ARG B 1 65 ? -12.566 -5.181  -2.764  0.50 16.72 ? 65  ARG B CA  1 
ATOM   1259 C CA  B ARG B 1 65 ? -12.579 -5.162  -2.818  0.50 16.78 ? 65  ARG B CA  1 
ATOM   1260 C C   . ARG B 1 65 ? -13.242 -6.536  -2.948  1.00 16.38 ? 65  ARG B C   1 
ATOM   1261 O O   . ARG B 1 65 ? -13.295 -7.051  -4.073  1.00 15.87 ? 65  ARG B O   1 
ATOM   1262 C CB  A ARG B 1 65 ? -13.432 -4.100  -3.395  0.50 19.51 ? 65  ARG B CB  1 
ATOM   1263 C CB  B ARG B 1 65 ? -13.377 -4.137  -3.615  0.50 19.28 ? 65  ARG B CB  1 
ATOM   1264 C CG  A ARG B 1 65 ? -14.715 -3.881  -2.576  0.50 23.01 ? 65  ARG B CG  1 
ATOM   1265 C CG  B ARG B 1 65 ? -14.752 -3.884  -2.994  0.50 23.94 ? 65  ARG B CG  1 
ATOM   1266 C CD  A ARG B 1 65 ? -15.415 -2.542  -2.849  0.50 25.55 ? 65  ARG B CD  1 
ATOM   1267 C CD  B ARG B 1 65 ? -15.737 -3.237  -3.954  0.50 26.38 ? 65  ARG B CD  1 
ATOM   1268 N NE  A ARG B 1 65 ? -14.579 -1.362  -2.631  0.50 28.53 ? 65  ARG B NE  1 
ATOM   1269 N NE  B ARG B 1 65 ? -17.109 -3.457  -3.513  0.50 30.53 ? 65  ARG B NE  1 
ATOM   1270 C CZ  A ARG B 1 65 ? -14.319 -0.402  -3.520  0.50 30.89 ? 65  ARG B CZ  1 
ATOM   1271 C CZ  B ARG B 1 65 ? -18.128 -3.471  -4.341  0.50 31.72 ? 65  ARG B CZ  1 
ATOM   1272 N NH1 A ARG B 1 65 ? -14.788 -0.407  -4.763  0.50 30.54 ? 65  ARG B NH1 1 
ATOM   1273 N NH1 B ARG B 1 65 ? -17.925 -3.248  -5.617  0.50 37.63 ? 65  ARG B NH1 1 
ATOM   1274 N NH2 A ARG B 1 65 ? -13.525 0.585   -3.148  0.50 30.46 ? 65  ARG B NH2 1 
ATOM   1275 N NH2 B ARG B 1 65 ? -19.328 -3.701  -3.900  0.50 31.16 ? 65  ARG B NH2 1 
ATOM   1276 N N   . ALA B 1 66 ? -13.669 -7.093  -1.819  1.00 15.32 ? 66  ALA B N   1 
ATOM   1277 C CA  . ALA B 1 66 ? -14.292 -8.420  -1.687  1.00 14.85 ? 66  ALA B CA  1 
ATOM   1278 C C   . ALA B 1 66 ? -15.283 -8.307  -0.582  1.00 14.57 ? 66  ALA B C   1 
ATOM   1279 O O   . ALA B 1 66 ? -15.006 -7.761  0.501   1.00 16.58 ? 66  ALA B O   1 
ATOM   1280 C CB  . ALA B 1 66 ? -13.296 -9.540  -1.362  1.00 14.02 ? 66  ALA B CB  1 
ATOM   1281 N N   . SER B 1 67 ? -16.479 -8.804  -0.862  1.00 16.28 ? 67  SER B N   1 
ATOM   1282 C CA  . SER B 1 67 ? -17.605 -8.775  0.117   1.00 16.44 ? 67  SER B CA  1 
ATOM   1283 C C   . SER B 1 67 ? -17.809 -7.390  0.645   1.00 16.07 ? 67  SER B C   1 
ATOM   1284 O O   . SER B 1 67 ? -18.062 -7.162  1.852   1.00 16.69 ? 67  SER B O   1 
ATOM   1285 C CB  . SER B 1 67 ? -17.362 -9.788  1.241   1.00 16.63 ? 67  SER B CB  1 
ATOM   1286 O OG  . SER B 1 67 ? -17.420 -11.096 0.677   1.00 17.90 ? 67  SER B OG  1 
ATOM   1287 N N   . ASP B 1 68 ? -17.710 -6.455  -0.251  1.00 16.38 ? 68  ASP B N   1 
ATOM   1288 C CA  . ASP B 1 68 ? -17.865 -5.023  0.068   1.00 18.22 ? 68  ASP B CA  1 
ATOM   1289 C C   . ASP B 1 68 ? -16.869 -4.426  1.024   1.00 20.80 ? 68  ASP B C   1 
ATOM   1290 O O   . ASP B 1 68 ? -17.111 -3.324  1.547   1.00 21.03 ? 68  ASP B O   1 
ATOM   1291 C CB  . ASP B 1 68 ? -19.286 -4.717  0.561   1.00 19.48 ? 68  ASP B CB  1 
ATOM   1292 C CG  . ASP B 1 68 ? -20.359 -5.067  -0.474  1.00 20.16 ? 68  ASP B CG  1 
ATOM   1293 O OD1 . ASP B 1 68 ? -20.057 -5.270  -1.638  1.00 20.20 ? 68  ASP B OD1 1 
ATOM   1294 O OD2 . ASP B 1 68 ? -21.563 -5.131  -0.095  1.00 23.43 ? 68  ASP B OD2 1 
ATOM   1295 N N   . LYS B 1 69 ? -15.776 -5.111  1.310   1.00 19.90 ? 69  LYS B N   1 
ATOM   1296 C CA  . LYS B 1 69 ? -14.737 -4.521  2.172   1.00 19.45 ? 69  LYS B CA  1 
ATOM   1297 C C   . LYS B 1 69 ? -13.457 -4.496  1.376   1.00 20.22 ? 69  LYS B C   1 
ATOM   1298 O O   . LYS B 1 69 ? -13.338 -5.146  0.353   1.00 20.45 ? 69  LYS B O   1 
ATOM   1299 C CB  . LYS B 1 69 ? -14.548 -5.411  3.391   1.00 25.04 ? 69  LYS B CB  1 
ATOM   1300 C CG  . LYS B 1 69 ? -15.834 -5.624  4.177   1.00 30.34 ? 69  LYS B CG  1 
ATOM   1301 C CD  . LYS B 1 69 ? -15.652 -6.672  5.252   1.00 38.19 ? 69  LYS B CD  1 
ATOM   1302 C CE  . LYS B 1 69 ? -16.112 -8.072  4.833   1.00 44.30 ? 69  LYS B CE  1 
ATOM   1303 N NZ  . LYS B 1 69 ? -17.545 -8.140  4.457   1.00 46.52 ? 69  LYS B NZ  1 
ATOM   1304 N N   . LEU B 1 70 ? -12.462 -3.823  1.893   1.00 16.74 ? 70  LEU B N   1 
ATOM   1305 C CA  . LEU B 1 70 ? -11.185 -3.663  1.168   1.00 17.39 ? 70  LEU B CA  1 
ATOM   1306 C C   . LEU B 1 70 ? -10.099 -4.424  1.917   1.00 15.07 ? 70  LEU B C   1 
ATOM   1307 O O   . LEU B 1 70 ? -9.974  -4.328  3.133   1.00 15.10 ? 70  LEU B O   1 
ATOM   1308 C CB  . LEU B 1 70 ? -10.782 -2.186  1.056   1.00 16.19 ? 70  LEU B CB  1 
ATOM   1309 C CG  . LEU B 1 70 ? -9.671  -1.814  0.112   1.00 20.17 ? 70  LEU B CG  1 
ATOM   1310 C CD1 . LEU B 1 70 ? -10.008 -2.094  -1.324  1.00 18.71 ? 70  LEU B CD1 1 
ATOM   1311 C CD2 . LEU B 1 70 ? -9.300  -0.342  0.289   1.00 21.12 ? 70  LEU B CD2 1 
ATOM   1312 N N   . PHE B 1 71 ? -9.340  -5.209  1.141   1.00 14.12 ? 71  PHE B N   1 
ATOM   1313 C CA  . PHE B 1 71 ? -8.192  -5.916  1.666   1.00 12.64 ? 71  PHE B CA  1 
ATOM   1314 C C   . PHE B 1 71 ? -6.939  -5.589  0.884   1.00 12.37 ? 71  PHE B C   1 
ATOM   1315 O O   . PHE B 1 71 ? -6.971  -5.190  -0.273  1.00 14.41 ? 71  PHE B O   1 
ATOM   1316 C CB  . PHE B 1 71 ? -8.467  -7.461  1.570   1.00 13.00 ? 71  PHE B CB  1 
ATOM   1317 C CG  . PHE B 1 71 ? -9.731  -7.908  2.312   1.00 14.11 ? 71  PHE B CG  1 
ATOM   1318 C CD1 . PHE B 1 71 ? -9.680  -8.241  3.631   1.00 14.25 ? 71  PHE B CD1 1 
ATOM   1319 C CD2 . PHE B 1 71 ? -10.961 -7.839  1.676   1.00 13.55 ? 71  PHE B CD2 1 
ATOM   1320 C CE1 . PHE B 1 71 ? -10.833 -8.606  4.309   1.00 14.65 ? 71  PHE B CE1 1 
ATOM   1321 C CE2 . PHE B 1 71 ? -12.086 -8.180  2.329   1.00 15.79 ? 71  PHE B CE2 1 
ATOM   1322 C CZ  . PHE B 1 71 ? -12.038 -8.578  3.642   1.00 15.63 ? 71  PHE B CZ  1 
ATOM   1323 N N   . ARG B 1 72 ? -5.793  -5.753  1.526   1.00 12.23 ? 72  ARG B N   1 
ATOM   1324 C CA  . ARG B 1 72 ? -4.555  -5.597  0.860   1.00 11.73 ? 72  ARG B CA  1 
ATOM   1325 C C   . ARG B 1 72 ? -3.960  -6.991  0.666   1.00 12.31 ? 72  ARG B C   1 
ATOM   1326 O O   . ARG B 1 72 ? -3.797  -7.761  1.598   1.00 14.45 ? 72  ARG B O   1 
ATOM   1327 C CB  . ARG B 1 72 ? -3.643  -4.730  1.725   1.00 13.42 ? 72  ARG B CB  1 
ATOM   1328 C CG  . ARG B 1 72 ? -2.320  -4.493  1.024   1.00 13.73 ? 72  ARG B CG  1 
ATOM   1329 C CD  . ARG B 1 72 ? -1.167  -5.288  1.622   1.00 16.09 ? 72  ARG B CD  1 
ATOM   1330 N NE  . ARG B 1 72 ? -0.687  -4.715  2.895   1.00 16.38 ? 72  ARG B NE  1 
ATOM   1331 C CZ  . ARG B 1 72 ? 0.482   -4.992  3.446   1.00 17.72 ? 72  ARG B CZ  1 
ATOM   1332 N NH1 . ARG B 1 72 ? 1.311   -5.937  2.942   1.00 18.59 ? 72  ARG B NH1 1 
ATOM   1333 N NH2 . ARG B 1 72 ? 0.776   -4.422  4.597   1.00 16.85 ? 72  ARG B NH2 1 
ATOM   1334 N N   . ALA B 1 73 ? -3.572  -7.292  -0.570  1.00 13.71 ? 73  ALA B N   1 
ATOM   1335 C CA  . ALA B 1 73 ? -3.020  -8.598  -0.920  1.00 13.39 ? 73  ALA B CA  1 
ATOM   1336 C C   . ALA B 1 73 ? -1.604  -8.392  -1.545  1.00 14.12 ? 73  ALA B C   1 
ATOM   1337 O O   . ALA B 1 73 ? -1.413  -7.500  -2.390  1.00 14.71 ? 73  ALA B O   1 
ATOM   1338 C CB  . ALA B 1 73 ? -3.932  -9.184  -1.942  1.00 14.64 ? 73  ALA B CB  1 
ATOM   1339 N N   . ASP B 1 74 ? -0.695  -9.311  -1.228  1.00 16.03 ? 74  ASP B N   1 
ATOM   1340 C CA  . ASP B 1 74 ? 0.594   -9.385  -1.875  1.00 16.76 ? 74  ASP B CA  1 
ATOM   1341 C C   . ASP B 1 74 ? 0.690   -10.761 -2.487  1.00 13.99 ? 74  ASP B C   1 
ATOM   1342 O O   . ASP B 1 74 ? 0.410   -11.730 -1.806  1.00 13.54 ? 74  ASP B O   1 
ATOM   1343 C CB  . ASP B 1 74 ? 1.674   -9.196  -0.851  1.00 18.93 ? 74  ASP B CB  1 
ATOM   1344 C CG  . ASP B 1 74 ? 1.672   -7.783  -0.299  1.00 22.77 ? 74  ASP B CG  1 
ATOM   1345 O OD1 . ASP B 1 74 ? 1.785   -6.845  -1.061  1.00 28.56 ? 74  ASP B OD1 1 
ATOM   1346 O OD2 . ASP B 1 74 ? 1.524   -7.623  0.896   1.00 25.03 ? 74  ASP B OD2 1 
ATOM   1347 N N   . ILE B 1 75 ? 1.056   -10.790 -3.749  1.00 13.91 ? 75  ILE B N   1 
ATOM   1348 C CA  . ILE B 1 75 ? 1.087   -12.007 -4.559  1.00 14.49 ? 75  ILE B CA  1 
ATOM   1349 C C   . ILE B 1 75 ? 2.446   -12.098 -5.236  1.00 17.18 ? 75  ILE B C   1 
ATOM   1350 O O   . ILE B 1 75 ? 2.957   -11.128 -5.792  1.00 16.46 ? 75  ILE B O   1 
ATOM   1351 C CB  . ILE B 1 75 ? 0.013   -11.932 -5.637  1.00 14.55 ? 75  ILE B CB  1 
ATOM   1352 C CG1 . ILE B 1 75 ? -1.347  -11.863 -4.948  1.00 16.60 ? 75  ILE B CG1 1 
ATOM   1353 C CG2 . ILE B 1 75 ? 0.034   -13.121 -6.603  1.00 14.65 ? 75  ILE B CG2 1 
ATOM   1354 C CD1 . ILE B 1 75 ? -2.335  -11.176 -5.808  1.00 20.06 ? 75  ILE B CD1 1 
ATOM   1355 N N   . SER B 1 76 ? 3.044   -13.280 -5.219  1.00 17.15 ? 76  SER B N   1 
ATOM   1356 C CA  . SER B 1 76 ? 4.319   -13.452 -5.883  1.00 19.17 ? 76  SER B CA  1 
ATOM   1357 C C   . SER B 1 76 ? 4.058   -14.333 -7.120  1.00 20.63 ? 76  SER B C   1 
ATOM   1358 O O   . SER B 1 76 ? 3.151   -15.208 -7.123  1.00 18.43 ? 76  SER B O   1 
ATOM   1359 C CB  . SER B 1 76 ? 5.335   -14.098 -4.917  1.00 23.20 ? 76  SER B CB  1 
ATOM   1360 O OG  . SER B 1 76 ? 4.941   -15.404 -4.620  1.00 27.03 ? 76  SER B OG  1 
ATOM   1361 N N   . GLU B 1 77 ? 4.793   -14.022 -8.164  1.00 20.61 ? 77  GLU B N   1 
ATOM   1362 C CA  . GLU B 1 77 ? 4.683   -14.706 -9.423  1.00 25.31 ? 77  GLU B CA  1 
ATOM   1363 C C   . GLU B 1 77 ? 6.111   -15.062 -9.931  1.00 26.29 ? 77  GLU B C   1 
ATOM   1364 O O   . GLU B 1 77 ? 7.018   -14.229 -9.916  1.00 24.10 ? 77  GLU B O   1 
ATOM   1365 C CB  . GLU B 1 77 ? 3.908   -13.853 -10.401 1.00 26.73 ? 77  GLU B CB  1 
ATOM   1366 C CG  . GLU B 1 77 ? 3.686   -14.581 -11.700 1.00 35.51 ? 77  GLU B CG  1 
ATOM   1367 C CD  . GLU B 1 77 ? 2.670   -13.969 -12.678 1.00 43.76 ? 77  GLU B CD  1 
ATOM   1368 O OE1 . GLU B 1 77 ? 1.651   -13.425 -12.261 1.00 46.38 ? 77  GLU B OE1 1 
ATOM   1369 O OE2 . GLU B 1 77 ? 2.849   -14.128 -13.917 1.00 45.01 ? 77  GLU B OE2 1 
ATOM   1370 N N   . ASP B 1 78 ? 6.275   -16.308 -10.364 1.00 27.58 ? 78  ASP B N   1 
ATOM   1371 C CA  . ASP B 1 78 ? 7.514   -16.737 -11.011 1.00 35.29 ? 78  ASP B CA  1 
ATOM   1372 C C   . ASP B 1 78 ? 7.441   -16.360 -12.505 1.00 33.75 ? 78  ASP B C   1 
ATOM   1373 O O   . ASP B 1 78 ? 6.430   -16.642 -13.146 1.00 34.92 ? 78  ASP B O   1 
ATOM   1374 C CB  . ASP B 1 78 ? 7.645   -18.248 -10.848 1.00 40.84 ? 78  ASP B CB  1 
ATOM   1375 C CG  . ASP B 1 78 ? 8.832   -18.823 -11.547 1.00 46.72 ? 78  ASP B CG  1 
ATOM   1376 O OD1 . ASP B 1 78 ? 9.952   -18.565 -11.066 1.00 56.58 ? 78  ASP B OD1 1 
ATOM   1377 O OD2 . ASP B 1 78 ? 8.639   -19.584 -12.531 1.00 48.55 ? 78  ASP B OD2 1 
ATOM   1378 N N   . TYR B 1 79 ? 8.508   -15.756 -13.027 1.00 34.08 ? 79  TYR B N   1 
ATOM   1379 C CA  . TYR B 1 79 ? 8.550   -15.296 -14.413 1.00 38.41 ? 79  TYR B CA  1 
ATOM   1380 C C   . TYR B 1 79 ? 8.427   -16.489 -15.384 1.00 41.46 ? 79  TYR B C   1 
ATOM   1381 O O   . TYR B 1 79 ? 7.619   -16.462 -16.297 1.00 35.55 ? 79  TYR B O   1 
ATOM   1382 C CB  . TYR B 1 79 ? 9.834   -14.486 -14.683 1.00 43.74 ? 79  TYR B CB  1 
ATOM   1383 C CG  . TYR B 1 79 ? 9.849   -13.937 -16.088 1.00 46.62 ? 79  TYR B CG  1 
ATOM   1384 C CD1 . TYR B 1 79 ? 8.942   -12.963 -16.477 1.00 50.90 ? 79  TYR B CD1 1 
ATOM   1385 C CD2 . TYR B 1 79 ? 10.701  -14.442 -17.049 1.00 53.35 ? 79  TYR B CD2 1 
ATOM   1386 C CE1 . TYR B 1 79 ? 8.901   -12.484 -17.763 1.00 51.15 ? 79  TYR B CE1 1 
ATOM   1387 C CE2 . TYR B 1 79 ? 10.678  -13.961 -18.359 1.00 50.15 ? 79  TYR B CE2 1 
ATOM   1388 C CZ  . TYR B 1 79 ? 9.761   -12.987 -18.702 1.00 53.48 ? 79  TYR B CZ  1 
ATOM   1389 O OH  . TYR B 1 79 ? 9.675   -12.467 -19.969 1.00 59.53 ? 79  TYR B OH  1 
ATOM   1390 N N   . LYS B 1 80 ? 9.221   -17.526 -15.143 1.00 45.14 ? 80  LYS B N   1 
ATOM   1391 C CA  . LYS B 1 80 ? 9.307   -18.677 -16.061 1.00 50.34 ? 80  LYS B CA  1 
ATOM   1392 C C   . LYS B 1 80 ? 8.036   -19.504 -16.092 1.00 50.79 ? 80  LYS B C   1 
ATOM   1393 O O   . LYS B 1 80 ? 7.471   -19.736 -17.159 1.00 50.46 ? 80  LYS B O   1 
ATOM   1394 C CB  . LYS B 1 80 ? 10.475  -19.588 -15.691 1.00 54.30 ? 80  LYS B CB  1 
ATOM   1395 C CG  . LYS B 1 80 ? 11.824  -19.013 -16.054 1.00 56.09 ? 80  LYS B CG  1 
ATOM   1396 C CD  . LYS B 1 80 ? 12.935  -19.925 -15.485 1.00 58.22 ? 80  LYS B CD  1 
ATOM   1397 C CE  . LYS B 1 80 ? 13.366  -21.004 -16.433 1.00 61.22 ? 80  LYS B CE  1 
ATOM   1398 N NZ  . LYS B 1 80 ? 12.524  -22.231 -16.344 1.00 62.60 ? 80  LYS B NZ  1 
ATOM   1399 N N   . THR B 1 81 ? 7.558   -19.893 -14.913 1.00 55.23 ? 81  THR B N   1 
ATOM   1400 C CA  . THR B 1 81 ? 6.406   -20.796 -14.791 1.00 53.93 ? 81  THR B CA  1 
ATOM   1401 C C   . THR B 1 81 ? 5.053   -20.104 -14.815 1.00 51.04 ? 81  THR B C   1 
ATOM   1402 O O   . THR B 1 81 ? 4.090   -20.768 -15.097 1.00 52.32 ? 81  THR B O   1 
ATOM   1403 C CB  . THR B 1 81 ? 6.465   -21.593 -13.466 1.00 56.71 ? 81  THR B CB  1 
ATOM   1404 O OG1 . THR B 1 81 ? 7.736   -22.246 -13.358 1.00 65.13 ? 81  THR B OG1 1 
ATOM   1405 C CG2 . THR B 1 81 ? 5.337   -22.638 -13.351 1.00 58.17 ? 81  THR B CG2 1 
ATOM   1406 N N   . ARG B 1 82 ? 4.981   -18.813 -14.454 1.00 50.84 ? 82  ARG B N   1 
ATOM   1407 C CA  . ARG B 1 82 ? 3.715   -18.104 -14.202 1.00 50.22 ? 82  ARG B CA  1 
ATOM   1408 C C   . ARG B 1 82 ? 2.941   -18.640 -12.966 1.00 48.07 ? 82  ARG B C   1 
ATOM   1409 O O   . ARG B 1 82 ? 1.748   -18.374 -12.823 1.00 43.89 ? 82  ARG B O   1 
ATOM   1410 C CB  . ARG B 1 82 ? 2.794   -18.152 -15.431 1.00 56.59 ? 82  ARG B CB  1 
ATOM   1411 C CG  . ARG B 1 82 ? 3.360   -17.449 -16.643 1.00 61.35 ? 82  ARG B CG  1 
ATOM   1412 C CD  . ARG B 1 82 ? 2.987   -15.979 -16.568 1.00 64.96 ? 82  ARG B CD  1 
ATOM   1413 N NE  . ARG B 1 82 ? 3.908   -15.098 -17.305 1.00 72.79 ? 82  ARG B NE  1 
ATOM   1414 C CZ  . ARG B 1 82 ? 4.830   -14.294 -16.764 1.00 71.32 ? 82  ARG B CZ  1 
ATOM   1415 N NH1 . ARG B 1 82 ? 5.016   -14.212 -15.452 1.00 66.89 ? 82  ARG B NH1 1 
ATOM   1416 N NH2 . ARG B 1 82 ? 5.592   -13.544 -17.560 1.00 78.20 ? 82  ARG B NH2 1 
ATOM   1417 N N   . GLY B 1 83 ? 3.608   -19.413 -12.095 1.00 39.44 ? 83  GLY B N   1 
ATOM   1418 C CA  . GLY B 1 83 ? 2.975   -19.957 -10.891 1.00 35.98 ? 83  GLY B CA  1 
ATOM   1419 C C   . GLY B 1 83 ? 2.955   -18.819 -9.873  1.00 30.50 ? 83  GLY B C   1 
ATOM   1420 O O   . GLY B 1 83 ? 3.882   -17.957 -9.865  1.00 28.05 ? 83  GLY B O   1 
ATOM   1421 N N   . ARG B 1 84 ? 1.870   -18.761 -9.102  1.00 24.48 ? 84  ARG B N   1 
ATOM   1422 C CA  . ARG B 1 84 ? 1.610   -17.654 -8.156  1.00 21.30 ? 84  ARG B CA  1 
ATOM   1423 C C   . ARG B 1 84 ? 1.421   -18.167 -6.757  1.00 20.38 ? 84  ARG B C   1 
ATOM   1424 O O   . ARG B 1 84 ? 0.961   -19.310 -6.550  1.00 18.74 ? 84  ARG B O   1 
ATOM   1425 C CB  . ARG B 1 84 ? 0.291   -16.959 -8.553  1.00 21.07 ? 84  ARG B CB  1 
ATOM   1426 C CG  . ARG B 1 84 ? 0.457   -16.222 -9.827  1.00 23.96 ? 84  ARG B CG  1 
ATOM   1427 C CD  . ARG B 1 84 ? -0.804  -15.494 -10.145 1.00 23.18 ? 84  ARG B CD  1 
ATOM   1428 N NE  . ARG B 1 84 ? -0.578  -14.763 -11.335 1.00 21.44 ? 84  ARG B NE  1 
ATOM   1429 C CZ  . ARG B 1 84 ? -1.519  -14.237 -12.094 1.00 18.84 ? 84  ARG B CZ  1 
ATOM   1430 N NH1 . ARG B 1 84 ? -2.818  -14.450 -11.837 1.00 17.66 ? 84  ARG B NH1 1 
ATOM   1431 N NH2 . ARG B 1 84 ? -1.132  -13.445 -13.099 1.00 20.17 ? 84  ARG B NH2 1 
ATOM   1432 N N   . LYS B 1 85 ? 1.747   -17.336 -5.792  1.00 20.28 ? 85  LYS B N   1 
ATOM   1433 C CA  . LYS B 1 85 ? 1.468   -17.649 -4.394  1.00 20.18 ? 85  LYS B CA  1 
ATOM   1434 C C   . LYS B 1 85 ? 0.895   -16.395 -3.722  1.00 18.51 ? 85  LYS B C   1 
ATOM   1435 O O   . LYS B 1 85 ? 1.389   -15.293 -3.919  1.00 18.14 ? 85  LYS B O   1 
ATOM   1436 C CB  . LYS B 1 85 ? 2.753   -18.091 -3.682  1.00 25.95 ? 85  LYS B CB  1 
ATOM   1437 C CG  . LYS B 1 85 ? 2.492   -18.588 -2.258  1.00 35.86 ? 85  LYS B CG  1 
ATOM   1438 C CD  . LYS B 1 85 ? 3.642   -19.324 -1.577  1.00 37.73 ? 85  LYS B CD  1 
ATOM   1439 C CE  . LYS B 1 85 ? 3.619   -19.102 -0.073  1.00 50.21 ? 85  LYS B CE  1 
ATOM   1440 N NZ  . LYS B 1 85 ? 4.498   -20.069 0.647   1.00 56.41 ? 85  LYS B NZ  1 
ATOM   1441 N N   . LEU B 1 86 ? -0.133  -16.575 -2.906  1.00 19.56 ? 86  LEU B N   1 
ATOM   1442 C CA  . LEU B 1 86 ? -0.579  -15.527 -2.055  1.00 17.71 ? 86  LEU B CA  1 
ATOM   1443 C C   . LEU B 1 86 ? 0.387   -15.379 -0.840  1.00 20.16 ? 86  LEU B C   1 
ATOM   1444 O O   . LEU B 1 86 ? 0.462   -16.254 0.025   1.00 19.94 ? 86  LEU B O   1 
ATOM   1445 C CB  . LEU B 1 86 ? -2.017  -15.758 -1.574  1.00 17.01 ? 86  LEU B CB  1 
ATOM   1446 C CG  . LEU B 1 86 ? -2.609  -14.726 -0.632  1.00 16.43 ? 86  LEU B CG  1 
ATOM   1447 C CD1 . LEU B 1 86 ? -2.781  -13.357 -1.343  1.00 17.78 ? 86  LEU B CD1 1 
ATOM   1448 C CD2 . LEU B 1 86 ? -3.988  -15.162 -0.102  1.00 17.85 ? 86  LEU B CD2 1 
ATOM   1449 N N   . LEU B 1 87 ? 1.079   -14.254 -0.745  1.00 19.08 ? 87  LEU B N   1 
ATOM   1450 C CA  . LEU B 1 87 ? 2.023   -14.026 0.351   1.00 22.10 ? 87  LEU B CA  1 
ATOM   1451 C C   . LEU B 1 87 ? 1.382   -13.450 1.591   1.00 23.83 ? 87  LEU B C   1 
ATOM   1452 O O   . LEU B 1 87 ? 1.732   -13.848 2.688   1.00 24.26 ? 87  LEU B O   1 
ATOM   1453 C CB  . LEU B 1 87 ? 3.137   -13.117 -0.090  1.00 23.07 ? 87  LEU B CB  1 
ATOM   1454 C CG  . LEU B 1 87 ? 4.006   -13.432 -1.332  1.00 27.22 ? 87  LEU B CG  1 
ATOM   1455 C CD1 . LEU B 1 87 ? 4.968   -12.294 -1.555  1.00 29.07 ? 87  LEU B CD1 1 
ATOM   1456 C CD2 . LEU B 1 87 ? 4.780   -14.737 -1.177  1.00 30.75 ? 87  LEU B CD2 1 
ATOM   1457 N N   . ARG B 1 88 ? 0.442   -12.503 1.419   1.00 22.04 ? 88  ARG B N   1 
ATOM   1458 C CA  . ARG B 1 88 ? -0.219  -11.776 2.517   1.00 22.49 ? 88  ARG B CA  1 
ATOM   1459 C C   . ARG B 1 88 ? -1.619  -11.374 2.060   1.00 20.43 ? 88  ARG B C   1 
ATOM   1460 O O   . ARG B 1 88 ? -1.806  -11.091 0.892   1.00 15.22 ? 88  ARG B O   1 
ATOM   1461 C CB  . ARG B 1 88 ? 0.479   -10.466 2.813   1.00 25.87 ? 88  ARG B CB  1 
ATOM   1462 C CG  . ARG B 1 88 ? 1.948   -10.502 3.022   1.00 27.37 ? 88  ARG B CG  1 
ATOM   1463 C CD  . ARG B 1 88 ? 2.172   -11.127 4.377   1.00 31.57 ? 88  ARG B CD  1 
ATOM   1464 N NE  . ARG B 1 88 ? 3.607   -11.238 4.683   1.00 36.76 ? 88  ARG B NE  1 
ATOM   1465 C CZ  . ARG B 1 88 ? 4.112   -11.509 5.894   1.00 40.42 ? 88  ARG B CZ  1 
ATOM   1466 N NH1 . ARG B 1 88 ? 3.332   -11.601 6.978   1.00 46.60 ? 88  ARG B NH1 1 
ATOM   1467 N NH2 . ARG B 1 88 ? 5.428   -11.639 6.026   1.00 44.84 ? 88  ARG B NH2 1 
ATOM   1468 N N   . PHE B 1 89 ? -2.556  -11.329 3.005   1.00 21.25 ? 89  PHE B N   1 
ATOM   1469 C CA  . PHE B 1 89 ? -3.879  -10.848 2.775   1.00 19.46 ? 89  PHE B CA  1 
ATOM   1470 C C   . PHE B 1 89 ? -4.397  -10.239 4.070   1.00 23.11 ? 89  PHE B C   1 
ATOM   1471 O O   . PHE B 1 89 ? -4.668  -10.992 5.010   1.00 27.91 ? 89  PHE B O   1 
ATOM   1472 C CB  . PHE B 1 89 ? -4.758  -11.965 2.355   1.00 18.90 ? 89  PHE B CB  1 
ATOM   1473 C CG  . PHE B 1 89 ? -6.052  -11.546 1.740   1.00 18.66 ? 89  PHE B CG  1 
ATOM   1474 C CD1 . PHE B 1 89 ? -7.175  -11.278 2.526   1.00 18.43 ? 89  PHE B CD1 1 
ATOM   1475 C CD2 . PHE B 1 89 ? -6.209  -11.537 0.369   1.00 17.47 ? 89  PHE B CD2 1 
ATOM   1476 C CE1 . PHE B 1 89 ? -8.365  -10.980 1.951   1.00 15.66 ? 89  PHE B CE1 1 
ATOM   1477 C CE2 . PHE B 1 89 ? -7.389  -11.196 -0.216  1.00 18.92 ? 89  PHE B CE2 1 
ATOM   1478 C CZ  . PHE B 1 89 ? -8.499  -10.919 0.591   1.00 19.68 ? 89  PHE B CZ  1 
ATOM   1479 N N   . ASN B 1 90 ? -4.450  -8.908  4.092   1.00 20.44 ? 90  ASN B N   1 
ATOM   1480 C CA  . ASN B 1 90 ? -4.632  -8.130  5.360   1.00 21.73 ? 90  ASN B CA  1 
ATOM   1481 C C   . ASN B 1 90 ? -5.946  -7.372  5.197   1.00 19.50 ? 90  ASN B C   1 
ATOM   1482 O O   . ASN B 1 90 ? -6.169  -6.747  4.169   1.00 17.01 ? 90  ASN B O   1 
ATOM   1483 C CB  . ASN B 1 90 ? -3.448  -7.164  5.497   1.00 24.98 ? 90  ASN B CB  1 
ATOM   1484 C CG  . ASN B 1 90 ? -3.415  -6.444  6.861   1.00 25.29 ? 90  ASN B CG  1 
ATOM   1485 O OD1 . ASN B 1 90 ? -3.593  -7.094  7.887   1.00 24.71 ? 90  ASN B OD1 1 
ATOM   1486 N ND2 . ASN B 1 90 ? -3.120  -5.119  6.874   1.00 28.07 ? 90  ASN B ND2 1 
ATOM   1487 N N   . GLY B 1 91 ? -6.753  -7.348  6.253   1.00 19.32 ? 91  GLY B N   1 
ATOM   1488 C CA  . GLY B 1 91 ? -7.795  -6.359  6.377   1.00 18.69 ? 91  GLY B CA  1 
ATOM   1489 C C   . GLY B 1 91 ? -8.986  -6.869  7.158   1.00 20.16 ? 91  GLY B C   1 
ATOM   1490 O O   . GLY B 1 91 ? -8.888  -7.919  7.766   1.00 19.84 ? 91  GLY B O   1 
ATOM   1491 N N   . PRO B 1 92 ? -10.120 -6.150  7.093   1.00 20.75 ? 92  PRO B N   1 
ATOM   1492 C CA  . PRO B 1 92 ? -10.301 -5.005  6.204   1.00 19.58 ? 92  PRO B CA  1 
ATOM   1493 C C   . PRO B 1 92 ? -9.405  -3.799  6.530   1.00 19.68 ? 92  PRO B C   1 
ATOM   1494 O O   . PRO B 1 92 ? -9.109  -3.584  7.692   1.00 19.86 ? 92  PRO B O   1 
ATOM   1495 C CB  . PRO B 1 92 ? -11.782 -4.662  6.370   1.00 20.44 ? 92  PRO B CB  1 
ATOM   1496 C CG  . PRO B 1 92 ? -12.393 -5.971  6.812   1.00 23.68 ? 92  PRO B CG  1 
ATOM   1497 C CD  . PRO B 1 92 ? -11.378 -6.592  7.718   1.00 21.62 ? 92  PRO B CD  1 
ATOM   1498 N N   . VAL B 1 93 ? -9.064  -3.055  5.496   1.00 16.80 ? 93  VAL B N   1 
ATOM   1499 C CA  . VAL B 1 93 ? -8.188  -1.926  5.593   1.00 17.00 ? 93  VAL B CA  1 
ATOM   1500 C C   . VAL B 1 93 ? -8.886  -0.736  5.056   1.00 15.30 ? 93  VAL B C   1 
ATOM   1501 O O   . VAL B 1 93 ? -9.800  -0.772  4.206   1.00 15.88 ? 93  VAL B O   1 
ATOM   1502 C CB  . VAL B 1 93 ? -6.849  -2.132  4.788   1.00 18.24 ? 93  VAL B CB  1 
ATOM   1503 C CG1 . VAL B 1 93 ? -6.023  -3.329  5.307   1.00 19.22 ? 93  VAL B CG1 1 
ATOM   1504 C CG2 . VAL B 1 93 ? -7.120  -2.270  3.293   1.00 17.45 ? 93  VAL B CG2 1 
ATOM   1505 N N   . PRO B 1 94 ? -8.425  0.426   5.513   1.00 18.29 ? 94  PRO B N   1 
ATOM   1506 C CA  . PRO B 1 94 ? -8.939  1.603   4.915   1.00 19.20 ? 94  PRO B CA  1 
ATOM   1507 C C   . PRO B 1 94 ? -8.359  1.858   3.548   1.00 21.69 ? 94  PRO B C   1 
ATOM   1508 O O   . PRO B 1 94 ? -7.304  1.332   3.209   1.00 22.15 ? 94  PRO B O   1 
ATOM   1509 C CB  . PRO B 1 94 ? -8.545  2.695   5.894   1.00 19.91 ? 94  PRO B CB  1 
ATOM   1510 C CG  . PRO B 1 94 ? -7.420  2.131   6.743   1.00 21.48 ? 94  PRO B CG  1 
ATOM   1511 C CD  . PRO B 1 94 ? -7.610  0.633   6.701   1.00 19.51 ? 94  PRO B CD  1 
ATOM   1512 N N   . PRO B 1 95 ? -9.007  2.693   2.768   1.00 24.07 ? 95  PRO B N   1 
ATOM   1513 C CA  . PRO B 1 95 ? -8.475  3.111   1.476   1.00 25.24 ? 95  PRO B CA  1 
ATOM   1514 C C   . PRO B 1 95 ? -7.023  3.633   1.620   1.00 22.05 ? 95  PRO B C   1 
ATOM   1515 O O   . PRO B 1 95 ? -6.685  4.221   2.671   1.00 20.18 ? 95  PRO B O   1 
ATOM   1516 C CB  . PRO B 1 95 ? -9.368  4.291   1.103   1.00 29.24 ? 95  PRO B CB  1 
ATOM   1517 C CG  . PRO B 1 95 ? -10.625 4.092   1.919   1.00 29.70 ? 95  PRO B CG  1 
ATOM   1518 C CD  . PRO B 1 95 ? -10.224 3.446   3.154   1.00 26.03 ? 95  PRO B CD  1 
ATOM   1519 N N   . PRO B 1 96 ? -6.180  3.416   0.607   1.00 23.38 ? 96  PRO B N   1 
ATOM   1520 C CA  . PRO B 1 96 ? -4.848  3.976   0.670   1.00 22.72 ? 96  PRO B CA  1 
ATOM   1521 C C   . PRO B 1 96 ? -4.917  5.477   0.536   1.00 23.97 ? 96  PRO B C   1 
ATOM   1522 O O   . PRO B 1 96 ? -5.931  5.960   -0.023  1.00 24.63 ? 96  PRO B O   1 
ATOM   1523 C CB  . PRO B 1 96 ? -4.151  3.374   -0.568  1.00 25.43 ? 96  PRO B CB  1 
ATOM   1524 C CG  . PRO B 1 96 ? -5.196  3.059   -1.466  1.00 26.58 ? 96  PRO B CG  1 
ATOM   1525 C CD  . PRO B 1 96 ? -6.418  2.708   -0.659  1.00 26.15 ? 96  PRO B CD  1 
ATOM   1526 O OXT . PRO B 1 96 ? -3.995  6.181   0.959   1.00 23.30 ? 96  PRO B OXT 1 
HETATM 1527 S S   . SO4 C 2 .  ? -2.164  -1.869  4.484   1.00 16.24 ? 101 SO4 A S   1 
HETATM 1528 O O1  . SO4 C 2 .  ? -2.939  -1.366  3.433   1.00 16.01 ? 101 SO4 A O1  1 
HETATM 1529 O O2  . SO4 C 2 .  ? -2.570  -1.134  5.708   1.00 16.67 ? 101 SO4 A O2  1 
HETATM 1530 O O3  . SO4 C 2 .  ? -0.693  -1.780  4.331   1.00 18.17 ? 101 SO4 A O3  1 
HETATM 1531 O O4  . SO4 C 2 .  ? -2.448  -3.308  4.649   1.00 17.06 ? 101 SO4 A O4  1 
HETATM 1532 S S   . SO4 D 2 .  ? 8.863   4.885   27.557  1.00 25.26 ? 102 SO4 A S   1 
HETATM 1533 O O1  . SO4 D 2 .  ? 9.089   5.701   28.777  1.00 26.06 ? 102 SO4 A O1  1 
HETATM 1534 O O2  . SO4 D 2 .  ? 8.022   5.676   26.648  1.00 22.99 ? 102 SO4 A O2  1 
HETATM 1535 O O3  . SO4 D 2 .  ? 10.051  4.422   26.804  1.00 27.44 ? 102 SO4 A O3  1 
HETATM 1536 O O4  . SO4 D 2 .  ? 8.108   3.700   28.067  1.00 24.59 ? 102 SO4 A O4  1 
HETATM 1537 S S   . SO4 E 2 .  ? 14.378  -2.492  4.318   1.00 45.36 ? 103 SO4 A S   1 
HETATM 1538 O O1  . SO4 E 2 .  ? 14.910  -1.616  5.406   1.00 32.41 ? 103 SO4 A O1  1 
HETATM 1539 O O2  . SO4 E 2 .  ? 13.820  -1.635  3.192   1.00 44.27 ? 103 SO4 A O2  1 
HETATM 1540 O O3  . SO4 E 2 .  ? 15.466  -3.380  3.807   1.00 49.00 ? 103 SO4 A O3  1 
HETATM 1541 O O4  . SO4 E 2 .  ? 13.384  -3.339  4.954   1.00 40.81 ? 103 SO4 A O4  1 
HETATM 1542 S S   . SO4 F 2 .  ? -9.827  9.211   -6.829  1.00 49.99 ? 104 SO4 A S   1 
HETATM 1543 O O1  . SO4 F 2 .  ? -9.965  9.863   -5.494  1.00 51.53 ? 104 SO4 A O1  1 
HETATM 1544 O O2  . SO4 F 2 .  ? -10.473 10.024  -7.881  1.00 51.18 ? 104 SO4 A O2  1 
HETATM 1545 O O3  . SO4 F 2 .  ? -8.392  9.067   -7.172  1.00 52.28 ? 104 SO4 A O3  1 
HETATM 1546 O O4  . SO4 F 2 .  ? -10.450 7.865   -6.833  1.00 57.52 ? 104 SO4 A O4  1 
HETATM 1547 O O   . HOH G 3 .  ? 13.094  -0.671  1.348   1.00 22.51 ? 201 HOH A O   1 
HETATM 1548 O O   . HOH G 3 .  ? 4.615   16.327  15.244  1.00 33.65 ? 202 HOH A O   1 
HETATM 1549 O O   . HOH G 3 .  ? 18.125  1.496   -2.151  1.00 32.47 ? 203 HOH A O   1 
HETATM 1550 O O   . HOH G 3 .  ? 5.553   21.883  4.816   1.00 28.99 ? 204 HOH A O   1 
HETATM 1551 O O   . HOH G 3 .  ? -1.266  15.536  11.810  1.00 21.79 ? 205 HOH A O   1 
HETATM 1552 O O   . HOH G 3 .  ? 1.240   29.171  -1.593  1.00 27.19 ? 206 HOH A O   1 
HETATM 1553 O O   . HOH G 3 .  ? 8.395   7.837   29.973  1.00 47.37 ? 207 HOH A O   1 
HETATM 1554 O O   . HOH G 3 .  ? 16.429  6.112   11.626  1.00 34.49 ? 208 HOH A O   1 
HETATM 1555 O O   . HOH G 3 .  ? -4.504  -0.571  13.155  1.00 32.47 ? 209 HOH A O   1 
HETATM 1556 O O   . HOH G 3 .  ? 6.921   3.605   1.937   1.00 11.23 ? 210 HOH A O   1 
HETATM 1557 O O   . HOH G 3 .  ? 11.513  13.668  14.804  1.00 44.43 ? 211 HOH A O   1 
HETATM 1558 O O   . HOH G 3 .  ? 1.463   11.876  -7.716  1.00 16.42 ? 212 HOH A O   1 
HETATM 1559 O O   . HOH G 3 .  ? 3.161   8.826   22.802  1.00 32.14 ? 213 HOH A O   1 
HETATM 1560 O O   . HOH G 3 .  ? -3.723  7.700   14.613  1.00 28.40 ? 214 HOH A O   1 
HETATM 1561 O O   . HOH G 3 .  ? 5.310   6.033   -10.800 1.00 18.20 ? 215 HOH A O   1 
HETATM 1562 O O   . HOH G 3 .  ? 14.114  0.001   16.833  1.00 21.83 ? 216 HOH A O   1 
HETATM 1563 O O   . HOH G 3 .  ? -7.421  8.773   0.672   1.00 38.07 ? 217 HOH A O   1 
HETATM 1564 O O   . HOH G 3 .  ? 8.397   19.764  2.949   1.00 46.86 ? 218 HOH A O   1 
HETATM 1565 O O   . HOH G 3 .  ? -0.891  17.028  15.642  1.00 40.19 ? 219 HOH A O   1 
HETATM 1566 O O   . HOH G 3 .  ? 9.705   3.152   21.286  1.00 32.30 ? 220 HOH A O   1 
HETATM 1567 O O   . HOH G 3 .  ? -4.414  2.499   13.904  1.00 32.26 ? 221 HOH A O   1 
HETATM 1568 O O   . HOH G 3 .  ? 3.273   2.472   -0.269  1.00 26.99 ? 222 HOH A O   1 
HETATM 1569 O O   . HOH G 3 .  ? -7.929  14.110  -8.254  1.00 32.16 ? 223 HOH A O   1 
HETATM 1570 O O   . HOH G 3 .  ? 9.536   3.524   -3.213  1.00 21.66 ? 224 HOH A O   1 
HETATM 1571 O O   . HOH G 3 .  ? -4.162  23.699  -2.253  1.00 26.54 ? 225 HOH A O   1 
HETATM 1572 O O   . HOH G 3 .  ? -4.945  -3.250  9.606   1.00 52.65 ? 226 HOH A O   1 
HETATM 1573 O O   . HOH G 3 .  ? 1.210   6.540   19.585  1.00 16.08 ? 227 HOH A O   1 
HETATM 1574 O O   . HOH G 3 .  ? 11.494  8.384   16.865  1.00 29.23 ? 228 HOH A O   1 
HETATM 1575 O O   . HOH G 3 .  ? 10.495  -3.124  1.122   1.00 28.84 ? 229 HOH A O   1 
HETATM 1576 O O   . HOH G 3 .  ? 7.314   1.658   26.374  1.00 24.46 ? 230 HOH A O   1 
HETATM 1577 O O   . HOH G 3 .  ? 11.886  2.345   26.588  1.00 25.10 ? 231 HOH A O   1 
HETATM 1578 O O   . HOH G 3 .  ? 7.872   7.023   -10.297 1.00 25.78 ? 232 HOH A O   1 
HETATM 1579 O O   . HOH G 3 .  ? 4.802   -5.127  11.311  1.00 27.48 ? 233 HOH A O   1 
HETATM 1580 O O   . HOH G 3 .  ? -7.032  6.235   -5.594  1.00 34.13 ? 234 HOH A O   1 
HETATM 1581 O O   . HOH G 3 .  ? 5.403   4.842   26.082  1.00 27.39 ? 235 HOH A O   1 
HETATM 1582 O O   . HOH G 3 .  ? 1.613   18.414  16.097  1.00 33.37 ? 236 HOH A O   1 
HETATM 1583 O O   . HOH G 3 .  ? 7.482   14.426  -2.754  1.00 22.95 ? 237 HOH A O   1 
HETATM 1584 O O   . HOH G 3 .  ? -7.907  11.666  -2.644  1.00 40.49 ? 238 HOH A O   1 
HETATM 1585 O O   . HOH G 3 .  ? 16.350  2.935   13.514  1.00 26.18 ? 239 HOH A O   1 
HETATM 1586 O O   . HOH G 3 .  ? 6.999   17.443  -4.240  1.00 31.69 ? 240 HOH A O   1 
HETATM 1587 O O   . HOH G 3 .  ? -1.058  6.099   -11.971 1.00 35.74 ? 241 HOH A O   1 
HETATM 1588 O O   . HOH G 3 .  ? 4.590   2.643   24.312  1.00 25.72 ? 242 HOH A O   1 
HETATM 1589 O O   . HOH G 3 .  ? 5.000   18.056  -2.902  1.00 26.15 ? 243 HOH A O   1 
HETATM 1590 O O   . HOH G 3 .  ? 8.134   11.799  18.778  1.00 32.78 ? 244 HOH A O   1 
HETATM 1591 O O   . HOH G 3 .  ? 9.648   15.942  4.143   1.00 21.08 ? 245 HOH A O   1 
HETATM 1592 O O   . HOH G 3 .  ? -5.623  13.301  1.308   1.00 37.31 ? 246 HOH A O   1 
HETATM 1593 O O   . HOH G 3 .  ? -3.644  -3.109  15.041  1.00 38.78 ? 247 HOH A O   1 
HETATM 1594 O O   . HOH G 3 .  ? -3.607  6.135   -9.987  1.00 30.46 ? 248 HOH A O   1 
HETATM 1595 O O   . HOH G 3 .  ? 16.718  -0.552  0.453   1.00 37.69 ? 249 HOH A O   1 
HETATM 1596 O O   . HOH G 3 .  ? 11.051  9.982   -6.544  1.00 25.36 ? 250 HOH A O   1 
HETATM 1597 O O   . HOH G 3 .  ? -5.242  6.090   12.080  1.00 30.42 ? 251 HOH A O   1 
HETATM 1598 O O   . HOH G 3 .  ? 7.570   8.529   27.578  1.00 35.25 ? 252 HOH A O   1 
HETATM 1599 O O   . HOH G 3 .  ? -2.871  18.727  4.625   1.00 28.14 ? 253 HOH A O   1 
HETATM 1600 O O   . HOH G 3 .  ? 12.064  6.638   28.649  1.00 39.35 ? 254 HOH A O   1 
HETATM 1601 O O   . HOH G 3 .  ? -5.691  19.619  0.817   1.00 41.61 ? 255 HOH A O   1 
HETATM 1602 O O   . HOH G 3 .  ? 3.538   6.337   25.587  1.00 28.81 ? 256 HOH A O   1 
HETATM 1603 O O   . HOH G 3 .  ? 6.732   -2.654  19.086  1.00 41.08 ? 257 HOH A O   1 
HETATM 1604 O O   . HOH G 3 .  ? 16.040  9.822   -5.713  1.00 46.39 ? 258 HOH A O   1 
HETATM 1605 O O   . HOH G 3 .  ? -5.131  8.868   12.472  1.00 57.23 ? 259 HOH A O   1 
HETATM 1606 O O   . HOH G 3 .  ? 6.336   17.881  7.423   1.00 38.24 ? 260 HOH A O   1 
HETATM 1607 O O   . HOH G 3 .  ? 16.465  6.711   8.010   1.00 41.87 ? 261 HOH A O   1 
HETATM 1608 O O   . HOH G 3 .  ? 16.284  9.404   -3.245  1.00 33.82 ? 262 HOH A O   1 
HETATM 1609 O O   . HOH G 3 .  ? -2.852  20.615  8.454   1.00 36.67 ? 263 HOH A O   1 
HETATM 1610 O O   . HOH G 3 .  ? 16.980  5.646   5.764   1.00 33.75 ? 264 HOH A O   1 
HETATM 1611 O O   . HOH G 3 .  ? -6.226  25.765  1.868   1.00 36.44 ? 265 HOH A O   1 
HETATM 1612 O O   . HOH G 3 .  ? 0.080   -8.339  10.553  1.00 49.69 ? 266 HOH A O   1 
HETATM 1613 O O   . HOH G 3 .  ? 5.255   13.344  21.628  1.00 33.58 ? 267 HOH A O   1 
HETATM 1614 O O   . HOH G 3 .  ? 10.708  1.911   -5.269  1.00 37.73 ? 268 HOH A O   1 
HETATM 1615 O O   . HOH G 3 .  ? -6.080  17.636  -1.110  1.00 48.13 ? 269 HOH A O   1 
HETATM 1616 O O   . HOH G 3 .  ? -3.318  16.687  14.031  1.00 48.92 ? 270 HOH A O   1 
HETATM 1617 O O   . HOH G 3 .  ? -3.606  20.450  6.051   1.00 35.42 ? 271 HOH A O   1 
HETATM 1618 O O   . HOH G 3 .  ? -7.469  4.773   9.448   1.00 32.63 ? 272 HOH A O   1 
HETATM 1619 O O   . HOH H 3 .  ? -13.245 2.139   -4.951  1.00 43.46 ? 101 HOH B O   1 
HETATM 1620 O O   . HOH H 3 .  ? -8.104  -18.756 -8.554  1.00 20.43 ? 102 HOH B O   1 
HETATM 1621 O O   . HOH H 3 .  ? -1.807  -5.611  -15.167 1.00 49.26 ? 103 HOH B O   1 
HETATM 1622 O O   . HOH H 3 .  ? -6.872  -20.282 -6.312  1.00 36.90 ? 104 HOH B O   1 
HETATM 1623 O O   . HOH H 3 .  ? 14.139  -6.194  -2.817  1.00 48.85 ? 105 HOH B O   1 
HETATM 1624 O O   . HOH H 3 .  ? -10.246 -15.004 11.404  1.00 25.97 ? 106 HOH B O   1 
HETATM 1625 O O   . HOH H 3 .  ? -3.379  -12.375 -13.975 1.00 17.65 ? 107 HOH B O   1 
HETATM 1626 O O   . HOH H 3 .  ? -13.753 -19.591 2.837   1.00 29.22 ? 108 HOH B O   1 
HETATM 1627 O O   . HOH H 3 .  ? -1.043  -19.308 -2.381  1.00 20.47 ? 109 HOH B O   1 
HETATM 1628 O O   . HOH H 3 .  ? 8.149   -3.252  -11.655 1.00 24.71 ? 110 HOH B O   1 
HETATM 1629 O O   . HOH H 3 .  ? -9.917  -4.448  10.101  1.00 43.24 ? 111 HOH B O   1 
HETATM 1630 O O   . HOH H 3 .  ? -1.125  -0.927  -4.161  1.00 43.20 ? 112 HOH B O   1 
HETATM 1631 O O   . HOH H 3 .  ? -4.653  -2.392  -6.186  1.00 13.95 ? 113 HOH B O   1 
HETATM 1632 O O   . HOH H 3 .  ? -18.978 -7.913  -7.202  1.00 40.53 ? 114 HOH B O   1 
HETATM 1633 O O   . HOH H 3 .  ? -3.096  1.631   -10.209 1.00 19.06 ? 115 HOH B O   1 
HETATM 1634 O O   . HOH H 3 .  ? 15.391  -6.984  -8.373  1.00 44.26 ? 116 HOH B O   1 
HETATM 1635 O O   . HOH H 3 .  ? -13.073 -18.580 -4.199  1.00 25.85 ? 117 HOH B O   1 
HETATM 1636 O O   . HOH H 3 .  ? -15.330 -14.368 -5.626  1.00 24.77 ? 118 HOH B O   1 
HETATM 1637 O O   . HOH H 3 .  ? 3.657   -8.714  -15.013 1.00 34.07 ? 119 HOH B O   1 
HETATM 1638 O O   . HOH H 3 .  ? -10.659 -12.357 10.068  1.00 44.28 ? 120 HOH B O   1 
HETATM 1639 O O   . HOH H 3 .  ? -22.135 -5.158  2.608   1.00 37.49 ? 121 HOH B O   1 
HETATM 1640 O O   . HOH H 3 .  ? -3.107  -21.857 -6.164  1.00 24.29 ? 122 HOH B O   1 
HETATM 1641 O O   . HOH H 3 .  ? -11.249 -16.529 4.142   1.00 26.31 ? 123 HOH B O   1 
HETATM 1642 O O   . HOH H 3 .  ? 11.878  -17.246 -13.039 1.00 39.40 ? 124 HOH B O   1 
HETATM 1643 O O   . HOH H 3 .  ? -13.022 -2.210  4.117   1.00 32.57 ? 125 HOH B O   1 
HETATM 1644 O O   . HOH H 3 .  ? 13.801  -0.099  -5.570  1.00 44.71 ? 126 HOH B O   1 
HETATM 1645 O O   . HOH H 3 .  ? 0.158   -1.154  -16.367 1.00 32.47 ? 127 HOH B O   1 
HETATM 1646 O O   . HOH H 3 .  ? -9.252  3.676   -5.958  1.00 35.73 ? 128 HOH B O   1 
HETATM 1647 O O   . HOH H 3 .  ? -12.238 0.481   3.375   1.00 36.68 ? 129 HOH B O   1 
HETATM 1648 O O   . HOH H 3 .  ? 11.076  -3.662  -1.931  1.00 34.03 ? 130 HOH B O   1 
HETATM 1649 O O   . HOH H 3 .  ? -20.110 -8.091  -2.344  1.00 27.12 ? 131 HOH B O   1 
HETATM 1650 O O   . HOH H 3 .  ? 8.561   3.174   -11.082 1.00 33.09 ? 132 HOH B O   1 
HETATM 1651 O O   . HOH H 3 .  ? 11.949  -9.200  -2.872  1.00 49.68 ? 133 HOH B O   1 
HETATM 1652 O O   . HOH H 3 .  ? 5.559   3.621   -11.613 1.00 18.20 ? 134 HOH B O   1 
HETATM 1653 O O   . HOH H 3 .  ? -12.904 -14.760 -7.127  1.00 45.66 ? 135 HOH B O   1 
HETATM 1654 O O   . HOH H 3 .  ? 8.781   -6.533  -1.004  1.00 34.61 ? 136 HOH B O   1 
HETATM 1655 O O   . HOH H 3 .  ? -6.810  6.524   -2.841  1.00 47.05 ? 137 HOH B O   1 
HETATM 1656 O O   . HOH H 3 .  ? -10.263 2.226   -8.794  1.00 37.08 ? 138 HOH B O   1 
HETATM 1657 O O   . HOH H 3 .  ? -0.785  -21.768 -5.813  1.00 36.06 ? 139 HOH B O   1 
HETATM 1658 O O   . HOH H 3 .  ? -4.106  -15.422 5.346   1.00 37.68 ? 140 HOH B O   1 
HETATM 1659 O O   . HOH H 3 .  ? 9.071   1.654   -13.558 1.00 40.50 ? 141 HOH B O   1 
HETATM 1660 O O   . HOH H 3 .  ? -20.611 -12.430 0.709   1.00 41.24 ? 142 HOH B O   1 
HETATM 1661 O O   . HOH H 3 .  ? -15.342 -20.274 5.024   1.00 46.52 ? 143 HOH B O   1 
HETATM 1662 O O   . HOH H 3 .  ? -21.362 -8.990  -0.117  1.00 39.16 ? 144 HOH B O   1 
HETATM 1663 O O   . HOH H 3 .  ? -3.136  4.359   -10.897 1.00 40.97 ? 145 HOH B O   1 
HETATM 1664 O O   . HOH H 3 .  ? -11.694 3.160   -6.659  1.00 49.76 ? 146 HOH B O   1 
HETATM 1665 O O   . HOH H 3 .  ? 21.417  -11.255 -19.524 1.00 42.29 ? 147 HOH B O   1 
# 
